data_9NY7
#
_entry.id   9NY7
#
_cell.length_a   177.461
_cell.length_b   87.353
_cell.length_c   130.942
_cell.angle_alpha   90.000
_cell.angle_beta   100.378
_cell.angle_gamma   90.000
#
_symmetry.space_group_name_H-M   'C 1 2 1'
#
loop_
_entity.id
_entity.type
_entity.pdbx_description
1 polymer 'Ribose operon repressor'
2 non-polymer beta-D-ribopyranose
3 water water
#
_entity_poly.entity_id   1
_entity_poly.type   'polypeptide(L)'
_entity_poly.pdbx_seq_one_letter_code
;SATMKDVARLAGVSTSTVSHVINKDRFVSEAITAKVEAAIKELNYAPSALARSLKLNQTHTIGMLITASTNPFYSELVRG
VERSCFERGYSLVLCNTEGDEQRMNRNLETLMQKRVDGLLLLCTETHQPSREIMQRYPTVPTVMMDWAPFDGDSDLIQDN
SLLGGDLATQYLIDKGHTRIACITGPLDKTPARLRLEGYRAAMKRAGLNIPDGYEVTGDFEFNGGFDAMRQLLSHPLRPQ
AVFTGNDAMAVGVYQALYQAELQVPQDIAVIGYDDIELASFMTPPLTTIHQPKDELGELAIDVLIHRITQPTLQQQRLQL
TPILMERGSA
;
_entity_poly.pdbx_strand_id   A,B,C,D,E,F
#
# COMPACT_ATOMS: atom_id res chain seq x y z
N ARG A 52 19.41 2.12 -57.17
CA ARG A 52 19.37 2.57 -55.79
C ARG A 52 19.86 4.01 -55.70
N SER A 53 19.06 4.83 -54.99
CA SER A 53 19.41 6.22 -54.75
C SER A 53 20.28 6.34 -53.50
N LEU A 54 21.16 7.33 -53.53
CA LEU A 54 21.97 7.71 -52.39
C LEU A 54 21.50 9.07 -51.87
N LYS A 55 20.54 9.03 -50.93
CA LYS A 55 19.91 10.22 -50.38
C LYS A 55 20.22 10.35 -48.88
N LEU A 56 20.87 11.45 -48.52
CA LEU A 56 21.22 11.75 -47.14
C LEU A 56 20.00 11.80 -46.22
N ASN A 57 18.85 12.18 -46.79
CA ASN A 57 17.65 12.38 -46.00
C ASN A 57 16.81 11.12 -45.84
N GLN A 58 17.20 10.03 -46.50
CA GLN A 58 16.52 8.75 -46.30
C GLN A 58 17.09 7.96 -45.13
N THR A 59 16.31 7.02 -44.62
CA THR A 59 16.70 6.21 -43.48
C THR A 59 16.50 4.71 -43.70
N HIS A 60 16.09 4.32 -44.91
CA HIS A 60 15.78 2.93 -45.21
C HIS A 60 14.75 2.38 -44.24
N THR A 61 13.78 3.23 -43.85
CA THR A 61 12.77 2.85 -42.88
C THR A 61 11.39 3.16 -43.45
N ILE A 62 10.46 2.22 -43.25
CA ILE A 62 9.08 2.41 -43.60
C ILE A 62 8.29 2.52 -42.30
N GLY A 63 7.44 3.54 -42.22
CA GLY A 63 6.54 3.71 -41.09
C GLY A 63 5.18 3.11 -41.43
N MET A 64 4.49 2.56 -40.42
CA MET A 64 3.15 2.06 -40.62
C MET A 64 2.28 2.53 -39.46
N LEU A 65 1.18 3.21 -39.82
CA LEU A 65 0.22 3.71 -38.85
C LEU A 65 -0.94 2.73 -38.89
N ILE A 66 -1.18 2.05 -37.75
CA ILE A 66 -2.08 0.92 -37.70
C ILE A 66 -3.13 1.15 -36.63
N THR A 67 -4.29 0.54 -36.86
CA THR A 67 -5.37 0.47 -35.87
C THR A 67 -4.93 -0.24 -34.59
N ALA A 68 -5.60 0.11 -33.50
CA ALA A 68 -5.42 -0.56 -32.22
C ALA A 68 -6.29 -1.81 -32.06
N SER A 69 -7.13 -2.10 -33.06
CA SER A 69 -7.93 -3.32 -33.04
C SER A 69 -7.11 -4.58 -32.78
N THR A 70 -7.68 -5.49 -32.00
CA THR A 70 -7.08 -6.80 -31.77
C THR A 70 -7.72 -7.88 -32.63
N ASN A 71 -8.60 -7.50 -33.58
CA ASN A 71 -9.02 -8.39 -34.65
C ASN A 71 -7.76 -9.01 -35.24
N PRO A 72 -7.57 -10.34 -35.17
CA PRO A 72 -6.32 -10.96 -35.60
C PRO A 72 -5.91 -10.64 -37.04
N PHE A 73 -6.87 -10.31 -37.90
CA PHE A 73 -6.58 -9.96 -39.27
C PHE A 73 -5.41 -8.97 -39.39
N TYR A 74 -5.43 -7.90 -38.59
CA TYR A 74 -4.44 -6.85 -38.71
C TYR A 74 -3.02 -7.30 -38.34
N SER A 75 -2.88 -8.05 -37.24
CA SER A 75 -1.58 -8.60 -36.88
C SER A 75 -1.02 -9.50 -37.96
N GLU A 76 -1.89 -10.30 -38.58
CA GLU A 76 -1.46 -11.25 -39.59
C GLU A 76 -0.93 -10.49 -40.81
N LEU A 77 -1.61 -9.40 -41.16
CA LEU A 77 -1.23 -8.55 -42.28
C LEU A 77 0.08 -7.81 -41.99
N VAL A 78 0.20 -7.25 -40.77
CA VAL A 78 1.42 -6.62 -40.32
C VAL A 78 2.60 -7.59 -40.41
N ARG A 79 2.38 -8.84 -39.99
CA ARG A 79 3.45 -9.82 -40.01
C ARG A 79 3.97 -10.00 -41.44
N GLY A 80 3.05 -10.04 -42.40
CA GLY A 80 3.41 -10.13 -43.81
C GLY A 80 4.21 -8.95 -44.32
N VAL A 81 3.80 -7.74 -43.93
CA VAL A 81 4.51 -6.52 -44.26
C VAL A 81 5.92 -6.55 -43.69
N GLU A 82 6.04 -6.96 -42.43
CA GLU A 82 7.32 -7.05 -41.73
C GLU A 82 8.27 -7.93 -42.53
N ARG A 83 7.80 -9.13 -42.93
CA ARG A 83 8.64 -10.06 -43.67
C ARG A 83 9.10 -9.46 -45.00
N SER A 84 8.17 -8.81 -45.72
CA SER A 84 8.51 -8.16 -46.98
C SER A 84 9.57 -7.09 -46.83
N CYS A 85 9.46 -6.29 -45.76
CA CYS A 85 10.43 -5.23 -45.47
C CYS A 85 11.82 -5.81 -45.26
N PHE A 86 11.90 -6.82 -44.37
CA PHE A 86 13.16 -7.48 -44.07
C PHE A 86 13.81 -7.91 -45.38
N GLU A 87 13.08 -8.72 -46.14
CA GLU A 87 13.55 -9.26 -47.41
C GLU A 87 14.05 -8.18 -48.37
N ARG A 88 13.46 -6.98 -48.31
CA ARG A 88 13.88 -5.85 -49.14
C ARG A 88 14.96 -5.00 -48.48
N GLY A 89 15.37 -5.37 -47.27
CA GLY A 89 16.41 -4.65 -46.54
C GLY A 89 15.94 -3.33 -45.93
N TYR A 90 14.63 -3.23 -45.67
CA TYR A 90 14.04 -2.09 -44.99
C TYR A 90 13.64 -2.45 -43.57
N SER A 91 13.69 -1.47 -42.67
CA SER A 91 13.15 -1.66 -41.32
C SER A 91 11.72 -1.13 -41.30
N LEU A 92 10.89 -1.72 -40.43
CA LEU A 92 9.52 -1.28 -40.24
C LEU A 92 9.27 -0.77 -38.82
N VAL A 93 8.75 0.45 -38.72
CA VAL A 93 8.39 1.05 -37.45
C VAL A 93 6.88 1.25 -37.42
N LEU A 94 6.24 0.91 -36.30
CA LEU A 94 4.79 0.97 -36.19
C LEU A 94 4.32 1.95 -35.12
N CYS A 95 3.13 2.51 -35.35
CA CYS A 95 2.45 3.37 -34.39
C CYS A 95 0.98 2.98 -34.38
N ASN A 96 0.45 2.65 -33.19
CA ASN A 96 -0.98 2.48 -32.99
C ASN A 96 -1.68 3.83 -33.00
N THR A 97 -2.93 3.83 -33.48
CA THR A 97 -3.73 5.03 -33.47
C THR A 97 -5.16 4.65 -33.08
N GLU A 98 -5.77 5.52 -32.27
CA GLU A 98 -7.09 5.27 -31.74
C GLU A 98 -7.82 6.61 -31.75
N GLY A 99 -9.14 6.55 -31.54
CA GLY A 99 -10.03 7.64 -31.90
C GLY A 99 -9.64 9.02 -31.39
N ASP A 100 -9.93 10.05 -32.19
CA ASP A 100 -10.01 11.42 -31.72
C ASP A 100 -9.95 12.35 -32.93
N GLU A 101 -8.74 12.54 -33.45
CA GLU A 101 -8.45 13.50 -34.51
C GLU A 101 -7.17 14.23 -34.12
N GLN A 102 -7.11 14.76 -32.89
CA GLN A 102 -5.82 14.91 -32.22
C GLN A 102 -5.51 13.43 -32.05
N ARG A 103 -4.75 13.08 -31.02
CA ARG A 103 -4.29 11.71 -30.78
C ARG A 103 -3.72 11.03 -32.02
N MET A 104 -4.55 10.92 -33.07
CA MET A 104 -4.13 10.34 -34.34
C MET A 104 -3.04 11.16 -35.02
N ASN A 105 -3.17 12.49 -34.89
CA ASN A 105 -2.19 13.43 -35.43
C ASN A 105 -0.89 13.40 -34.65
N ARG A 106 -0.95 13.20 -33.33
CA ARG A 106 0.24 13.05 -32.50
C ARG A 106 1.07 11.84 -32.97
N ASN A 107 0.40 10.72 -33.22
CA ASN A 107 1.08 9.50 -33.63
C ASN A 107 1.76 9.67 -34.98
N LEU A 108 1.00 10.22 -35.95
CA LEU A 108 1.53 10.49 -37.27
C LEU A 108 2.75 11.42 -37.21
N GLU A 109 2.64 12.48 -36.40
CA GLU A 109 3.71 13.47 -36.29
C GLU A 109 4.97 12.83 -35.70
N THR A 110 4.81 11.88 -34.78
CA THR A 110 5.94 11.17 -34.20
C THR A 110 6.69 10.34 -35.23
N LEU A 111 5.92 9.57 -36.02
CA LEU A 111 6.46 8.80 -37.12
C LEU A 111 7.25 9.67 -38.10
N MET A 112 6.67 10.82 -38.47
CA MET A 112 7.27 11.72 -39.44
C MET A 112 8.55 12.31 -38.87
N GLN A 113 8.55 12.56 -37.55
CA GLN A 113 9.71 13.12 -36.88
C GLN A 113 10.89 12.13 -36.83
N LYS A 114 10.57 10.83 -36.90
CA LYS A 114 11.58 9.80 -37.02
C LYS A 114 12.25 9.76 -38.39
N ARG A 115 11.63 10.42 -39.38
CA ARG A 115 12.10 10.45 -40.75
C ARG A 115 12.06 9.08 -41.41
N VAL A 116 10.85 8.54 -41.56
CA VAL A 116 10.62 7.39 -42.41
C VAL A 116 10.55 7.77 -43.90
N ASP A 117 10.92 6.83 -44.76
CA ASP A 117 11.01 7.08 -46.20
C ASP A 117 9.63 7.02 -46.85
N GLY A 118 8.73 6.23 -46.26
CA GLY A 118 7.40 6.02 -46.77
C GLY A 118 6.49 5.59 -45.64
N LEU A 119 5.18 5.65 -45.94
CA LEU A 119 4.15 5.42 -44.94
C LEU A 119 3.12 4.44 -45.48
N LEU A 120 2.81 3.42 -44.67
CA LEU A 120 1.69 2.52 -44.89
C LEU A 120 0.57 2.86 -43.90
N LEU A 121 -0.65 3.00 -44.41
CA LEU A 121 -1.81 3.21 -43.56
C LEU A 121 -2.67 1.95 -43.55
N LEU A 122 -2.98 1.46 -42.34
CA LEU A 122 -3.89 0.35 -42.17
C LEU A 122 -4.87 0.68 -41.05
N CYS A 123 -5.96 1.37 -41.42
CA CYS A 123 -6.87 1.98 -40.47
C CYS A 123 -8.22 1.27 -40.39
N THR A 124 -8.93 1.53 -39.28
CA THR A 124 -10.33 1.17 -39.13
C THR A 124 -11.22 2.41 -38.98
N GLU A 125 -10.64 3.50 -38.45
CA GLU A 125 -11.32 4.76 -38.29
C GLU A 125 -10.95 5.74 -39.40
N THR A 126 -11.96 6.42 -39.97
CA THR A 126 -11.75 7.48 -40.93
C THR A 126 -11.10 8.67 -40.24
N HIS A 127 -10.18 9.34 -40.95
CA HIS A 127 -9.42 10.45 -40.40
C HIS A 127 -8.68 11.18 -41.52
N GLN A 128 -9.00 12.47 -41.70
CA GLN A 128 -8.25 13.33 -42.59
C GLN A 128 -6.94 13.76 -41.92
N PRO A 129 -5.77 13.62 -42.56
CA PRO A 129 -4.54 14.18 -42.00
C PRO A 129 -4.56 15.71 -42.05
N SER A 130 -4.13 16.36 -40.96
CA SER A 130 -4.00 17.82 -40.97
C SER A 130 -3.14 18.27 -42.14
N ARG A 131 -3.60 19.29 -42.87
CA ARG A 131 -2.81 19.86 -43.95
C ARG A 131 -1.52 20.43 -43.39
N GLU A 132 -1.56 20.89 -42.13
CA GLU A 132 -0.40 21.48 -41.49
C GLU A 132 0.75 20.48 -41.35
N ILE A 133 0.42 19.23 -40.99
CA ILE A 133 1.44 18.21 -40.82
C ILE A 133 1.99 17.78 -42.18
N MET A 134 1.09 17.59 -43.15
CA MET A 134 1.48 17.17 -44.49
C MET A 134 2.37 18.22 -45.13
N GLN A 135 2.06 19.50 -44.90
CA GLN A 135 2.87 20.61 -45.40
C GLN A 135 4.29 20.65 -44.85
N ARG A 136 4.50 20.03 -43.68
CA ARG A 136 5.84 19.98 -43.10
C ARG A 136 6.65 18.82 -43.67
N TYR A 137 5.97 17.77 -44.17
CA TYR A 137 6.66 16.63 -44.75
C TYR A 137 6.13 16.29 -46.14
N PRO A 138 6.31 17.17 -47.15
CA PRO A 138 5.77 16.93 -48.49
C PRO A 138 6.36 15.69 -49.20
N THR A 139 7.60 15.34 -48.88
CA THR A 139 8.36 14.36 -49.63
C THR A 139 7.92 12.91 -49.44
N VAL A 140 7.13 12.63 -48.39
CA VAL A 140 6.92 11.27 -47.94
C VAL A 140 5.68 10.64 -48.57
N PRO A 141 5.82 9.64 -49.46
CA PRO A 141 4.68 8.96 -50.04
C PRO A 141 3.95 8.06 -49.06
N THR A 142 2.63 7.95 -49.24
CA THR A 142 1.79 7.08 -48.43
C THR A 142 1.13 6.06 -49.34
N VAL A 143 1.12 4.81 -48.89
CA VAL A 143 0.37 3.75 -49.53
C VAL A 143 -0.69 3.29 -48.53
N MET A 144 -1.91 3.12 -49.01
CA MET A 144 -3.00 2.72 -48.15
C MET A 144 -3.26 1.24 -48.37
N MET A 145 -3.45 0.51 -47.27
CA MET A 145 -3.69 -0.92 -47.33
C MET A 145 -5.15 -1.17 -46.96
N ASP A 146 -5.78 -2.10 -47.68
CA ASP A 146 -7.13 -2.58 -47.40
C ASP A 146 -8.23 -1.58 -47.78
N TRP A 147 -8.08 -0.34 -47.32
CA TRP A 147 -9.10 0.68 -47.39
C TRP A 147 -8.49 2.08 -47.42
N ALA A 148 -9.09 3.01 -48.16
CA ALA A 148 -8.68 4.41 -48.12
C ALA A 148 -9.47 5.19 -47.07
N PRO A 149 -8.90 5.52 -45.88
CA PRO A 149 -9.63 6.27 -44.86
C PRO A 149 -10.16 7.61 -45.36
N PHE A 150 -9.42 8.24 -46.28
CA PHE A 150 -9.75 9.55 -46.81
C PHE A 150 -9.43 9.61 -48.31
N ASP A 151 -10.26 10.35 -49.07
CA ASP A 151 -10.10 10.42 -50.51
C ASP A 151 -8.85 11.21 -50.90
N GLY A 152 -8.01 10.59 -51.74
CA GLY A 152 -6.83 11.28 -52.25
C GLY A 152 -6.22 10.58 -53.47
N ASP A 153 -5.00 10.97 -53.80
CA ASP A 153 -4.24 10.41 -54.91
C ASP A 153 -3.28 9.31 -54.48
N SER A 154 -3.40 8.87 -53.22
CA SER A 154 -2.52 7.85 -52.65
C SER A 154 -2.80 6.47 -53.23
N ASP A 155 -1.75 5.66 -53.37
CA ASP A 155 -1.89 4.29 -53.84
C ASP A 155 -2.72 3.46 -52.87
N LEU A 156 -3.43 2.46 -53.39
CA LEU A 156 -4.29 1.60 -52.59
C LEU A 156 -4.05 0.14 -52.97
N ILE A 157 -3.74 -0.69 -51.98
CA ILE A 157 -3.51 -2.11 -52.19
C ILE A 157 -4.46 -2.87 -51.28
N GLN A 158 -5.31 -3.71 -51.90
CA GLN A 158 -6.40 -4.35 -51.18
C GLN A 158 -6.80 -5.62 -51.91
N ASP A 159 -7.71 -6.38 -51.29
CA ASP A 159 -8.32 -7.52 -51.96
C ASP A 159 -9.49 -7.01 -52.80
N ASN A 160 -10.14 -7.95 -53.49
CA ASN A 160 -11.34 -7.66 -54.23
C ASN A 160 -12.56 -8.14 -53.43
N SER A 161 -13.08 -7.24 -52.59
CA SER A 161 -14.14 -7.58 -51.65
C SER A 161 -15.53 -7.66 -52.27
N LEU A 162 -15.73 -6.98 -53.40
CA LEU A 162 -16.96 -7.12 -54.14
C LEU A 162 -17.09 -8.55 -54.65
N LEU A 163 -16.05 -9.04 -55.33
CA LEU A 163 -15.98 -10.43 -55.74
C LEU A 163 -16.06 -11.35 -54.54
N GLY A 164 -15.33 -11.01 -53.47
CA GLY A 164 -15.30 -11.82 -52.27
C GLY A 164 -16.69 -12.10 -51.69
N GLY A 165 -17.48 -11.04 -51.50
CA GLY A 165 -18.82 -11.16 -50.98
C GLY A 165 -19.79 -11.93 -51.89
N ASP A 166 -19.54 -11.80 -53.19
CA ASP A 166 -20.32 -12.52 -54.20
C ASP A 166 -20.01 -14.02 -54.12
N LEU A 167 -18.73 -14.37 -54.14
CA LEU A 167 -18.28 -15.75 -53.95
C LEU A 167 -18.89 -16.40 -52.71
N ALA A 168 -18.85 -15.68 -51.59
CA ALA A 168 -19.34 -16.22 -50.33
C ALA A 168 -20.84 -16.52 -50.44
N THR A 169 -21.59 -15.56 -51.00
CA THR A 169 -23.03 -15.68 -51.09
C THR A 169 -23.43 -16.73 -52.11
N GLN A 170 -22.75 -16.74 -53.26
CA GLN A 170 -23.02 -17.74 -54.29
C GLN A 170 -22.78 -19.14 -53.75
N TYR A 171 -21.73 -19.31 -52.94
CA TYR A 171 -21.44 -20.59 -52.31
C TYR A 171 -22.65 -21.10 -51.52
N LEU A 172 -23.24 -20.23 -50.70
CA LEU A 172 -24.41 -20.57 -49.90
C LEU A 172 -25.60 -20.91 -50.79
N ILE A 173 -25.80 -20.12 -51.84
CA ILE A 173 -26.85 -20.36 -52.81
C ILE A 173 -26.67 -21.73 -53.46
N ASP A 174 -25.43 -22.04 -53.86
CA ASP A 174 -25.12 -23.34 -54.43
C ASP A 174 -25.33 -24.50 -53.46
N LYS A 175 -25.20 -24.26 -52.15
CA LYS A 175 -25.49 -25.29 -51.16
C LYS A 175 -27.00 -25.42 -50.89
N GLY A 176 -27.83 -24.60 -51.56
CA GLY A 176 -29.27 -24.73 -51.51
C GLY A 176 -30.00 -23.84 -50.50
N HIS A 177 -29.28 -22.89 -49.89
CA HIS A 177 -29.92 -21.97 -48.96
C HIS A 177 -30.60 -20.86 -49.74
N THR A 178 -31.80 -20.47 -49.29
CA THR A 178 -32.51 -19.35 -49.88
C THR A 178 -32.70 -18.19 -48.91
N ARG A 179 -32.77 -18.48 -47.60
CA ARG A 179 -32.88 -17.44 -46.58
C ARG A 179 -31.49 -17.12 -46.04
N ILE A 180 -30.81 -16.20 -46.74
CA ILE A 180 -29.43 -15.86 -46.46
C ILE A 180 -29.32 -14.42 -45.94
N ALA A 181 -28.77 -14.30 -44.72
CA ALA A 181 -28.54 -13.00 -44.12
C ALA A 181 -27.09 -12.54 -44.35
N CYS A 182 -26.88 -11.23 -44.17
CA CYS A 182 -25.58 -10.64 -44.38
C CYS A 182 -25.27 -9.70 -43.23
N ILE A 183 -24.21 -10.02 -42.48
CA ILE A 183 -23.71 -9.12 -41.44
C ILE A 183 -22.59 -8.30 -42.07
N THR A 184 -22.76 -6.97 -42.05
CA THR A 184 -21.80 -6.07 -42.66
C THR A 184 -20.84 -5.52 -41.59
N GLY A 185 -19.65 -5.14 -42.04
CA GLY A 185 -18.81 -4.22 -41.28
C GLY A 185 -19.46 -2.84 -41.25
N PRO A 186 -18.80 -1.83 -40.64
CA PRO A 186 -19.29 -0.47 -40.63
C PRO A 186 -19.52 0.08 -42.03
N LEU A 187 -20.68 0.71 -42.21
CA LEU A 187 -21.11 1.14 -43.53
C LEU A 187 -20.30 2.30 -44.12
N ASP A 188 -19.56 3.05 -43.29
CA ASP A 188 -18.65 4.07 -43.77
C ASP A 188 -17.33 3.47 -44.26
N LYS A 189 -17.18 2.15 -44.13
CA LYS A 189 -15.94 1.47 -44.49
C LYS A 189 -16.13 0.72 -45.80
N THR A 190 -15.34 1.05 -46.81
CA THR A 190 -15.60 0.63 -48.18
C THR A 190 -15.63 -0.90 -48.36
N PRO A 191 -14.68 -1.68 -47.80
CA PRO A 191 -14.73 -3.13 -47.93
C PRO A 191 -16.02 -3.76 -47.41
N ALA A 192 -16.59 -3.17 -46.37
CA ALA A 192 -17.87 -3.62 -45.84
C ALA A 192 -18.99 -3.39 -46.86
N ARG A 193 -19.04 -2.19 -47.44
CA ARG A 193 -20.02 -1.85 -48.46
C ARG A 193 -19.89 -2.77 -49.66
N LEU A 194 -18.66 -3.03 -50.11
CA LEU A 194 -18.43 -3.85 -51.28
C LEU A 194 -18.85 -5.29 -51.04
N ARG A 195 -18.63 -5.81 -49.82
CA ARG A 195 -19.05 -7.15 -49.47
C ARG A 195 -20.58 -7.26 -49.47
N LEU A 196 -21.24 -6.23 -48.95
CA LEU A 196 -22.69 -6.16 -49.02
C LEU A 196 -23.19 -6.11 -50.45
N GLU A 197 -22.50 -5.36 -51.32
CA GLU A 197 -22.90 -5.26 -52.71
C GLU A 197 -22.70 -6.58 -53.45
N GLY A 198 -21.62 -7.29 -53.13
CA GLY A 198 -21.38 -8.62 -53.68
C GLY A 198 -22.49 -9.61 -53.31
N TYR A 199 -22.91 -9.55 -52.03
CA TYR A 199 -24.03 -10.34 -51.54
C TYR A 199 -25.32 -10.01 -52.29
N ARG A 200 -25.63 -8.72 -52.40
CA ARG A 200 -26.80 -8.27 -53.16
C ARG A 200 -26.76 -8.77 -54.61
N ALA A 201 -25.58 -8.72 -55.23
CA ALA A 201 -25.42 -9.12 -56.61
C ALA A 201 -25.76 -10.60 -56.79
N ALA A 202 -25.25 -11.44 -55.89
CA ALA A 202 -25.51 -12.87 -55.96
C ALA A 202 -26.98 -13.19 -55.75
N MET A 203 -27.61 -12.51 -54.77
CA MET A 203 -29.01 -12.73 -54.46
C MET A 203 -29.89 -12.31 -55.64
N LYS A 204 -29.58 -11.17 -56.28
CA LYS A 204 -30.34 -10.69 -57.42
C LYS A 204 -30.24 -11.67 -58.57
N ARG A 205 -29.02 -12.16 -58.81
CA ARG A 205 -28.75 -13.10 -59.90
C ARG A 205 -29.52 -14.41 -59.70
N ALA A 206 -29.70 -14.83 -58.44
CA ALA A 206 -30.50 -15.99 -58.13
C ALA A 206 -31.99 -15.68 -58.04
N GLY A 207 -32.40 -14.42 -58.20
CA GLY A 207 -33.78 -14.02 -57.96
C GLY A 207 -34.29 -14.27 -56.53
N LEU A 208 -33.37 -14.30 -55.55
CA LEU A 208 -33.73 -14.48 -54.15
C LEU A 208 -34.05 -13.15 -53.47
N ASN A 209 -35.19 -13.14 -52.76
CA ASN A 209 -35.64 -11.97 -52.02
C ASN A 209 -34.79 -11.82 -50.76
N ILE A 210 -34.46 -10.57 -50.41
CA ILE A 210 -33.80 -10.25 -49.16
C ILE A 210 -34.83 -9.67 -48.20
N PRO A 211 -35.32 -10.42 -47.20
CA PRO A 211 -36.30 -9.89 -46.24
C PRO A 211 -35.79 -8.67 -45.49
N ASP A 212 -36.72 -7.84 -45.02
CA ASP A 212 -36.36 -6.66 -44.27
C ASP A 212 -35.48 -7.07 -43.09
N GLY A 213 -34.38 -6.34 -42.89
CA GLY A 213 -33.51 -6.55 -41.75
C GLY A 213 -32.60 -7.78 -41.82
N TYR A 214 -32.49 -8.38 -43.01
CA TYR A 214 -31.54 -9.47 -43.21
C TYR A 214 -30.12 -8.96 -43.44
N GLU A 215 -29.99 -7.65 -43.68
CA GLU A 215 -28.70 -7.00 -43.78
C GLU A 215 -28.51 -6.16 -42.52
N VAL A 216 -27.53 -6.54 -41.69
CA VAL A 216 -27.36 -5.97 -40.37
C VAL A 216 -25.92 -5.55 -40.16
N THR A 217 -25.71 -4.38 -39.57
CA THR A 217 -24.39 -3.79 -39.45
C THR A 217 -23.71 -4.28 -38.16
N GLY A 218 -22.44 -4.63 -38.28
CA GLY A 218 -21.60 -4.91 -37.12
C GLY A 218 -20.36 -4.01 -37.20
N ASP A 219 -19.34 -4.35 -36.41
CA ASP A 219 -18.17 -3.50 -36.26
C ASP A 219 -16.87 -4.17 -36.69
N PHE A 220 -16.97 -5.31 -37.40
CA PHE A 220 -15.82 -6.10 -37.79
C PHE A 220 -15.01 -6.62 -36.59
N GLU A 221 -15.68 -6.78 -35.44
CA GLU A 221 -15.08 -7.29 -34.21
C GLU A 221 -15.97 -8.37 -33.61
N PHE A 222 -15.44 -9.14 -32.66
CA PHE A 222 -16.18 -10.22 -32.04
C PHE A 222 -17.56 -9.74 -31.56
N ASN A 223 -17.57 -8.62 -30.84
CA ASN A 223 -18.79 -8.12 -30.21
C ASN A 223 -19.88 -7.78 -31.21
N GLY A 224 -19.48 -7.11 -32.32
CA GLY A 224 -20.43 -6.76 -33.37
C GLY A 224 -21.09 -7.98 -33.99
N GLY A 225 -20.32 -9.05 -34.16
CA GLY A 225 -20.85 -10.29 -34.70
C GLY A 225 -21.91 -10.88 -33.80
N PHE A 226 -21.67 -10.79 -32.48
CA PHE A 226 -22.60 -11.29 -31.49
C PHE A 226 -23.90 -10.49 -31.50
N ASP A 227 -23.77 -9.17 -31.41
CA ASP A 227 -24.92 -8.27 -31.40
C ASP A 227 -25.73 -8.37 -32.69
N ALA A 228 -25.04 -8.49 -33.83
CA ALA A 228 -25.72 -8.56 -35.11
C ALA A 228 -26.48 -9.88 -35.23
N MET A 229 -25.87 -10.98 -34.77
CA MET A 229 -26.52 -12.27 -34.87
C MET A 229 -27.73 -12.36 -33.94
N ARG A 230 -27.64 -11.75 -32.75
CA ARG A 230 -28.78 -11.68 -31.84
C ARG A 230 -29.97 -10.98 -32.47
N GLN A 231 -29.66 -9.92 -33.24
CA GLN A 231 -30.67 -9.19 -33.98
C GLN A 231 -31.33 -10.07 -35.03
N LEU A 232 -30.53 -10.77 -35.83
CA LEU A 232 -31.06 -11.71 -36.82
C LEU A 232 -31.89 -12.83 -36.19
N LEU A 233 -31.52 -13.24 -34.97
CA LEU A 233 -32.22 -14.31 -34.27
C LEU A 233 -33.55 -13.84 -33.68
N SER A 234 -33.83 -12.54 -33.73
CA SER A 234 -35.13 -12.02 -33.35
C SER A 234 -36.06 -11.78 -34.55
N HIS A 235 -35.61 -12.15 -35.75
CA HIS A 235 -36.43 -12.08 -36.96
C HIS A 235 -37.37 -13.28 -36.95
N PRO A 236 -38.70 -13.07 -37.03
CA PRO A 236 -39.64 -14.20 -37.05
C PRO A 236 -39.35 -15.21 -38.16
N LEU A 237 -38.99 -14.71 -39.34
CA LEU A 237 -38.51 -15.56 -40.41
C LEU A 237 -36.99 -15.68 -40.25
N ARG A 238 -36.57 -16.82 -39.71
CA ARG A 238 -35.20 -17.03 -39.28
C ARG A 238 -34.32 -17.44 -40.45
N PRO A 239 -33.11 -16.85 -40.61
CA PRO A 239 -32.19 -17.27 -41.65
C PRO A 239 -31.79 -18.74 -41.59
N GLN A 240 -31.52 -19.31 -42.75
CA GLN A 240 -30.88 -20.62 -42.87
C GLN A 240 -29.35 -20.50 -42.84
N ALA A 241 -28.85 -19.32 -43.21
CA ALA A 241 -27.42 -19.14 -43.43
C ALA A 241 -27.08 -17.66 -43.28
N VAL A 242 -25.84 -17.40 -42.86
CA VAL A 242 -25.39 -16.03 -42.69
C VAL A 242 -23.97 -15.88 -43.23
N PHE A 243 -23.81 -14.87 -44.11
CA PHE A 243 -22.51 -14.37 -44.51
C PHE A 243 -22.12 -13.29 -43.51
N THR A 244 -20.99 -13.49 -42.84
CA THR A 244 -20.66 -12.72 -41.66
C THR A 244 -19.74 -11.49 -41.77
N GLY A 245 -19.18 -11.21 -42.94
CA GLY A 245 -18.53 -9.93 -43.15
C GLY A 245 -17.04 -10.03 -42.87
N ASN A 246 -16.67 -10.54 -41.69
CA ASN A 246 -15.32 -11.02 -41.44
C ASN A 246 -15.32 -12.14 -40.39
N ASP A 247 -14.17 -12.82 -40.27
CA ASP A 247 -14.03 -13.93 -39.35
C ASP A 247 -14.18 -13.53 -37.90
N ALA A 248 -13.72 -12.33 -37.55
CA ALA A 248 -13.90 -11.84 -36.19
C ALA A 248 -15.38 -11.85 -35.80
N MET A 249 -16.25 -11.35 -36.68
CA MET A 249 -17.66 -11.29 -36.38
C MET A 249 -18.26 -12.70 -36.34
N ALA A 250 -17.73 -13.62 -37.16
CA ALA A 250 -18.12 -15.02 -37.11
C ALA A 250 -17.90 -15.66 -35.74
N VAL A 251 -16.86 -15.23 -35.03
CA VAL A 251 -16.62 -15.68 -33.65
C VAL A 251 -17.80 -15.28 -32.76
N GLY A 252 -18.24 -14.01 -32.89
CA GLY A 252 -19.43 -13.54 -32.22
C GLY A 252 -20.70 -14.29 -32.63
N VAL A 253 -20.84 -14.53 -33.94
CA VAL A 253 -21.96 -15.30 -34.46
C VAL A 253 -22.06 -16.68 -33.81
N TYR A 254 -20.96 -17.44 -33.80
CA TYR A 254 -20.90 -18.71 -33.11
C TYR A 254 -21.37 -18.64 -31.65
N GLN A 255 -20.93 -17.62 -30.92
CA GLN A 255 -21.31 -17.50 -29.54
C GLN A 255 -22.83 -17.31 -29.42
N ALA A 256 -23.38 -16.46 -30.30
CA ALA A 256 -24.81 -16.18 -30.29
C ALA A 256 -25.62 -17.44 -30.56
N LEU A 257 -25.19 -18.19 -31.58
CA LEU A 257 -25.85 -19.42 -31.97
C LEU A 257 -25.77 -20.46 -30.86
N TYR A 258 -24.62 -20.52 -30.19
CA TYR A 258 -24.45 -21.42 -29.07
C TYR A 258 -25.48 -21.12 -27.97
N GLN A 259 -25.61 -19.84 -27.61
CA GLN A 259 -26.58 -19.45 -26.60
C GLN A 259 -28.02 -19.67 -27.05
N ALA A 260 -28.27 -19.56 -28.36
CA ALA A 260 -29.59 -19.82 -28.94
C ALA A 260 -29.85 -21.31 -29.11
N GLU A 261 -28.90 -22.14 -28.69
CA GLU A 261 -28.97 -23.58 -28.82
C GLU A 261 -29.20 -24.02 -30.27
N LEU A 262 -28.41 -23.43 -31.18
CA LEU A 262 -28.44 -23.76 -32.59
C LEU A 262 -27.07 -24.32 -33.00
N GLN A 263 -27.09 -25.37 -33.83
CA GLN A 263 -25.87 -25.99 -34.31
C GLN A 263 -25.42 -25.40 -35.63
N VAL A 264 -24.10 -25.41 -35.85
CA VAL A 264 -23.49 -25.04 -37.11
C VAL A 264 -22.85 -26.29 -37.68
N PRO A 265 -23.13 -26.71 -38.94
CA PRO A 265 -24.08 -26.03 -39.83
C PRO A 265 -25.52 -26.54 -39.81
N GLN A 266 -25.82 -27.54 -38.98
CA GLN A 266 -27.08 -28.28 -39.07
C GLN A 266 -28.30 -27.38 -38.95
N ASP A 267 -28.25 -26.37 -38.07
CA ASP A 267 -29.34 -25.42 -37.96
C ASP A 267 -29.08 -24.18 -38.82
N ILE A 268 -27.86 -23.63 -38.75
CA ILE A 268 -27.52 -22.43 -39.50
C ILE A 268 -26.10 -22.56 -40.05
N ALA A 269 -25.96 -22.27 -41.34
CA ALA A 269 -24.67 -22.25 -42.01
C ALA A 269 -24.02 -20.88 -41.87
N VAL A 270 -22.70 -20.86 -41.74
CA VAL A 270 -21.95 -19.64 -41.52
C VAL A 270 -20.76 -19.62 -42.47
N ILE A 271 -20.55 -18.47 -43.12
CA ILE A 271 -19.36 -18.27 -43.94
C ILE A 271 -18.78 -16.92 -43.55
N GLY A 272 -17.47 -16.89 -43.30
CA GLY A 272 -16.78 -15.68 -42.87
C GLY A 272 -16.05 -14.95 -43.99
N TYR A 273 -15.08 -14.12 -43.60
CA TYR A 273 -14.21 -13.42 -44.53
C TYR A 273 -12.88 -13.10 -43.85
N ASP A 274 -11.78 -13.53 -44.50
CA ASP A 274 -10.40 -13.19 -44.16
C ASP A 274 -9.51 -14.43 -44.21
N ASP A 275 -10.03 -15.51 -43.62
CA ASP A 275 -9.23 -16.71 -43.31
C ASP A 275 -8.09 -16.37 -42.36
N ILE A 276 -8.42 -15.80 -41.19
CA ILE A 276 -7.45 -15.71 -40.10
C ILE A 276 -7.10 -17.10 -39.60
N GLU A 277 -5.94 -17.23 -38.96
CA GLU A 277 -5.50 -18.52 -38.48
C GLU A 277 -6.60 -19.19 -37.65
N LEU A 278 -7.25 -18.38 -36.81
CA LEU A 278 -8.28 -18.86 -35.91
C LEU A 278 -9.42 -19.60 -36.61
N ALA A 279 -9.73 -19.19 -37.84
CA ALA A 279 -10.81 -19.80 -38.61
C ALA A 279 -10.73 -21.32 -38.68
N SER A 280 -9.51 -21.84 -38.87
CA SER A 280 -9.35 -23.27 -39.05
C SER A 280 -9.42 -24.05 -37.73
N PHE A 281 -9.35 -23.33 -36.60
CA PHE A 281 -9.49 -23.94 -35.28
C PHE A 281 -10.88 -23.85 -34.68
N MET A 282 -11.80 -23.17 -35.36
CA MET A 282 -13.13 -22.98 -34.84
C MET A 282 -13.87 -24.32 -34.90
N THR A 283 -14.99 -24.41 -34.17
CA THR A 283 -15.73 -25.66 -34.04
C THR A 283 -17.18 -25.46 -34.45
N PRO A 284 -17.59 -25.77 -35.71
CA PRO A 284 -16.72 -26.39 -36.71
C PRO A 284 -15.76 -25.39 -37.35
N PRO A 285 -14.68 -25.87 -38.01
CA PRO A 285 -13.81 -24.99 -38.78
C PRO A 285 -14.58 -24.13 -39.78
N LEU A 286 -14.17 -22.87 -39.89
CA LEU A 286 -14.98 -21.85 -40.55
C LEU A 286 -14.72 -21.81 -42.05
N THR A 287 -15.76 -22.11 -42.84
CA THR A 287 -15.79 -21.77 -44.25
C THR A 287 -15.69 -20.25 -44.36
N THR A 288 -14.75 -19.77 -45.19
CA THR A 288 -14.47 -18.35 -45.23
C THR A 288 -13.82 -17.98 -46.56
N ILE A 289 -13.68 -16.67 -46.80
CA ILE A 289 -12.98 -16.15 -47.95
C ILE A 289 -11.56 -15.78 -47.55
N HIS A 290 -10.58 -16.41 -48.17
CA HIS A 290 -9.17 -16.16 -47.87
C HIS A 290 -8.64 -14.91 -48.59
N GLN A 291 -8.28 -13.88 -47.82
CA GLN A 291 -7.46 -12.81 -48.33
C GLN A 291 -5.99 -13.23 -48.35
N PRO A 292 -5.26 -12.99 -49.47
CA PRO A 292 -3.84 -13.29 -49.54
C PRO A 292 -2.98 -12.21 -48.85
N LYS A 293 -2.85 -12.35 -47.53
CA LYS A 293 -2.31 -11.28 -46.69
C LYS A 293 -0.83 -11.05 -46.96
N ASP A 294 -0.11 -12.15 -47.16
CA ASP A 294 1.32 -12.07 -47.46
C ASP A 294 1.56 -11.37 -48.80
N GLU A 295 0.72 -11.70 -49.80
CA GLU A 295 0.85 -11.09 -51.12
C GLU A 295 0.52 -9.60 -51.05
N LEU A 296 -0.52 -9.28 -50.28
CA LEU A 296 -0.90 -7.89 -50.06
C LEU A 296 0.22 -7.09 -49.42
N GLY A 297 0.90 -7.69 -48.44
CA GLY A 297 2.03 -7.05 -47.78
C GLY A 297 3.20 -6.82 -48.71
N GLU A 298 3.54 -7.88 -49.47
CA GLU A 298 4.61 -7.81 -50.45
C GLU A 298 4.32 -6.74 -51.50
N LEU A 299 3.09 -6.74 -52.03
CA LEU A 299 2.69 -5.80 -53.06
C LEU A 299 2.75 -4.36 -52.54
N ALA A 300 2.21 -4.14 -51.33
CA ALA A 300 2.20 -2.82 -50.71
C ALA A 300 3.61 -2.27 -50.51
N ILE A 301 4.53 -3.11 -50.02
CA ILE A 301 5.91 -2.70 -49.85
C ILE A 301 6.57 -2.42 -51.19
N ASP A 302 6.35 -3.32 -52.15
CA ASP A 302 6.90 -3.15 -53.48
C ASP A 302 6.45 -1.85 -54.14
N VAL A 303 5.16 -1.53 -54.03
CA VAL A 303 4.62 -0.29 -54.57
C VAL A 303 5.24 0.92 -53.87
N LEU A 304 5.27 0.89 -52.53
CA LEU A 304 5.78 1.99 -51.76
C LEU A 304 7.24 2.26 -52.10
N ILE A 305 8.06 1.20 -52.18
CA ILE A 305 9.45 1.33 -52.57
C ILE A 305 9.60 1.88 -53.99
N HIS A 306 8.76 1.40 -54.90
CA HIS A 306 8.73 1.92 -56.27
C HIS A 306 8.49 3.42 -56.25
N ARG A 307 7.49 3.87 -55.48
CA ARG A 307 7.14 5.28 -55.41
C ARG A 307 8.21 6.10 -54.70
N ILE A 308 8.89 5.49 -53.72
CA ILE A 308 9.98 6.16 -53.03
C ILE A 308 11.05 6.53 -54.05
N THR A 309 11.42 5.56 -54.90
CA THR A 309 12.51 5.72 -55.84
C THR A 309 12.08 6.50 -57.09
N GLN A 310 10.78 6.45 -57.42
CA GLN A 310 10.23 7.15 -58.58
C GLN A 310 8.95 7.90 -58.21
N PRO A 311 9.06 9.11 -57.63
CA PRO A 311 7.91 9.85 -57.13
C PRO A 311 6.82 10.11 -58.16
N THR A 312 7.22 10.27 -59.43
CA THR A 312 6.27 10.61 -60.48
C THR A 312 5.44 9.42 -60.98
N LEU A 313 5.68 8.22 -60.43
CA LEU A 313 4.92 7.03 -60.79
C LEU A 313 3.42 7.31 -60.65
N GLN A 314 2.64 6.79 -61.59
CA GLN A 314 1.20 7.00 -61.62
C GLN A 314 0.52 6.18 -60.52
N GLN A 315 -0.63 6.69 -60.05
CA GLN A 315 -1.37 6.09 -58.95
C GLN A 315 -1.66 4.61 -59.19
N GLN A 316 -1.42 3.78 -58.16
CA GLN A 316 -1.71 2.35 -58.21
C GLN A 316 -2.92 2.06 -57.33
N ARG A 317 -4.00 1.54 -57.95
CA ARG A 317 -5.13 0.99 -57.20
C ARG A 317 -5.26 -0.48 -57.58
N LEU A 318 -4.77 -1.38 -56.72
CA LEU A 318 -4.60 -2.78 -57.08
C LEU A 318 -5.42 -3.68 -56.16
N GLN A 319 -6.09 -4.69 -56.75
CA GLN A 319 -6.97 -5.58 -56.03
C GLN A 319 -6.57 -7.03 -56.29
N LEU A 320 -6.25 -7.77 -55.23
CA LEU A 320 -5.92 -9.18 -55.37
C LEU A 320 -7.21 -9.99 -55.18
N THR A 321 -7.35 -11.05 -55.96
CA THR A 321 -8.55 -11.86 -55.94
C THR A 321 -8.48 -12.82 -54.75
N PRO A 322 -9.52 -12.87 -53.88
CA PRO A 322 -9.58 -13.81 -52.78
C PRO A 322 -10.10 -15.19 -53.17
N ILE A 323 -10.01 -16.18 -52.27
CA ILE A 323 -10.32 -17.56 -52.56
C ILE A 323 -11.21 -18.17 -51.47
N LEU A 324 -12.25 -18.90 -51.89
CA LEU A 324 -13.13 -19.59 -50.95
C LEU A 324 -12.38 -20.75 -50.31
N MET A 325 -12.43 -20.84 -48.97
CA MET A 325 -11.91 -21.98 -48.22
C MET A 325 -13.12 -22.75 -47.69
N GLU A 326 -13.38 -23.94 -48.25
CA GLU A 326 -14.47 -24.77 -47.81
C GLU A 326 -14.05 -25.57 -46.57
N ARG A 327 -14.80 -25.41 -45.49
CA ARG A 327 -14.57 -26.17 -44.28
C ARG A 327 -15.94 -26.66 -43.78
N GLY A 328 -16.18 -26.67 -42.47
CA GLY A 328 -17.31 -27.39 -41.92
C GLY A 328 -18.53 -26.55 -41.53
N SER A 329 -18.42 -25.22 -41.58
CA SER A 329 -19.48 -24.35 -41.12
C SER A 329 -20.55 -24.10 -42.18
N ALA A 330 -20.23 -24.46 -43.44
CA ALA A 330 -21.13 -24.24 -44.55
C ALA A 330 -20.64 -24.94 -45.78
N SER B 1 45.69 15.54 -13.44
CA SER B 1 46.59 14.45 -13.07
C SER B 1 45.85 13.21 -12.57
N ALA B 2 44.58 13.37 -12.20
CA ALA B 2 43.77 12.27 -11.68
C ALA B 2 42.76 11.79 -12.73
N THR B 3 42.72 10.47 -12.97
CA THR B 3 41.77 9.84 -13.88
C THR B 3 40.72 9.07 -13.09
N MET B 4 39.69 8.57 -13.78
CA MET B 4 38.64 7.74 -13.19
C MET B 4 39.19 6.44 -12.63
N LYS B 5 40.32 6.00 -13.17
CA LYS B 5 41.00 4.78 -12.75
C LYS B 5 41.77 5.02 -11.45
N ASP B 6 42.36 6.22 -11.32
CA ASP B 6 42.94 6.67 -10.07
C ASP B 6 41.89 6.62 -8.95
N VAL B 7 40.71 7.19 -9.21
CA VAL B 7 39.58 7.15 -8.29
C VAL B 7 39.16 5.73 -7.89
N ALA B 8 39.08 4.83 -8.88
CA ALA B 8 38.59 3.47 -8.69
C ALA B 8 39.60 2.52 -8.03
N ARG B 9 40.90 2.81 -8.17
CA ARG B 9 41.92 2.09 -7.43
C ARG B 9 41.83 2.42 -5.94
N LEU B 10 41.96 3.71 -5.59
CA LEU B 10 41.86 4.18 -4.21
C LEU B 10 40.58 3.67 -3.57
N ALA B 11 39.46 3.85 -4.26
CA ALA B 11 38.15 3.42 -3.78
C ALA B 11 38.01 1.89 -3.77
N GLY B 12 38.77 1.19 -4.62
CA GLY B 12 38.76 -0.26 -4.65
C GLY B 12 37.54 -0.89 -5.32
N VAL B 13 36.80 -0.10 -6.12
CA VAL B 13 35.73 -0.61 -6.96
C VAL B 13 36.17 -0.45 -8.42
N SER B 14 35.38 -1.05 -9.34
CA SER B 14 35.73 -1.03 -10.76
C SER B 14 35.47 0.33 -11.37
N THR B 15 36.37 0.75 -12.28
CA THR B 15 36.23 2.00 -13.01
C THR B 15 34.85 2.16 -13.66
N SER B 16 34.21 1.05 -14.07
CA SER B 16 32.90 1.12 -14.71
C SER B 16 31.80 1.60 -13.77
N THR B 17 31.94 1.32 -12.46
CA THR B 17 30.97 1.75 -11.45
C THR B 17 31.43 3.01 -10.71
N VAL B 18 32.59 3.56 -11.07
CA VAL B 18 32.95 4.93 -10.77
C VAL B 18 32.31 5.86 -11.81
N SER B 19 32.29 5.40 -13.08
CA SER B 19 31.60 6.13 -14.14
C SER B 19 30.10 6.22 -13.90
N HIS B 20 29.52 5.16 -13.30
CA HIS B 20 28.13 5.16 -12.86
C HIS B 20 27.86 6.06 -11.64
N VAL B 21 28.85 6.25 -10.77
CA VAL B 21 28.71 7.14 -9.62
C VAL B 21 28.85 8.61 -10.02
N ILE B 22 29.68 8.90 -11.04
CA ILE B 22 29.88 10.26 -11.53
C ILE B 22 28.76 10.72 -12.48
N ASN B 23 28.24 9.79 -13.28
CA ASN B 23 27.18 10.12 -14.23
C ASN B 23 25.79 10.02 -13.60
N LYS B 24 25.68 9.26 -12.51
CA LYS B 24 24.41 8.99 -11.87
C LYS B 24 23.41 8.38 -12.86
N ASP B 25 23.90 7.43 -13.68
CA ASP B 25 23.09 6.83 -14.75
C ASP B 25 22.69 5.37 -14.49
N ARG B 26 22.97 4.87 -13.27
CA ARG B 26 22.50 3.57 -12.81
C ARG B 26 22.36 3.57 -11.29
N PHE B 27 21.74 2.51 -10.73
CA PHE B 27 21.72 2.37 -9.27
C PHE B 27 23.09 1.91 -8.79
N VAL B 28 23.64 2.65 -7.82
CA VAL B 28 24.77 2.23 -7.02
C VAL B 28 24.35 2.27 -5.55
N SER B 29 24.69 1.21 -4.81
CA SER B 29 24.54 1.18 -3.37
C SER B 29 24.90 2.52 -2.73
N GLU B 30 24.20 2.88 -1.64
CA GLU B 30 24.49 4.11 -0.93
C GLU B 30 25.85 4.04 -0.24
N ALA B 31 26.28 2.83 0.14
CA ALA B 31 27.61 2.61 0.70
C ALA B 31 28.68 2.99 -0.31
N ILE B 32 28.78 2.22 -1.40
CA ILE B 32 29.75 2.44 -2.47
C ILE B 32 29.81 3.90 -2.93
N THR B 33 28.64 4.51 -3.18
CA THR B 33 28.54 5.88 -3.67
C THR B 33 29.17 6.93 -2.75
N ALA B 34 29.16 6.68 -1.44
CA ALA B 34 29.81 7.58 -0.48
C ALA B 34 31.33 7.38 -0.43
N LYS B 35 31.78 6.16 -0.75
CA LYS B 35 33.21 5.83 -0.84
C LYS B 35 33.86 6.28 -2.16
N VAL B 36 33.12 6.18 -3.27
CA VAL B 36 33.57 6.67 -4.57
C VAL B 36 33.77 8.18 -4.50
N GLU B 37 32.80 8.87 -3.87
CA GLU B 37 32.89 10.29 -3.59
C GLU B 37 33.93 10.61 -2.52
N ALA B 38 34.19 9.65 -1.62
CA ALA B 38 35.28 9.74 -0.66
C ALA B 38 36.67 9.65 -1.30
N ALA B 39 36.77 8.95 -2.43
CA ALA B 39 38.01 8.89 -3.18
C ALA B 39 38.11 10.02 -4.21
N ILE B 40 36.96 10.49 -4.73
CA ILE B 40 36.91 11.64 -5.63
C ILE B 40 37.41 12.88 -4.88
N LYS B 41 36.96 13.04 -3.63
CA LYS B 41 37.60 13.97 -2.70
C LYS B 41 38.87 13.26 -2.24
N GLU B 42 39.94 14.04 -2.04
CA GLU B 42 41.28 13.53 -1.76
C GLU B 42 42.10 13.63 -3.03
N LEU B 43 41.58 13.03 -4.11
CA LEU B 43 42.19 13.11 -5.43
C LEU B 43 41.87 14.42 -6.14
N ASN B 44 40.83 15.13 -5.67
CA ASN B 44 40.46 16.41 -6.26
C ASN B 44 40.14 16.20 -7.74
N TYR B 45 39.42 15.12 -8.06
CA TYR B 45 39.27 14.64 -9.43
C TYR B 45 38.23 15.43 -10.22
N ALA B 46 38.62 15.90 -11.43
CA ALA B 46 37.82 16.80 -12.24
C ALA B 46 37.32 16.16 -13.53
N PRO B 47 36.01 15.80 -13.65
CA PRO B 47 35.43 15.45 -14.94
C PRO B 47 35.40 16.63 -15.94
N ARG B 52 19.25 15.36 -15.62
CA ARG B 52 17.89 14.87 -15.45
C ARG B 52 16.89 15.81 -16.15
N SER B 53 16.01 15.22 -16.96
CA SER B 53 14.87 15.91 -17.53
C SER B 53 15.22 16.59 -18.86
N LEU B 54 16.40 17.25 -18.92
CA LEU B 54 16.76 18.08 -20.05
C LEU B 54 17.97 17.51 -20.78
N LYS B 55 17.75 16.52 -21.65
CA LYS B 55 18.78 15.82 -22.38
C LYS B 55 18.62 15.97 -23.90
N LEU B 56 19.74 16.30 -24.55
CA LEU B 56 19.77 16.48 -25.99
C LEU B 56 19.38 15.21 -26.75
N ASN B 57 19.64 14.05 -26.14
CA ASN B 57 19.38 12.78 -26.81
C ASN B 57 17.97 12.24 -26.59
N GLN B 58 17.17 12.93 -25.76
CA GLN B 58 15.82 12.49 -25.51
C GLN B 58 14.80 13.06 -26.49
N THR B 59 13.70 12.32 -26.67
CA THR B 59 12.71 12.56 -27.71
C THR B 59 11.28 12.41 -27.22
N HIS B 60 11.09 12.17 -25.92
CA HIS B 60 9.79 11.89 -25.34
C HIS B 60 9.10 10.72 -26.05
N THR B 61 9.90 9.72 -26.40
CA THR B 61 9.44 8.54 -27.13
C THR B 61 9.87 7.28 -26.39
N ILE B 62 8.97 6.30 -26.32
CA ILE B 62 9.26 4.99 -25.78
C ILE B 62 9.23 3.99 -26.93
N GLY B 63 10.24 3.11 -26.99
CA GLY B 63 10.26 2.04 -27.97
C GLY B 63 9.77 0.74 -27.34
N MET B 64 9.15 -0.12 -28.15
CA MET B 64 8.76 -1.43 -27.68
C MET B 64 9.04 -2.46 -28.76
N LEU B 65 9.81 -3.49 -28.39
CA LEU B 65 10.12 -4.59 -29.28
C LEU B 65 9.21 -5.73 -28.86
N ILE B 66 8.34 -6.18 -29.79
CA ILE B 66 7.45 -7.29 -29.49
C ILE B 66 7.66 -8.45 -30.44
N THR B 67 7.36 -9.65 -29.96
CA THR B 67 7.30 -10.86 -30.78
C THR B 67 6.24 -10.74 -31.89
N ALA B 68 6.45 -11.47 -32.98
CA ALA B 68 5.38 -11.67 -33.96
C ALA B 68 4.73 -12.98 -33.55
N SER B 69 3.47 -12.91 -33.10
CA SER B 69 2.73 -14.12 -32.77
C SER B 69 1.25 -13.94 -33.05
N THR B 70 0.58 -15.03 -33.45
CA THR B 70 -0.88 -15.02 -33.62
C THR B 70 -1.63 -15.39 -32.34
N ASN B 71 -0.93 -15.16 -31.22
CA ASN B 71 -1.50 -15.33 -29.90
C ASN B 71 -2.04 -13.96 -29.47
N PRO B 72 -3.38 -13.83 -29.34
CA PRO B 72 -3.98 -12.52 -29.08
C PRO B 72 -3.49 -11.85 -27.80
N PHE B 73 -2.96 -12.64 -26.86
CA PHE B 73 -2.40 -12.09 -25.62
C PHE B 73 -1.49 -10.89 -25.87
N TYR B 74 -0.57 -11.01 -26.84
CA TYR B 74 0.42 -9.96 -27.07
C TYR B 74 -0.17 -8.64 -27.56
N SER B 75 -1.11 -8.72 -28.52
CA SER B 75 -1.82 -7.55 -28.99
C SER B 75 -2.54 -6.82 -27.85
N GLU B 76 -3.17 -7.61 -26.98
CA GLU B 76 -3.96 -7.04 -25.91
C GLU B 76 -3.05 -6.30 -24.92
N LEU B 77 -1.87 -6.88 -24.65
CA LEU B 77 -0.90 -6.27 -23.76
C LEU B 77 -0.31 -5.00 -24.37
N VAL B 78 0.03 -5.06 -25.66
CA VAL B 78 0.49 -3.88 -26.38
C VAL B 78 -0.53 -2.75 -26.31
N ARG B 79 -1.81 -3.11 -26.49
CA ARG B 79 -2.86 -2.10 -26.49
C ARG B 79 -2.89 -1.37 -25.15
N GLY B 80 -2.68 -2.12 -24.05
CA GLY B 80 -2.60 -1.54 -22.72
C GLY B 80 -1.43 -0.57 -22.56
N VAL B 81 -0.25 -0.97 -23.06
CA VAL B 81 0.92 -0.13 -23.04
C VAL B 81 0.68 1.17 -23.83
N GLU B 82 0.07 1.02 -25.01
CA GLU B 82 -0.26 2.15 -25.86
C GLU B 82 -1.07 3.19 -25.11
N ARG B 83 -2.15 2.72 -24.46
CA ARG B 83 -3.02 3.61 -23.71
C ARG B 83 -2.27 4.33 -22.59
N SER B 84 -1.45 3.59 -21.85
CA SER B 84 -0.67 4.18 -20.77
C SER B 84 0.29 5.25 -21.26
N CYS B 85 0.94 5.02 -22.41
CA CYS B 85 1.83 6.01 -23.01
C CYS B 85 1.12 7.32 -23.32
N PHE B 86 0.01 7.19 -24.04
CA PHE B 86 -0.81 8.33 -24.40
C PHE B 86 -1.12 9.14 -23.14
N GLU B 87 -1.72 8.47 -22.15
CA GLU B 87 -2.14 9.11 -20.91
C GLU B 87 -0.98 9.82 -20.20
N ARG B 88 0.25 9.31 -20.37
CA ARG B 88 1.42 9.93 -19.78
C ARG B 88 2.09 10.95 -20.71
N GLY B 89 1.51 11.14 -21.90
CA GLY B 89 2.01 12.11 -22.86
C GLY B 89 3.27 11.67 -23.58
N TYR B 90 3.50 10.35 -23.66
CA TYR B 90 4.59 9.80 -24.44
C TYR B 90 4.07 9.15 -25.72
N SER B 91 4.90 9.23 -26.75
CA SER B 91 4.65 8.54 -27.99
C SER B 91 5.34 7.17 -27.95
N LEU B 92 4.72 6.21 -28.63
CA LEU B 92 5.17 4.83 -28.62
C LEU B 92 5.50 4.37 -30.03
N VAL B 93 6.71 3.85 -30.21
CA VAL B 93 7.12 3.25 -31.47
C VAL B 93 7.31 1.76 -31.24
N LEU B 94 6.80 0.96 -32.16
CA LEU B 94 6.86 -0.49 -32.05
C LEU B 94 7.66 -1.11 -33.19
N CYS B 95 8.26 -2.26 -32.87
CA CYS B 95 8.91 -3.11 -33.86
C CYS B 95 8.53 -4.55 -33.56
N ASN B 96 7.91 -5.23 -34.55
CA ASN B 96 7.78 -6.67 -34.53
C ASN B 96 9.13 -7.32 -34.81
N THR B 97 9.36 -8.48 -34.21
CA THR B 97 10.58 -9.23 -34.45
C THR B 97 10.22 -10.71 -34.56
N GLU B 98 10.95 -11.42 -35.43
CA GLU B 98 10.63 -12.77 -35.82
C GLU B 98 11.97 -13.48 -36.04
N GLY B 99 11.91 -14.65 -36.67
CA GLY B 99 13.10 -15.33 -37.18
C GLY B 99 14.23 -15.49 -36.17
N ASP B 100 15.46 -15.46 -36.68
CA ASP B 100 16.63 -15.82 -35.90
C ASP B 100 17.10 -14.66 -35.03
N GLU B 101 18.39 -14.70 -34.66
CA GLU B 101 18.99 -13.76 -33.73
C GLU B 101 19.46 -12.49 -34.43
N GLN B 102 20.15 -12.65 -35.58
CA GLN B 102 20.65 -11.51 -36.34
C GLN B 102 19.49 -10.67 -36.90
N ARG B 103 18.38 -11.33 -37.22
CA ARG B 103 17.15 -10.64 -37.59
C ARG B 103 16.67 -9.75 -36.45
N MET B 104 16.54 -10.37 -35.26
CA MET B 104 16.07 -9.69 -34.06
C MET B 104 17.00 -8.56 -33.63
N ASN B 105 18.31 -8.75 -33.82
CA ASN B 105 19.30 -7.71 -33.51
C ASN B 105 19.21 -6.52 -34.45
N ARG B 106 18.94 -6.81 -35.73
CA ARG B 106 18.76 -5.76 -36.72
C ARG B 106 17.60 -4.84 -36.34
N ASN B 107 16.49 -5.46 -35.95
CA ASN B 107 15.29 -4.72 -35.59
C ASN B 107 15.50 -3.85 -34.36
N LEU B 108 16.10 -4.44 -33.32
CA LEU B 108 16.39 -3.71 -32.10
C LEU B 108 17.31 -2.52 -32.37
N GLU B 109 18.33 -2.74 -33.20
CA GLU B 109 19.29 -1.67 -33.51
C GLU B 109 18.60 -0.52 -34.25
N THR B 110 17.64 -0.85 -35.11
CA THR B 110 16.88 0.16 -35.84
C THR B 110 16.03 1.02 -34.91
N LEU B 111 15.34 0.38 -33.97
CA LEU B 111 14.55 1.06 -32.95
C LEU B 111 15.42 2.03 -32.14
N MET B 112 16.59 1.55 -31.73
CA MET B 112 17.51 2.37 -30.94
C MET B 112 18.03 3.55 -31.74
N GLN B 113 18.23 3.33 -33.04
CA GLN B 113 18.69 4.37 -33.95
C GLN B 113 17.65 5.47 -34.14
N LYS B 114 16.37 5.13 -33.92
CA LYS B 114 15.30 6.11 -33.89
C LYS B 114 15.30 7.00 -32.64
N ARG B 115 16.13 6.64 -31.66
CA ARG B 115 16.44 7.51 -30.52
C ARG B 115 15.26 7.60 -29.55
N VAL B 116 14.88 6.44 -29.00
CA VAL B 116 13.88 6.37 -27.95
C VAL B 116 14.50 6.60 -26.57
N ASP B 117 13.69 7.06 -25.63
CA ASP B 117 14.13 7.38 -24.28
C ASP B 117 14.22 6.14 -23.41
N GLY B 118 13.41 5.14 -23.74
CA GLY B 118 13.33 3.91 -22.97
C GLY B 118 12.80 2.78 -23.84
N LEU B 119 13.00 1.54 -23.37
CA LEU B 119 12.69 0.36 -24.16
C LEU B 119 11.88 -0.64 -23.34
N LEU B 120 10.78 -1.12 -23.94
CA LEU B 120 10.03 -2.25 -23.41
C LEU B 120 10.26 -3.48 -24.26
N LEU B 121 10.60 -4.60 -23.62
CA LEU B 121 10.79 -5.86 -24.33
C LEU B 121 9.67 -6.82 -23.98
N LEU B 122 9.05 -7.38 -25.02
CA LEU B 122 8.03 -8.41 -24.86
C LEU B 122 8.34 -9.53 -25.84
N CYS B 123 9.13 -10.49 -25.36
CA CYS B 123 9.69 -11.56 -26.17
C CYS B 123 9.05 -12.92 -25.91
N THR B 124 9.21 -13.81 -26.90
CA THR B 124 8.81 -15.21 -26.75
C THR B 124 9.96 -16.23 -26.70
N GLU B 125 9.78 -17.21 -25.79
CA GLU B 125 10.52 -18.46 -25.75
C GLU B 125 12.03 -18.22 -25.81
N THR B 126 12.74 -19.11 -26.52
CA THR B 126 14.07 -18.82 -27.03
C THR B 126 13.93 -17.48 -27.72
N HIS B 127 14.43 -16.42 -27.10
CA HIS B 127 14.64 -15.14 -27.77
C HIS B 127 15.64 -14.31 -26.97
N GLN B 128 16.80 -14.03 -27.56
CA GLN B 128 17.77 -13.14 -26.97
C GLN B 128 18.10 -12.05 -27.99
N PRO B 129 17.42 -10.89 -27.93
CA PRO B 129 17.94 -9.67 -28.56
C PRO B 129 19.23 -9.19 -27.86
N SER B 130 20.25 -8.86 -28.65
CA SER B 130 21.60 -8.98 -28.13
C SER B 130 21.85 -7.94 -27.05
N ARG B 131 22.51 -8.34 -25.96
CA ARG B 131 23.01 -7.42 -24.97
C ARG B 131 23.97 -6.42 -25.61
N GLU B 132 24.68 -6.84 -26.66
CA GLU B 132 25.59 -6.00 -27.42
C GLU B 132 24.95 -4.76 -28.00
N ILE B 133 23.71 -4.86 -28.49
CA ILE B 133 23.01 -3.71 -29.04
C ILE B 133 22.61 -2.74 -27.93
N MET B 134 22.05 -3.26 -26.84
CA MET B 134 21.65 -2.43 -25.72
C MET B 134 22.85 -1.75 -25.08
N GLN B 135 23.99 -2.44 -25.03
CA GLN B 135 25.26 -1.88 -24.58
C GLN B 135 25.75 -0.69 -25.40
N ARG B 136 25.29 -0.54 -26.64
CA ARG B 136 25.63 0.60 -27.46
C ARG B 136 24.77 1.84 -27.18
N TYR B 137 23.68 1.65 -26.42
CA TYR B 137 22.82 2.73 -25.94
C TYR B 137 22.65 2.68 -24.41
N PRO B 138 23.74 2.86 -23.63
CA PRO B 138 23.72 2.55 -22.20
C PRO B 138 22.82 3.46 -21.37
N THR B 139 22.65 4.72 -21.82
CA THR B 139 21.73 5.65 -21.18
C THR B 139 20.25 5.31 -21.35
N VAL B 140 19.94 4.36 -22.23
CA VAL B 140 18.57 3.93 -22.46
C VAL B 140 18.18 2.76 -21.56
N PRO B 141 17.28 2.97 -20.58
CA PRO B 141 16.79 1.90 -19.73
C PRO B 141 15.87 0.94 -20.47
N THR B 142 15.92 -0.34 -20.07
CA THR B 142 15.05 -1.36 -20.62
C THR B 142 14.18 -1.93 -19.50
N VAL B 143 12.89 -2.07 -19.78
CA VAL B 143 11.98 -2.75 -18.89
C VAL B 143 11.48 -3.97 -19.64
N MET B 144 11.53 -5.12 -18.97
CA MET B 144 11.11 -6.36 -19.57
C MET B 144 9.72 -6.72 -19.08
N MET B 145 8.87 -7.12 -20.02
CA MET B 145 7.49 -7.47 -19.70
C MET B 145 7.34 -8.98 -19.79
N ASP B 146 6.57 -9.53 -18.83
CA ASP B 146 6.12 -10.91 -18.80
C ASP B 146 7.20 -11.87 -18.36
N TRP B 147 8.38 -11.78 -18.99
CA TRP B 147 9.51 -12.61 -18.60
C TRP B 147 10.84 -11.98 -19.01
N ALA B 148 11.90 -12.34 -18.27
CA ALA B 148 13.26 -11.93 -18.60
C ALA B 148 13.92 -12.98 -19.49
N PRO B 149 14.06 -12.76 -20.83
CA PRO B 149 14.72 -13.72 -21.70
C PRO B 149 16.14 -14.07 -21.26
N PHE B 150 16.82 -13.09 -20.66
CA PHE B 150 18.22 -13.24 -20.29
C PHE B 150 18.65 -12.69 -18.94
N ASP B 151 17.69 -12.48 -18.02
CA ASP B 151 17.98 -11.98 -16.68
C ASP B 151 18.51 -10.55 -16.71
N GLY B 152 19.69 -10.32 -16.11
CA GLY B 152 20.29 -9.00 -16.06
C GLY B 152 19.83 -8.19 -14.85
N ASP B 153 20.16 -6.90 -14.87
CA ASP B 153 19.75 -5.95 -13.85
C ASP B 153 18.51 -5.15 -14.27
N SER B 154 17.90 -5.55 -15.39
CA SER B 154 16.77 -4.83 -15.96
C SER B 154 15.49 -5.05 -15.14
N ASP B 155 14.63 -4.03 -15.07
CA ASP B 155 13.34 -4.15 -14.42
C ASP B 155 12.46 -5.18 -15.13
N LEU B 156 11.61 -5.85 -14.35
CA LEU B 156 10.73 -6.89 -14.84
C LEU B 156 9.32 -6.67 -14.29
N ILE B 157 8.34 -6.60 -15.20
CA ILE B 157 6.94 -6.44 -14.85
C ILE B 157 6.16 -7.60 -15.44
N GLN B 158 5.50 -8.38 -14.58
CA GLN B 158 4.87 -9.62 -14.98
C GLN B 158 3.75 -9.97 -14.01
N ASP B 159 2.98 -11.02 -14.34
CA ASP B 159 2.00 -11.55 -13.42
C ASP B 159 2.71 -12.53 -12.50
N ASN B 160 1.94 -13.09 -11.56
CA ASN B 160 2.42 -14.15 -10.69
C ASN B 160 1.92 -15.50 -11.20
N SER B 161 2.71 -16.12 -12.08
CA SER B 161 2.30 -17.33 -12.77
C SER B 161 2.41 -18.61 -11.93
N LEU B 162 3.28 -18.60 -10.91
CA LEU B 162 3.33 -19.70 -9.96
C LEU B 162 2.01 -19.78 -9.21
N LEU B 163 1.58 -18.65 -8.64
CA LEU B 163 0.28 -18.56 -8.01
C LEU B 163 -0.84 -18.87 -9.02
N GLY B 164 -0.71 -18.32 -10.22
CA GLY B 164 -1.70 -18.52 -11.27
C GLY B 164 -1.99 -19.97 -11.57
N GLY B 165 -0.92 -20.76 -11.81
CA GLY B 165 -1.07 -22.18 -12.11
C GLY B 165 -1.65 -22.98 -10.95
N ASP B 166 -1.33 -22.54 -9.72
CA ASP B 166 -1.85 -23.16 -8.52
C ASP B 166 -3.36 -22.89 -8.41
N LEU B 167 -3.76 -21.61 -8.52
CA LEU B 167 -5.17 -21.23 -8.57
C LEU B 167 -5.98 -22.07 -9.56
N ALA B 168 -5.44 -22.20 -10.78
CA ALA B 168 -6.16 -22.89 -11.84
C ALA B 168 -6.37 -24.35 -11.46
N THR B 169 -5.30 -24.98 -10.94
CA THR B 169 -5.34 -26.39 -10.60
C THR B 169 -6.22 -26.62 -9.37
N GLN B 170 -6.07 -25.77 -8.36
CA GLN B 170 -6.88 -25.86 -7.15
C GLN B 170 -8.37 -25.73 -7.47
N TYR B 171 -8.70 -24.85 -8.43
CA TYR B 171 -10.07 -24.69 -8.88
C TYR B 171 -10.65 -26.02 -9.35
N LEU B 172 -9.90 -26.73 -10.20
CA LEU B 172 -10.33 -28.04 -10.70
C LEU B 172 -10.47 -29.05 -9.57
N ILE B 173 -9.51 -29.05 -8.65
CA ILE B 173 -9.55 -29.91 -7.48
C ILE B 173 -10.82 -29.63 -6.66
N ASP B 174 -11.12 -28.35 -6.44
CA ASP B 174 -12.33 -27.94 -5.74
C ASP B 174 -13.61 -28.35 -6.45
N LYS B 175 -13.59 -28.44 -7.79
CA LYS B 175 -14.74 -28.93 -8.53
C LYS B 175 -14.85 -30.45 -8.53
N GLY B 176 -13.93 -31.14 -7.85
CA GLY B 176 -14.02 -32.57 -7.65
C GLY B 176 -13.23 -33.45 -8.62
N HIS B 177 -12.42 -32.85 -9.50
CA HIS B 177 -11.63 -33.61 -10.45
C HIS B 177 -10.38 -34.12 -9.74
N THR B 178 -10.01 -35.37 -10.04
CA THR B 178 -8.78 -35.95 -9.53
C THR B 178 -7.78 -36.27 -10.66
N ARG B 179 -8.29 -36.58 -11.86
CA ARG B 179 -7.44 -36.85 -13.01
C ARG B 179 -7.27 -35.58 -13.83
N ILE B 180 -6.29 -34.77 -13.43
CA ILE B 180 -6.05 -33.46 -14.01
C ILE B 180 -4.73 -33.43 -14.77
N ALA B 181 -4.81 -33.12 -16.06
CA ALA B 181 -3.64 -32.99 -16.91
C ALA B 181 -3.20 -31.53 -17.02
N CYS B 182 -1.97 -31.33 -17.48
CA CYS B 182 -1.40 -30.00 -17.58
C CYS B 182 -0.66 -29.87 -18.90
N ILE B 183 -1.13 -28.95 -19.75
CA ILE B 183 -0.43 -28.59 -20.97
C ILE B 183 0.43 -27.38 -20.66
N THR B 184 1.75 -27.50 -20.87
CA THR B 184 2.69 -26.42 -20.58
C THR B 184 3.02 -25.65 -21.85
N GLY B 185 3.42 -24.39 -21.67
CA GLY B 185 4.16 -23.67 -22.69
C GLY B 185 5.55 -24.27 -22.85
N PRO B 186 6.42 -23.72 -23.71
CA PRO B 186 7.80 -24.20 -23.79
C PRO B 186 8.53 -24.03 -22.46
N LEU B 187 9.19 -25.10 -21.98
CA LEU B 187 9.67 -25.09 -20.61
C LEU B 187 10.90 -24.22 -20.38
N ASP B 188 11.58 -23.82 -21.47
CA ASP B 188 12.66 -22.84 -21.37
C ASP B 188 12.13 -21.41 -21.29
N LYS B 189 10.79 -21.25 -21.33
CA LYS B 189 10.15 -19.97 -21.03
C LYS B 189 9.60 -19.98 -19.60
N THR B 190 10.06 -19.02 -18.78
CA THR B 190 9.89 -19.09 -17.35
C THR B 190 8.42 -19.16 -16.90
N PRO B 191 7.50 -18.33 -17.44
CA PRO B 191 6.10 -18.40 -17.06
C PRO B 191 5.47 -19.78 -17.24
N ALA B 192 5.90 -20.49 -18.29
CA ALA B 192 5.44 -21.86 -18.51
C ALA B 192 5.89 -22.80 -17.39
N ARG B 193 7.17 -22.71 -17.03
CA ARG B 193 7.73 -23.52 -15.96
C ARG B 193 7.02 -23.22 -14.63
N LEU B 194 6.79 -21.94 -14.35
CA LEU B 194 6.16 -21.55 -13.11
C LEU B 194 4.71 -22.04 -13.02
N ARG B 195 4.00 -22.04 -14.15
CA ARG B 195 2.65 -22.54 -14.19
C ARG B 195 2.61 -24.05 -13.95
N LEU B 196 3.59 -24.77 -14.52
CA LEU B 196 3.74 -26.18 -14.24
C LEU B 196 4.05 -26.46 -12.76
N GLU B 197 4.87 -25.61 -12.17
CA GLU B 197 5.22 -25.76 -10.76
C GLU B 197 4.01 -25.49 -9.86
N GLY B 198 3.22 -24.48 -10.22
CA GLY B 198 1.98 -24.19 -9.50
C GLY B 198 1.00 -25.35 -9.54
N TYR B 199 0.87 -25.99 -10.72
CA TYR B 199 0.05 -27.18 -10.90
C TYR B 199 0.54 -28.33 -10.02
N ARG B 200 1.85 -28.60 -10.06
CA ARG B 200 2.44 -29.62 -9.22
C ARG B 200 2.20 -29.35 -7.72
N ALA B 201 2.32 -28.08 -7.33
CA ALA B 201 2.13 -27.69 -5.93
C ALA B 201 0.71 -28.01 -5.47
N ALA B 202 -0.29 -27.67 -6.30
CA ALA B 202 -1.67 -27.90 -5.93
C ALA B 202 -1.98 -29.39 -5.85
N MET B 203 -1.44 -30.17 -6.80
CA MET B 203 -1.66 -31.61 -6.84
C MET B 203 -1.03 -32.26 -5.60
N LYS B 204 0.18 -31.85 -5.24
CA LYS B 204 0.87 -32.41 -4.07
C LYS B 204 0.07 -32.10 -2.80
N ARG B 205 -0.40 -30.87 -2.69
CA ARG B 205 -1.16 -30.41 -1.55
C ARG B 205 -2.45 -31.20 -1.38
N ALA B 206 -3.07 -31.58 -2.49
CA ALA B 206 -4.25 -32.44 -2.47
C ALA B 206 -3.92 -33.92 -2.37
N GLY B 207 -2.63 -34.29 -2.32
CA GLY B 207 -2.25 -35.68 -2.35
C GLY B 207 -2.66 -36.45 -3.61
N LEU B 208 -2.85 -35.72 -4.72
CA LEU B 208 -3.18 -36.34 -6.00
C LEU B 208 -1.92 -36.74 -6.78
N ASN B 209 -1.91 -37.97 -7.27
CA ASN B 209 -0.84 -38.44 -8.15
C ASN B 209 -0.98 -37.80 -9.53
N ILE B 210 0.15 -37.49 -10.16
CA ILE B 210 0.21 -37.06 -11.55
C ILE B 210 0.69 -38.24 -12.40
N PRO B 211 -0.20 -38.93 -13.14
CA PRO B 211 0.21 -40.07 -13.97
C PRO B 211 1.27 -39.70 -14.99
N ASP B 212 2.10 -40.67 -15.38
CA ASP B 212 3.14 -40.39 -16.35
C ASP B 212 2.49 -39.86 -17.62
N GLY B 213 3.05 -38.78 -18.19
CA GLY B 213 2.55 -38.22 -19.43
C GLY B 213 1.26 -37.40 -19.31
N TYR B 214 0.88 -37.02 -18.08
CA TYR B 214 -0.19 -36.05 -17.88
C TYR B 214 0.30 -34.62 -18.02
N GLU B 215 1.62 -34.44 -18.08
CA GLU B 215 2.24 -33.15 -18.32
C GLU B 215 2.79 -33.18 -19.75
N VAL B 216 2.21 -32.33 -20.63
CA VAL B 216 2.56 -32.32 -22.03
C VAL B 216 2.95 -30.90 -22.46
N THR B 217 4.02 -30.78 -23.25
CA THR B 217 4.53 -29.48 -23.66
C THR B 217 3.84 -29.04 -24.94
N GLY B 218 3.43 -27.77 -24.98
CA GLY B 218 2.95 -27.14 -26.19
C GLY B 218 3.77 -25.89 -26.46
N ASP B 219 3.27 -25.04 -27.35
CA ASP B 219 4.05 -23.89 -27.83
C ASP B 219 3.38 -22.55 -27.52
N PHE B 220 2.38 -22.56 -26.63
CA PHE B 220 1.62 -21.37 -26.30
C PHE B 220 0.88 -20.77 -27.50
N GLU B 221 0.57 -21.63 -28.48
CA GLU B 221 -0.15 -21.25 -29.70
C GLU B 221 -1.26 -22.27 -29.95
N PHE B 222 -2.18 -21.93 -30.85
CA PHE B 222 -3.31 -22.79 -31.16
C PHE B 222 -2.85 -24.21 -31.47
N ASN B 223 -1.85 -24.33 -32.35
CA ASN B 223 -1.43 -25.63 -32.83
C ASN B 223 -0.89 -26.53 -31.72
N GLY B 224 -0.08 -25.96 -30.83
CA GLY B 224 0.48 -26.69 -29.70
C GLY B 224 -0.61 -27.27 -28.79
N GLY B 225 -1.66 -26.48 -28.57
CA GLY B 225 -2.78 -26.93 -27.77
C GLY B 225 -3.47 -28.15 -28.39
N PHE B 226 -3.59 -28.12 -29.71
CA PHE B 226 -4.22 -29.20 -30.46
C PHE B 226 -3.39 -30.49 -30.39
N ASP B 227 -2.10 -30.36 -30.70
CA ASP B 227 -1.20 -31.50 -30.67
C ASP B 227 -1.08 -32.10 -29.27
N ALA B 228 -1.04 -31.22 -28.26
CA ALA B 228 -0.91 -31.68 -26.88
C ALA B 228 -2.16 -32.42 -26.44
N MET B 229 -3.35 -31.90 -26.80
CA MET B 229 -4.59 -32.51 -26.39
C MET B 229 -4.77 -33.87 -27.08
N ARG B 230 -4.37 -33.99 -28.35
CA ARG B 230 -4.49 -35.27 -29.02
C ARG B 230 -3.60 -36.33 -28.38
N GLN B 231 -2.45 -35.90 -27.87
CA GLN B 231 -1.56 -36.76 -27.11
C GLN B 231 -2.23 -37.25 -25.83
N LEU B 232 -2.79 -36.32 -25.05
CA LEU B 232 -3.54 -36.67 -23.85
C LEU B 232 -4.72 -37.59 -24.11
N LEU B 233 -5.35 -37.45 -25.29
CA LEU B 233 -6.48 -38.28 -25.66
C LEU B 233 -6.10 -39.71 -26.01
N SER B 234 -4.79 -39.96 -26.17
CA SER B 234 -4.30 -41.32 -26.35
C SER B 234 -3.78 -41.99 -25.07
N HIS B 235 -3.97 -41.31 -23.94
CA HIS B 235 -3.56 -41.83 -22.64
C HIS B 235 -4.60 -42.88 -22.20
N PRO B 236 -4.18 -44.11 -21.86
CA PRO B 236 -5.11 -45.14 -21.40
C PRO B 236 -6.01 -44.68 -20.25
N LEU B 237 -5.41 -43.98 -19.29
CA LEU B 237 -6.16 -43.36 -18.21
C LEU B 237 -6.49 -41.94 -18.68
N ARG B 238 -7.73 -41.73 -19.09
CA ARG B 238 -8.15 -40.48 -19.71
C ARG B 238 -8.41 -39.36 -18.70
N PRO B 239 -7.89 -38.14 -18.91
CA PRO B 239 -8.14 -37.03 -17.99
C PRO B 239 -9.60 -36.66 -17.86
N GLN B 240 -9.97 -36.22 -16.66
CA GLN B 240 -11.26 -35.61 -16.41
C GLN B 240 -11.24 -34.10 -16.70
N ALA B 241 -10.03 -33.53 -16.63
CA ALA B 241 -9.86 -32.09 -16.69
C ALA B 241 -8.45 -31.77 -17.15
N VAL B 242 -8.30 -30.61 -17.83
CA VAL B 242 -6.99 -30.19 -18.30
C VAL B 242 -6.80 -28.69 -18.05
N PHE B 243 -5.67 -28.38 -17.40
CA PHE B 243 -5.16 -27.03 -17.31
C PHE B 243 -4.28 -26.79 -18.53
N THR B 244 -4.65 -25.79 -19.34
CA THR B 244 -4.05 -25.55 -20.63
C THR B 244 -3.27 -24.28 -20.28
N GLY B 245 -1.97 -24.28 -20.49
CA GLY B 245 -1.13 -23.19 -20.00
C GLY B 245 -1.37 -21.75 -20.49
N ASN B 246 -2.09 -21.62 -21.61
CA ASN B 246 -2.66 -20.35 -21.99
C ASN B 246 -3.93 -20.54 -22.83
N ASP B 247 -4.67 -19.45 -23.02
CA ASP B 247 -5.93 -19.48 -23.75
C ASP B 247 -5.75 -19.86 -25.22
N ALA B 248 -4.64 -19.46 -25.83
CA ALA B 248 -4.37 -19.85 -27.20
C ALA B 248 -4.36 -21.36 -27.35
N MET B 249 -3.68 -22.07 -26.43
CA MET B 249 -3.63 -23.51 -26.50
C MET B 249 -5.00 -24.13 -26.21
N ALA B 250 -5.80 -23.48 -25.35
CA ALA B 250 -7.18 -23.90 -25.10
C ALA B 250 -8.03 -23.93 -26.37
N VAL B 251 -7.77 -23.00 -27.30
CA VAL B 251 -8.44 -23.00 -28.60
C VAL B 251 -8.13 -24.29 -29.35
N GLY B 252 -6.84 -24.69 -29.36
CA GLY B 252 -6.43 -25.97 -29.92
C GLY B 252 -7.05 -27.15 -29.19
N VAL B 253 -7.08 -27.09 -27.85
CA VAL B 253 -7.73 -28.12 -27.05
C VAL B 253 -9.18 -28.36 -27.48
N TYR B 254 -9.97 -27.27 -27.53
CA TYR B 254 -11.34 -27.33 -28.01
C TYR B 254 -11.46 -27.99 -29.39
N GLN B 255 -10.57 -27.66 -30.32
CA GLN B 255 -10.64 -28.24 -31.65
C GLN B 255 -10.40 -29.74 -31.57
N ALA B 256 -9.43 -30.16 -30.76
CA ALA B 256 -9.12 -31.58 -30.61
C ALA B 256 -10.32 -32.34 -30.03
N LEU B 257 -10.91 -31.77 -28.98
CA LEU B 257 -12.06 -32.35 -28.33
C LEU B 257 -13.25 -32.45 -29.28
N TYR B 258 -13.43 -31.39 -30.10
CA TYR B 258 -14.51 -31.36 -31.08
C TYR B 258 -14.36 -32.51 -32.05
N GLN B 259 -13.13 -32.73 -32.57
CA GLN B 259 -12.91 -33.81 -33.51
C GLN B 259 -13.02 -35.18 -32.83
N ALA B 260 -12.72 -35.25 -31.54
CA ALA B 260 -12.87 -36.47 -30.77
C ALA B 260 -14.30 -36.71 -30.34
N GLU B 261 -15.21 -35.81 -30.73
CA GLU B 261 -16.60 -35.82 -30.33
C GLU B 261 -16.79 -35.91 -28.82
N LEU B 262 -16.05 -35.04 -28.10
CA LEU B 262 -16.14 -34.91 -26.66
C LEU B 262 -16.63 -33.52 -26.28
N GLN B 263 -17.50 -33.45 -25.27
CA GLN B 263 -18.10 -32.20 -24.87
C GLN B 263 -17.33 -31.57 -23.72
N VAL B 264 -17.39 -30.23 -23.68
CA VAL B 264 -16.84 -29.43 -22.60
C VAL B 264 -18.03 -28.75 -21.93
N PRO B 265 -18.22 -28.86 -20.59
CA PRO B 265 -17.35 -29.63 -19.70
C PRO B 265 -17.79 -31.07 -19.43
N GLN B 266 -18.88 -31.52 -20.03
CA GLN B 266 -19.51 -32.78 -19.64
C GLN B 266 -18.56 -33.98 -19.72
N ASP B 267 -17.72 -34.02 -20.76
CA ASP B 267 -16.73 -35.08 -20.89
C ASP B 267 -15.39 -34.67 -20.29
N ILE B 268 -14.93 -33.44 -20.60
CA ILE B 268 -13.66 -32.96 -20.06
C ILE B 268 -13.80 -31.48 -19.72
N ALA B 269 -13.34 -31.11 -18.51
CA ALA B 269 -13.29 -29.72 -18.08
C ALA B 269 -11.97 -29.09 -18.53
N VAL B 270 -12.03 -27.80 -18.87
CA VAL B 270 -10.88 -27.09 -19.42
C VAL B 270 -10.75 -25.76 -18.67
N ILE B 271 -9.53 -25.42 -18.27
CA ILE B 271 -9.25 -24.10 -17.73
C ILE B 271 -8.01 -23.57 -18.43
N GLY B 272 -8.06 -22.31 -18.88
CA GLY B 272 -6.96 -21.69 -19.59
C GLY B 272 -6.10 -20.76 -18.72
N TYR B 273 -5.38 -19.85 -19.40
CA TYR B 273 -4.59 -18.82 -18.75
C TYR B 273 -4.47 -17.61 -19.67
N ASP B 274 -4.84 -16.43 -19.15
CA ASP B 274 -4.63 -15.10 -19.74
C ASP B 274 -5.91 -14.27 -19.63
N ASP B 275 -7.04 -14.90 -19.95
CA ASP B 275 -8.30 -14.22 -20.19
C ASP B 275 -8.18 -13.24 -21.36
N ILE B 276 -7.78 -13.74 -22.53
CA ILE B 276 -7.89 -12.98 -23.76
C ILE B 276 -9.38 -12.77 -24.09
N GLU B 277 -9.67 -11.74 -24.87
CA GLU B 277 -11.05 -11.42 -25.21
C GLU B 277 -11.76 -12.66 -25.73
N LEU B 278 -11.06 -13.42 -26.57
CA LEU B 278 -11.62 -14.61 -27.20
C LEU B 278 -12.18 -15.62 -26.22
N ALA B 279 -11.58 -15.72 -25.03
CA ALA B 279 -12.02 -16.66 -24.01
C ALA B 279 -13.52 -16.60 -23.72
N SER B 280 -14.06 -15.38 -23.66
CA SER B 280 -15.46 -15.22 -23.28
C SER B 280 -16.41 -15.51 -24.44
N PHE B 281 -15.88 -15.62 -25.66
CA PHE B 281 -16.66 -15.97 -26.84
C PHE B 281 -16.62 -17.45 -27.20
N MET B 282 -15.81 -18.23 -26.48
CA MET B 282 -15.66 -19.63 -26.82
C MET B 282 -16.93 -20.37 -26.41
N THR B 283 -17.11 -21.60 -26.92
CA THR B 283 -18.33 -22.36 -26.71
C THR B 283 -18.01 -23.72 -26.11
N PRO B 284 -18.11 -23.92 -24.78
CA PRO B 284 -18.57 -22.89 -23.85
C PRO B 284 -17.53 -21.83 -23.54
N PRO B 285 -17.93 -20.66 -22.99
CA PRO B 285 -16.98 -19.66 -22.53
C PRO B 285 -15.93 -20.25 -21.57
N LEU B 286 -14.69 -19.81 -21.75
CA LEU B 286 -13.55 -20.48 -21.15
C LEU B 286 -13.27 -19.95 -19.73
N THR B 287 -13.38 -20.85 -18.75
CA THR B 287 -12.83 -20.62 -17.42
C THR B 287 -11.32 -20.47 -17.58
N THR B 288 -10.75 -19.41 -16.99
CA THR B 288 -9.36 -19.07 -17.22
C THR B 288 -8.83 -18.20 -16.08
N ILE B 289 -7.50 -18.01 -16.09
CA ILE B 289 -6.85 -17.11 -15.16
C ILE B 289 -6.60 -15.76 -15.84
N HIS B 290 -7.19 -14.71 -15.28
CA HIS B 290 -7.09 -13.37 -15.84
C HIS B 290 -5.79 -12.69 -15.42
N GLN B 291 -4.92 -12.43 -16.41
CA GLN B 291 -3.83 -11.49 -16.22
C GLN B 291 -4.36 -10.07 -16.38
N PRO B 292 -4.01 -9.14 -15.45
CA PRO B 292 -4.43 -7.75 -15.56
C PRO B 292 -3.57 -6.96 -16.54
N LYS B 293 -3.90 -7.07 -17.84
CA LYS B 293 -3.01 -6.63 -18.89
C LYS B 293 -2.86 -5.12 -18.91
N ASP B 294 -3.96 -4.41 -18.68
CA ASP B 294 -3.94 -2.97 -18.57
C ASP B 294 -3.05 -2.49 -17.43
N GLU B 295 -3.16 -3.14 -16.27
CA GLU B 295 -2.37 -2.78 -15.10
C GLU B 295 -0.90 -3.07 -15.37
N LEU B 296 -0.61 -4.21 -16.01
CA LEU B 296 0.74 -4.57 -16.38
C LEU B 296 1.37 -3.52 -17.30
N GLY B 297 0.58 -3.03 -18.28
CA GLY B 297 1.03 -2.01 -19.20
C GLY B 297 1.29 -0.68 -18.50
N GLU B 298 0.35 -0.28 -17.65
CA GLU B 298 0.45 0.93 -16.85
C GLU B 298 1.68 0.88 -15.94
N LEU B 299 1.85 -0.26 -15.25
CA LEU B 299 2.96 -0.42 -14.31
C LEU B 299 4.30 -0.37 -15.04
N ALA B 300 4.39 -1.09 -16.16
CA ALA B 300 5.60 -1.11 -16.98
C ALA B 300 6.00 0.28 -17.47
N ILE B 301 5.03 1.06 -17.97
CA ILE B 301 5.29 2.41 -18.42
C ILE B 301 5.69 3.30 -17.25
N ASP B 302 4.95 3.19 -16.13
CA ASP B 302 5.23 3.96 -14.94
C ASP B 302 6.66 3.73 -14.44
N VAL B 303 7.07 2.46 -14.39
CA VAL B 303 8.42 2.11 -13.96
C VAL B 303 9.46 2.68 -14.92
N LEU B 304 9.24 2.47 -16.23
CA LEU B 304 10.18 2.91 -17.24
C LEU B 304 10.36 4.42 -17.18
N ILE B 305 9.25 5.16 -17.07
CA ILE B 305 9.31 6.61 -16.97
C ILE B 305 10.02 7.05 -15.69
N HIS B 306 9.74 6.35 -14.58
CA HIS B 306 10.42 6.61 -13.32
C HIS B 306 11.93 6.47 -13.50
N ARG B 307 12.35 5.38 -14.15
CA ARG B 307 13.76 5.12 -14.35
C ARG B 307 14.39 6.10 -15.36
N ILE B 308 13.61 6.55 -16.34
CA ILE B 308 14.10 7.53 -17.29
C ILE B 308 14.49 8.79 -16.53
N THR B 309 13.60 9.25 -15.65
CA THR B 309 13.80 10.49 -14.92
C THR B 309 14.76 10.35 -13.74
N GLN B 310 14.85 9.13 -13.19
CA GLN B 310 15.71 8.85 -12.05
C GLN B 310 16.51 7.57 -12.28
N PRO B 311 17.63 7.63 -13.04
CA PRO B 311 18.41 6.46 -13.41
C PRO B 311 18.86 5.59 -12.25
N THR B 312 19.11 6.21 -11.10
CA THR B 312 19.62 5.54 -9.92
C THR B 312 18.58 4.69 -9.18
N LEU B 313 17.33 4.70 -9.65
CA LEU B 313 16.27 3.93 -9.02
C LEU B 313 16.68 2.45 -8.95
N GLN B 314 16.36 1.80 -7.82
CA GLN B 314 16.74 0.41 -7.60
C GLN B 314 15.87 -0.51 -8.45
N GLN B 315 16.43 -1.67 -8.83
CA GLN B 315 15.78 -2.61 -9.73
C GLN B 315 14.38 -3.01 -9.24
N GLN B 316 13.42 -3.01 -10.17
CA GLN B 316 12.05 -3.41 -9.88
C GLN B 316 11.77 -4.76 -10.53
N ARG B 317 11.46 -5.78 -9.71
CA ARG B 317 10.90 -7.03 -10.22
C ARG B 317 9.53 -7.22 -9.57
N LEU B 318 8.46 -6.88 -10.29
CA LEU B 318 7.12 -6.78 -9.74
C LEU B 318 6.17 -7.78 -10.40
N GLN B 319 5.33 -8.39 -9.56
CA GLN B 319 4.39 -9.42 -9.98
C GLN B 319 2.98 -9.04 -9.56
N LEU B 320 2.08 -8.95 -10.54
CA LEU B 320 0.68 -8.67 -10.24
C LEU B 320 -0.05 -9.99 -10.07
N THR B 321 -0.97 -10.02 -9.11
CA THR B 321 -1.74 -11.22 -8.81
C THR B 321 -2.82 -11.40 -9.88
N PRO B 322 -2.91 -12.60 -10.51
CA PRO B 322 -4.00 -12.91 -11.42
C PRO B 322 -5.26 -13.37 -10.70
N ILE B 323 -6.37 -13.44 -11.43
CA ILE B 323 -7.69 -13.73 -10.87
C ILE B 323 -8.40 -14.80 -11.69
N LEU B 324 -9.00 -15.79 -11.02
CA LEU B 324 -9.79 -16.81 -11.69
C LEU B 324 -11.08 -16.20 -12.23
N MET B 325 -11.37 -16.47 -13.51
CA MET B 325 -12.64 -16.13 -14.14
C MET B 325 -13.42 -17.42 -14.33
N GLU B 326 -14.50 -17.59 -13.57
CA GLU B 326 -15.33 -18.78 -13.68
C GLU B 326 -16.31 -18.60 -14.83
N ARG B 327 -16.27 -19.51 -15.80
CA ARG B 327 -17.24 -19.52 -16.88
C ARG B 327 -17.74 -20.95 -17.04
N GLY B 328 -17.96 -21.42 -18.27
CA GLY B 328 -18.68 -22.65 -18.49
C GLY B 328 -17.86 -23.89 -18.81
N SER B 329 -16.54 -23.73 -19.00
CA SER B 329 -15.69 -24.83 -19.43
C SER B 329 -15.23 -25.69 -18.27
N ALA B 330 -15.40 -25.16 -17.05
CA ALA B 330 -14.91 -25.81 -15.84
C ALA B 330 -15.42 -25.04 -14.69
N SER C 53 30.87 -16.70 5.28
CA SER C 53 31.35 -17.96 5.82
C SER C 53 32.26 -17.75 7.03
N LEU C 54 33.14 -16.74 6.95
CA LEU C 54 33.90 -16.29 8.10
C LEU C 54 33.41 -14.90 8.54
N LYS C 55 32.40 -14.89 9.41
CA LYS C 55 31.79 -13.66 9.90
C LYS C 55 32.01 -13.49 11.41
N LEU C 56 32.72 -12.42 11.79
CA LEU C 56 33.08 -12.20 13.18
C LEU C 56 31.86 -12.04 14.09
N ASN C 57 30.77 -11.54 13.52
CA ASN C 57 29.58 -11.24 14.30
C ASN C 57 28.63 -12.42 14.46
N GLN C 58 28.92 -13.53 13.76
CA GLN C 58 28.15 -14.76 13.95
C GLN C 58 28.71 -15.61 15.09
N THR C 59 27.88 -16.51 15.61
CA THR C 59 28.26 -17.37 16.72
C THR C 59 28.01 -18.86 16.45
N HIS C 60 27.56 -19.18 15.23
CA HIS C 60 27.20 -20.54 14.88
C HIS C 60 26.17 -21.10 15.85
N THR C 61 25.23 -20.23 16.29
CA THR C 61 24.22 -20.62 17.26
C THR C 61 22.84 -20.24 16.72
N ILE C 62 21.89 -21.17 16.88
CA ILE C 62 20.51 -20.94 16.54
C ILE C 62 19.72 -20.88 17.84
N GLY C 63 18.89 -19.84 17.95
CA GLY C 63 17.99 -19.71 19.10
C GLY C 63 16.62 -20.29 18.72
N MET C 64 15.93 -20.89 19.69
CA MET C 64 14.57 -21.36 19.46
C MET C 64 13.71 -20.93 20.65
N LEU C 65 12.64 -20.20 20.32
CA LEU C 65 11.69 -19.73 21.29
C LEU C 65 10.50 -20.68 21.20
N ILE C 66 10.25 -21.39 22.31
CA ILE C 66 9.36 -22.54 22.30
C ILE C 66 8.30 -22.35 23.38
N THR C 67 7.13 -22.94 23.12
CA THR C 67 6.05 -23.05 24.08
C THR C 67 6.48 -23.81 25.33
N ALA C 68 5.81 -23.49 26.44
CA ALA C 68 5.97 -24.21 27.70
C ALA C 68 5.09 -25.45 27.80
N SER C 69 4.27 -25.73 26.78
CA SER C 69 3.49 -26.96 26.72
C SER C 69 4.35 -28.20 26.92
N THR C 70 3.82 -29.17 27.66
CA THR C 70 4.44 -30.49 27.79
C THR C 70 3.74 -31.52 26.91
N ASN C 71 2.85 -31.09 26.00
CA ASN C 71 2.40 -31.94 24.90
C ASN C 71 3.65 -32.55 24.26
N PRO C 72 3.81 -33.88 24.28
CA PRO C 72 5.06 -34.50 23.84
C PRO C 72 5.47 -34.16 22.40
N PHE C 73 4.51 -33.75 21.57
CA PHE C 73 4.82 -33.33 20.22
C PHE C 73 5.99 -32.36 20.16
N TYR C 74 6.00 -31.34 21.01
CA TYR C 74 7.00 -30.30 20.97
C TYR C 74 8.39 -30.80 21.35
N SER C 75 8.51 -31.62 22.39
CA SER C 75 9.80 -32.24 22.75
C SER C 75 10.37 -33.03 21.59
N GLU C 76 9.50 -33.78 20.91
CA GLU C 76 9.94 -34.65 19.84
C GLU C 76 10.47 -33.81 18.68
N LEU C 77 9.79 -32.71 18.41
CA LEU C 77 10.17 -31.79 17.34
C LEU C 77 11.47 -31.08 17.69
N VAL C 78 11.61 -30.61 18.93
CA VAL C 78 12.84 -30.01 19.42
C VAL C 78 14.01 -30.97 19.26
N ARG C 79 13.77 -32.25 19.61
CA ARG C 79 14.83 -33.23 19.54
C ARG C 79 15.33 -33.35 18.10
N GLY C 80 14.40 -33.32 17.13
CA GLY C 80 14.74 -33.37 15.73
C GLY C 80 15.56 -32.16 15.26
N VAL C 81 15.15 -30.96 15.71
CA VAL C 81 15.89 -29.74 15.42
C VAL C 81 17.30 -29.82 15.98
N GLU C 82 17.42 -30.30 17.22
CA GLU C 82 18.70 -30.43 17.90
C GLU C 82 19.64 -31.31 17.08
N ARG C 83 19.15 -32.45 16.62
CA ARG C 83 19.96 -33.38 15.82
C ARG C 83 20.43 -32.73 14.53
N SER C 84 19.51 -32.03 13.85
CA SER C 84 19.86 -31.33 12.62
C SER C 84 20.94 -30.27 12.84
N CYS C 85 20.85 -29.53 13.93
CA CYS C 85 21.84 -28.53 14.28
C CYS C 85 23.22 -29.14 14.48
N PHE C 86 23.29 -30.19 15.29
CA PHE C 86 24.53 -30.90 15.54
C PHE C 86 25.16 -31.29 14.21
N GLU C 87 24.40 -32.02 13.39
CA GLU C 87 24.88 -32.49 12.11
C GLU C 87 25.39 -31.36 11.21
N ARG C 88 24.84 -30.15 11.35
CA ARG C 88 25.29 -28.99 10.59
C ARG C 88 26.39 -28.20 11.30
N GLY C 89 26.78 -28.65 12.50
CA GLY C 89 27.80 -27.96 13.29
C GLY C 89 27.34 -26.66 13.94
N TYR C 90 26.04 -26.57 14.20
CA TYR C 90 25.43 -25.47 14.93
C TYR C 90 25.04 -25.91 16.34
N SER C 91 25.06 -24.96 17.28
CA SER C 91 24.50 -25.20 18.60
C SER C 91 23.08 -24.66 18.64
N LEU C 92 22.24 -25.25 19.49
CA LEU C 92 20.88 -24.79 19.70
C LEU C 92 20.63 -24.37 21.15
N VAL C 93 20.13 -23.15 21.32
CA VAL C 93 19.79 -22.61 22.61
C VAL C 93 18.28 -22.37 22.64
N LEU C 94 17.62 -22.75 23.73
CA LEU C 94 16.19 -22.64 23.85
C LEU C 94 15.74 -21.69 24.96
N CYS C 95 14.56 -21.10 24.75
CA CYS C 95 13.90 -20.27 25.74
C CYS C 95 12.40 -20.62 25.73
N ASN C 96 11.87 -20.97 26.90
CA ASN C 96 10.43 -21.13 27.08
C ASN C 96 9.74 -19.77 27.09
N THR C 97 8.50 -19.74 26.58
CA THR C 97 7.71 -18.53 26.62
C THR C 97 6.28 -18.93 26.96
N GLU C 98 5.64 -18.10 27.79
CA GLU C 98 4.26 -18.31 28.21
C GLU C 98 3.77 -16.93 28.65
N GLY C 99 2.71 -16.90 29.48
CA GLY C 99 2.21 -15.68 30.06
C GLY C 99 1.96 -14.55 29.05
N ASP C 100 2.16 -13.32 29.52
CA ASP C 100 1.78 -12.11 28.82
C ASP C 100 2.78 -11.75 27.72
N GLU C 101 2.75 -10.49 27.30
CA GLU C 101 3.55 -9.99 26.18
C GLU C 101 4.94 -9.57 26.64
N GLN C 102 5.01 -8.83 27.75
CA GLN C 102 6.28 -8.39 28.29
C GLN C 102 7.13 -9.58 28.77
N ARG C 103 6.48 -10.64 29.23
CA ARG C 103 7.15 -11.89 29.54
C ARG C 103 7.82 -12.47 28.28
N MET C 104 7.01 -12.60 27.21
CA MET C 104 7.45 -13.14 25.94
C MET C 104 8.56 -12.30 25.29
N ASN C 105 8.47 -10.97 25.47
CA ASN C 105 9.48 -10.04 24.97
C ASN C 105 10.79 -10.14 25.75
N ARG C 106 10.70 -10.39 27.06
CA ARG C 106 11.88 -10.59 27.88
C ARG C 106 12.68 -11.80 27.40
N ASN C 107 11.98 -12.89 27.12
CA ASN C 107 12.61 -14.12 26.67
C ASN C 107 13.31 -13.93 25.31
N LEU C 108 12.59 -13.33 24.36
CA LEU C 108 13.13 -13.03 23.05
C LEU C 108 14.37 -12.15 23.17
N GLU C 109 14.31 -11.12 24.01
CA GLU C 109 15.39 -10.17 24.15
C GLU C 109 16.63 -10.85 24.73
N THR C 110 16.43 -11.83 25.63
CA THR C 110 17.53 -12.59 26.19
C THR C 110 18.27 -13.40 25.13
N LEU C 111 17.49 -14.11 24.30
CA LEU C 111 18.03 -14.86 23.19
C LEU C 111 18.85 -13.97 22.25
N MET C 112 18.30 -12.80 21.90
CA MET C 112 18.94 -11.88 20.98
C MET C 112 20.23 -11.34 21.59
N GLN C 113 20.22 -11.13 22.91
CA GLN C 113 21.38 -10.62 23.62
C GLN C 113 22.51 -11.64 23.68
N LYS C 114 22.17 -12.93 23.55
CA LYS C 114 23.15 -14.00 23.43
C LYS C 114 23.84 -14.01 22.08
N ARG C 115 23.28 -13.27 21.10
CA ARG C 115 23.81 -13.16 19.75
C ARG C 115 23.71 -14.49 19.00
N VAL C 116 22.47 -14.98 18.83
CA VAL C 116 22.21 -16.08 17.94
C VAL C 116 22.14 -15.59 16.49
N ASP C 117 22.46 -16.51 15.56
CA ASP C 117 22.54 -16.19 14.15
C ASP C 117 21.15 -16.15 13.52
N GLY C 118 20.23 -16.94 14.08
CA GLY C 118 18.89 -17.07 13.58
C GLY C 118 17.97 -17.57 14.67
N LEU C 119 16.67 -17.47 14.38
CA LEU C 119 15.63 -17.78 15.34
C LEU C 119 14.59 -18.72 14.74
N LEU C 120 14.27 -19.79 15.49
CA LEU C 120 13.14 -20.65 15.22
C LEU C 120 12.02 -20.35 16.22
N LEU C 121 10.79 -20.16 15.72
CA LEU C 121 9.64 -19.98 16.58
C LEU C 121 8.77 -21.21 16.52
N LEU C 122 8.47 -21.79 17.71
CA LEU C 122 7.57 -22.91 17.81
C LEU C 122 6.58 -22.64 18.95
N CYS C 123 5.49 -21.94 18.60
CA CYS C 123 4.57 -21.37 19.56
C CYS C 123 3.22 -22.07 19.58
N THR C 124 2.49 -21.85 20.69
CA THR C 124 1.09 -22.22 20.81
C THR C 124 0.20 -21.00 21.03
N GLU C 125 0.77 -19.96 21.62
CA GLU C 125 0.10 -18.68 21.85
C GLU C 125 0.55 -17.65 20.80
N THR C 126 -0.42 -16.87 20.29
CA THR C 126 -0.13 -15.76 19.41
C THR C 126 0.65 -14.67 20.14
N HIS C 127 1.59 -14.04 19.43
CA HIS C 127 2.33 -12.91 19.97
C HIS C 127 2.87 -12.03 18.85
N GLN C 128 2.46 -10.76 18.85
CA GLN C 128 3.04 -9.75 17.96
C GLN C 128 4.44 -9.35 18.42
N PRO C 129 5.47 -9.41 17.55
CA PRO C 129 6.82 -9.08 17.98
C PRO C 129 6.98 -7.59 18.22
N SER C 130 7.64 -7.20 19.32
CA SER C 130 7.89 -5.80 19.58
C SER C 130 8.70 -5.20 18.43
N ARG C 131 8.26 -4.02 17.94
CA ARG C 131 9.00 -3.32 16.91
C ARG C 131 10.37 -2.93 17.45
N GLU C 132 10.43 -2.71 18.77
CA GLU C 132 11.64 -2.26 19.44
C GLU C 132 12.73 -3.32 19.33
N ILE C 133 12.36 -4.59 19.50
CA ILE C 133 13.32 -5.68 19.46
C ILE C 133 13.77 -5.92 18.02
N MET C 134 12.82 -5.92 17.08
CA MET C 134 13.15 -6.14 15.67
C MET C 134 14.09 -5.04 15.17
N GLN C 135 13.82 -3.79 15.60
CA GLN C 135 14.66 -2.67 15.22
C GLN C 135 16.10 -2.75 15.73
N ARG C 136 16.29 -3.50 16.82
CA ARG C 136 17.59 -3.55 17.50
C ARG C 136 18.45 -4.66 16.89
N TYR C 137 17.78 -5.67 16.33
CA TYR C 137 18.46 -6.80 15.69
C TYR C 137 17.87 -7.02 14.30
N PRO C 138 18.10 -6.10 13.33
CA PRO C 138 17.59 -6.25 11.97
C PRO C 138 18.13 -7.47 11.22
N THR C 139 19.38 -7.86 11.54
CA THR C 139 20.11 -8.85 10.75
C THR C 139 19.63 -10.28 10.98
N VAL C 140 18.86 -10.52 12.05
CA VAL C 140 18.57 -11.87 12.51
C VAL C 140 17.28 -12.42 11.90
N PRO C 141 17.37 -13.41 10.99
CA PRO C 141 16.17 -14.01 10.41
C PRO C 141 15.42 -14.91 11.39
N THR C 142 14.10 -14.99 11.21
CA THR C 142 13.26 -15.90 11.96
C THR C 142 12.59 -16.87 10.99
N VAL C 143 12.57 -18.14 11.38
CA VAL C 143 11.83 -19.17 10.66
C VAL C 143 10.77 -19.69 11.62
N MET C 144 9.54 -19.82 11.12
CA MET C 144 8.44 -20.26 11.95
C MET C 144 8.16 -21.73 11.67
N MET C 145 7.97 -22.49 12.75
CA MET C 145 7.72 -23.92 12.62
C MET C 145 6.27 -24.18 12.99
N ASP C 146 5.63 -25.07 12.22
CA ASP C 146 4.29 -25.57 12.47
C ASP C 146 3.20 -24.57 12.11
N TRP C 147 3.34 -23.35 12.62
CA TRP C 147 2.31 -22.32 12.59
C TRP C 147 2.93 -20.93 12.64
N ALA C 148 2.33 -19.96 11.96
CA ALA C 148 2.73 -18.57 12.04
C ALA C 148 1.96 -17.83 13.14
N PRO C 149 2.57 -17.56 14.32
CA PRO C 149 1.88 -16.84 15.40
C PRO C 149 1.33 -15.48 14.99
N PHE C 150 2.04 -14.81 14.06
CA PHE C 150 1.67 -13.48 13.58
C PHE C 150 1.90 -13.37 12.07
N ASP C 151 1.15 -12.48 11.41
CA ASP C 151 1.30 -12.29 9.98
C ASP C 151 2.60 -11.57 9.65
N GLY C 152 3.40 -12.15 8.76
CA GLY C 152 4.62 -11.50 8.28
C GLY C 152 5.18 -12.14 7.01
N ASP C 153 6.41 -11.78 6.67
CA ASP C 153 7.11 -12.33 5.51
C ASP C 153 8.10 -13.42 5.90
N SER C 154 7.98 -13.93 7.12
CA SER C 154 8.89 -14.94 7.65
C SER C 154 8.63 -16.30 7.00
N ASP C 155 9.69 -17.10 6.84
CA ASP C 155 9.56 -18.45 6.33
C ASP C 155 8.73 -19.32 7.28
N LEU C 156 8.01 -20.30 6.71
CA LEU C 156 7.17 -21.20 7.48
C LEU C 156 7.38 -22.63 7.02
N ILE C 157 7.69 -23.52 7.98
CA ILE C 157 7.91 -24.93 7.72
C ILE C 157 6.95 -25.72 8.59
N GLN C 158 6.09 -26.52 7.94
CA GLN C 158 4.99 -27.18 8.62
C GLN C 158 4.58 -28.42 7.84
N ASP C 159 3.65 -29.21 8.41
CA ASP C 159 3.06 -30.32 7.68
C ASP C 159 1.89 -29.78 6.86
N ASN C 160 1.26 -30.68 6.11
CA ASN C 160 0.05 -30.36 5.38
C ASN C 160 -1.16 -30.88 6.14
N SER C 161 -1.69 -30.02 7.02
CA SER C 161 -2.75 -30.39 7.94
C SER C 161 -4.14 -30.43 7.31
N LEU C 162 -4.34 -29.71 6.20
CA LEU C 162 -5.57 -29.82 5.45
C LEU C 162 -5.71 -31.23 4.88
N LEU C 163 -4.67 -31.68 4.19
CA LEU C 163 -4.59 -33.05 3.71
C LEU C 163 -4.68 -34.04 4.88
N GLY C 164 -3.95 -33.74 5.96
CA GLY C 164 -3.93 -34.58 7.13
C GLY C 164 -5.31 -34.89 7.70
N GLY C 165 -6.10 -33.83 7.94
CA GLY C 165 -7.44 -33.97 8.47
C GLY C 165 -8.40 -34.69 7.53
N ASP C 166 -8.18 -34.52 6.23
CA ASP C 166 -8.97 -35.20 5.20
C ASP C 166 -8.67 -36.70 5.22
N LEU C 167 -7.37 -37.05 5.17
CA LEU C 167 -6.93 -38.44 5.30
C LEU C 167 -7.55 -39.14 6.52
N ALA C 168 -7.50 -38.46 7.67
CA ALA C 168 -7.96 -39.05 8.92
C ALA C 168 -9.45 -39.34 8.82
N THR C 169 -10.20 -38.36 8.29
CA THR C 169 -11.65 -38.47 8.22
C THR C 169 -12.06 -39.49 7.17
N GLN C 170 -11.39 -39.45 6.01
CA GLN C 170 -11.67 -40.41 4.94
C GLN C 170 -11.43 -41.84 5.42
N TYR C 171 -10.37 -42.03 6.22
CA TYR C 171 -10.10 -43.33 6.80
C TYR C 171 -11.30 -43.87 7.58
N LEU C 172 -11.87 -43.04 8.44
CA LEU C 172 -13.04 -43.42 9.23
C LEU C 172 -14.25 -43.72 8.33
N ILE C 173 -14.45 -42.88 7.31
CA ILE C 173 -15.51 -43.08 6.34
C ILE C 173 -15.33 -44.43 5.63
N ASP C 174 -14.10 -44.73 5.21
CA ASP C 174 -13.77 -46.00 4.59
C ASP C 174 -13.99 -47.20 5.51
N LYS C 175 -13.84 -47.01 6.82
CA LYS C 175 -14.13 -48.08 7.78
C LYS C 175 -15.62 -48.22 8.06
N GLY C 176 -16.46 -47.39 7.43
CA GLY C 176 -17.91 -47.53 7.47
C GLY C 176 -18.63 -46.67 8.50
N HIS C 177 -17.93 -45.75 9.15
CA HIS C 177 -18.57 -44.89 10.13
C HIS C 177 -19.26 -43.74 9.42
N THR C 178 -20.45 -43.37 9.90
CA THR C 178 -21.18 -42.24 9.36
C THR C 178 -21.35 -41.11 10.39
N ARG C 179 -21.42 -41.46 11.68
CA ARG C 179 -21.50 -40.48 12.74
C ARG C 179 -20.11 -40.17 13.29
N ILE C 180 -19.44 -39.23 12.63
CA ILE C 180 -18.05 -38.90 12.93
C ILE C 180 -17.96 -37.48 13.50
N ALA C 181 -17.39 -37.39 14.72
CA ALA C 181 -17.16 -36.12 15.36
C ALA C 181 -15.73 -35.66 15.14
N CYS C 182 -15.50 -34.37 15.39
CA CYS C 182 -14.20 -33.77 15.20
C CYS C 182 -13.88 -32.88 16.40
N ILE C 183 -12.82 -33.23 17.13
CA ILE C 183 -12.29 -32.37 18.18
C ILE C 183 -11.17 -31.53 17.56
N THR C 184 -11.33 -30.20 17.62
CA THR C 184 -10.37 -29.28 17.04
C THR C 184 -9.43 -28.75 18.11
N GLY C 185 -8.25 -28.35 17.68
CA GLY C 185 -7.40 -27.47 18.46
C GLY C 185 -8.03 -26.09 18.57
N PRO C 186 -7.35 -25.12 19.21
CA PRO C 186 -7.84 -23.76 19.31
C PRO C 186 -8.11 -23.13 17.95
N LEU C 187 -9.27 -22.47 17.89
CA LEU C 187 -9.82 -21.78 16.74
C LEU C 187 -8.88 -20.79 16.03
N ASP C 188 -8.10 -20.11 16.86
CA ASP C 188 -7.19 -19.08 16.40
C ASP C 188 -5.90 -19.68 15.83
N LYS C 189 -5.76 -21.01 15.90
CA LYS C 189 -4.53 -21.68 15.51
C LYS C 189 -4.74 -22.38 14.18
N THR C 190 -3.94 -22.00 13.17
CA THR C 190 -4.22 -22.36 11.79
C THR C 190 -4.24 -23.87 11.54
N PRO C 191 -3.29 -24.67 12.07
CA PRO C 191 -3.32 -26.12 11.87
C PRO C 191 -4.61 -26.78 12.34
N ALA C 192 -5.19 -26.24 13.42
CA ALA C 192 -6.46 -26.70 13.93
C ALA C 192 -7.58 -26.44 12.93
N ARG C 193 -7.64 -25.21 12.39
CA ARG C 193 -8.61 -24.82 11.41
C ARG C 193 -8.51 -25.67 10.15
N LEU C 194 -7.28 -25.91 9.69
CA LEU C 194 -7.07 -26.69 8.48
C LEU C 194 -7.48 -28.15 8.65
N ARG C 195 -7.25 -28.70 9.86
CA ARG C 195 -7.66 -30.07 10.14
C ARG C 195 -9.19 -30.18 10.15
N LEU C 196 -9.85 -29.16 10.72
CA LEU C 196 -11.30 -29.08 10.69
C LEU C 196 -11.83 -28.97 9.26
N GLU C 197 -11.14 -28.19 8.42
CA GLU C 197 -11.55 -28.02 7.04
C GLU C 197 -11.37 -29.32 6.24
N GLY C 198 -10.28 -30.04 6.50
CA GLY C 198 -10.06 -31.34 5.89
C GLY C 198 -11.16 -32.34 6.24
N TYR C 199 -11.56 -32.34 7.52
CA TYR C 199 -12.67 -33.15 8.00
C TYR C 199 -13.98 -32.79 7.30
N ARG C 200 -14.29 -31.51 7.24
CA ARG C 200 -15.47 -31.04 6.52
C ARG C 200 -15.45 -31.46 5.05
N ALA C 201 -14.28 -31.36 4.42
CA ALA C 201 -14.13 -31.72 3.01
C ALA C 201 -14.47 -33.19 2.77
N ALA C 202 -13.94 -34.07 3.64
CA ALA C 202 -14.19 -35.49 3.50
C ALA C 202 -15.66 -35.82 3.72
N MET C 203 -16.27 -35.19 4.73
CA MET C 203 -17.67 -35.44 5.05
C MET C 203 -18.58 -34.97 3.91
N LYS C 204 -18.27 -33.80 3.32
CA LYS C 204 -19.06 -33.28 2.22
C LYS C 204 -18.96 -34.21 1.01
N ARG C 205 -17.74 -34.67 0.73
CA ARG C 205 -17.46 -35.56 -0.39
C ARG C 205 -18.22 -36.89 -0.24
N ALA C 206 -18.38 -37.36 0.99
CA ALA C 206 -19.19 -38.55 1.25
C ALA C 206 -20.68 -38.24 1.37
N GLY C 207 -21.09 -36.98 1.26
CA GLY C 207 -22.47 -36.62 1.53
C GLY C 207 -22.97 -36.89 2.95
N LEU C 208 -22.06 -36.95 3.92
CA LEU C 208 -22.42 -37.19 5.30
C LEU C 208 -22.73 -35.89 6.05
N ASN C 209 -23.86 -35.90 6.76
CA ASN C 209 -24.29 -34.78 7.57
C ASN C 209 -23.44 -34.70 8.83
N ILE C 210 -23.12 -33.46 9.23
CA ILE C 210 -22.45 -33.19 10.48
C ILE C 210 -23.48 -32.64 11.47
N PRO C 211 -23.94 -33.45 12.46
CA PRO C 211 -24.92 -32.97 13.44
C PRO C 211 -24.41 -31.78 14.23
N ASP C 212 -25.35 -30.96 14.74
CA ASP C 212 -25.00 -29.82 15.55
C ASP C 212 -24.10 -30.27 16.69
N GLY C 213 -23.00 -29.53 16.91
CA GLY C 213 -22.11 -29.78 18.03
C GLY C 213 -21.22 -31.01 17.90
N TYR C 214 -21.10 -31.57 16.69
CA TYR C 214 -20.16 -32.65 16.45
C TYR C 214 -18.74 -32.13 16.26
N GLU C 215 -18.60 -30.81 16.07
CA GLU C 215 -17.30 -30.16 15.99
C GLU C 215 -17.10 -29.38 17.27
N VAL C 216 -16.10 -29.79 18.08
CA VAL C 216 -15.91 -29.26 19.42
C VAL C 216 -14.46 -28.81 19.57
N THR C 217 -14.27 -27.66 20.21
CA THR C 217 -12.94 -27.09 20.35
C THR C 217 -12.27 -27.62 21.62
N GLY C 218 -11.00 -28.01 21.48
CA GLY C 218 -10.15 -28.35 22.62
C GLY C 218 -8.91 -27.46 22.58
N ASP C 219 -7.89 -27.83 23.36
CA ASP C 219 -6.72 -26.97 23.52
C ASP C 219 -5.42 -27.64 23.07
N PHE C 220 -5.54 -28.75 22.31
CA PHE C 220 -4.39 -29.53 21.87
C PHE C 220 -3.57 -30.09 23.05
N GLU C 221 -4.23 -30.30 24.19
CA GLU C 221 -3.62 -30.86 25.40
C GLU C 221 -4.50 -31.98 25.97
N PHE C 222 -3.94 -32.78 26.89
CA PHE C 222 -4.69 -33.87 27.48
C PHE C 222 -6.06 -33.42 27.97
N ASN C 223 -6.07 -32.34 28.76
CA ASN C 223 -7.29 -31.87 29.39
C ASN C 223 -8.38 -31.48 28.41
N GLY C 224 -8.00 -30.77 27.34
CA GLY C 224 -8.95 -30.37 26.32
C GLY C 224 -9.61 -31.56 25.64
N GLY C 225 -8.84 -32.63 25.41
CA GLY C 225 -9.38 -33.84 24.82
C GLY C 225 -10.44 -34.47 25.71
N PHE C 226 -10.19 -34.44 27.02
CA PHE C 226 -11.12 -34.99 28.00
C PHE C 226 -12.41 -34.19 28.04
N ASP C 227 -12.29 -32.88 28.18
CA ASP C 227 -13.42 -31.97 28.24
C ASP C 227 -14.24 -32.00 26.95
N ALA C 228 -13.56 -32.08 25.81
CA ALA C 228 -14.24 -32.10 24.52
C ALA C 228 -15.00 -33.39 24.35
N MET C 229 -14.40 -34.52 24.75
CA MET C 229 -15.04 -35.81 24.59
C MET C 229 -16.26 -35.93 25.52
N ARG C 230 -16.17 -35.38 26.73
N ARG C 230 -16.17 -35.38 26.74
CA ARG C 230 -17.32 -35.42 27.62
CA ARG C 230 -17.32 -35.40 27.64
C ARG C 230 -18.48 -34.59 27.08
C ARG C 230 -18.48 -34.60 27.08
N GLN C 231 -18.18 -33.51 26.36
CA GLN C 231 -19.18 -32.73 25.64
C GLN C 231 -19.85 -33.58 24.56
N LEU C 232 -19.05 -34.24 23.72
CA LEU C 232 -19.60 -35.12 22.70
C LEU C 232 -20.44 -36.27 23.28
N LEU C 233 -20.06 -36.74 24.47
CA LEU C 233 -20.78 -37.82 25.12
C LEU C 233 -22.11 -37.38 25.74
N SER C 234 -22.38 -36.08 25.75
CA SER C 234 -23.66 -35.56 26.16
C SER C 234 -24.61 -35.27 24.99
N HIS C 235 -24.17 -35.60 23.77
CA HIS C 235 -25.01 -35.51 22.58
C HIS C 235 -25.96 -36.70 22.57
N PRO C 236 -27.30 -36.49 22.50
CA PRO C 236 -28.25 -37.60 22.44
C PRO C 236 -27.97 -38.59 21.32
N LEU C 237 -27.61 -38.07 20.14
CA LEU C 237 -27.12 -38.89 19.05
C LEU C 237 -25.61 -39.00 19.19
N ARG C 238 -25.17 -40.15 19.71
CA ARG C 238 -23.79 -40.36 20.12
C ARG C 238 -22.92 -40.73 18.91
N PRO C 239 -21.72 -40.13 18.74
CA PRO C 239 -20.81 -40.50 17.68
C PRO C 239 -20.39 -41.97 17.68
N GLN C 240 -20.15 -42.50 16.48
CA GLN C 240 -19.51 -43.79 16.29
C GLN C 240 -17.98 -43.68 16.31
N ALA C 241 -17.47 -42.49 16.00
CA ALA C 241 -16.06 -42.29 15.75
C ALA C 241 -15.71 -40.83 15.97
N VAL C 242 -14.46 -40.58 16.38
CA VAL C 242 -14.01 -39.22 16.60
C VAL C 242 -12.60 -39.04 16.05
N PHE C 243 -12.45 -37.99 15.23
CA PHE C 243 -11.15 -37.47 14.84
C PHE C 243 -10.77 -36.43 15.90
N THR C 244 -9.62 -36.67 16.53
CA THR C 244 -9.24 -35.98 17.77
C THR C 244 -8.34 -34.75 17.71
N GLY C 245 -7.78 -34.42 16.54
CA GLY C 245 -7.13 -33.13 16.38
C GLY C 245 -5.63 -33.25 16.64
N ASN C 246 -5.27 -33.81 17.80
CA ASN C 246 -3.91 -34.29 18.03
C ASN C 246 -3.88 -35.45 19.02
N ASP C 247 -2.73 -36.12 19.11
CA ASP C 247 -2.58 -37.28 19.97
C ASP C 247 -2.74 -36.95 21.45
N ALA C 248 -2.29 -35.75 21.85
CA ALA C 248 -2.46 -35.32 23.22
C ALA C 248 -3.93 -35.35 23.62
N MET C 249 -4.80 -34.81 22.76
CA MET C 249 -6.21 -34.78 23.07
C MET C 249 -6.81 -36.18 23.05
N ALA C 250 -6.28 -37.06 22.19
CA ALA C 250 -6.68 -38.46 22.18
C ALA C 250 -6.45 -39.15 23.52
N VAL C 251 -5.40 -38.76 24.25
CA VAL C 251 -5.16 -39.28 25.59
C VAL C 251 -6.33 -38.92 26.51
N GLY C 252 -6.77 -37.64 26.44
CA GLY C 252 -7.94 -37.21 27.15
C GLY C 252 -9.21 -37.93 26.71
N VAL C 253 -9.36 -38.11 25.39
CA VAL C 253 -10.49 -38.85 24.84
C VAL C 253 -10.59 -40.26 25.43
N TYR C 254 -9.48 -41.01 25.40
CA TYR C 254 -9.42 -42.33 26.02
C TYR C 254 -9.89 -42.31 27.48
N GLN C 255 -9.43 -41.33 28.25
CA GLN C 255 -9.82 -41.28 29.66
C GLN C 255 -11.32 -41.07 29.78
N ALA C 256 -11.88 -40.19 28.95
CA ALA C 256 -13.30 -39.89 28.98
C ALA C 256 -14.11 -41.13 28.65
N LEU C 257 -13.69 -41.85 27.60
CA LEU C 257 -14.36 -43.07 27.17
C LEU C 257 -14.27 -44.14 28.25
N TYR C 258 -13.13 -44.23 28.92
CA TYR C 258 -12.95 -45.16 30.02
C TYR C 258 -13.97 -44.90 31.12
N GLN C 259 -14.11 -43.63 31.52
CA GLN C 259 -15.07 -43.26 32.54
C GLN C 259 -16.52 -43.46 32.09
N ALA C 260 -16.76 -43.31 30.77
CA ALA C 260 -18.07 -43.55 30.20
C ALA C 260 -18.36 -45.04 29.97
N GLU C 261 -17.40 -45.88 30.37
CA GLU C 261 -17.47 -47.32 30.17
C GLU C 261 -17.72 -47.70 28.71
N LEU C 262 -16.94 -47.08 27.82
CA LEU C 262 -16.97 -47.35 26.39
C LEU C 262 -15.61 -47.90 25.97
N GLN C 263 -15.63 -48.90 25.09
CA GLN C 263 -14.41 -49.51 24.57
C GLN C 263 -13.99 -48.86 23.26
N VAL C 264 -12.67 -48.87 23.03
CA VAL C 264 -12.07 -48.44 21.78
C VAL C 264 -11.45 -49.68 21.15
N PRO C 265 -11.74 -50.04 19.88
CA PRO C 265 -12.69 -49.32 19.03
C PRO C 265 -14.14 -49.82 19.04
N GLN C 266 -14.43 -50.86 19.82
CA GLN C 266 -15.69 -51.58 19.71
C GLN C 266 -16.90 -50.68 19.87
N ASP C 267 -16.84 -49.72 20.80
CA ASP C 267 -17.93 -48.77 20.97
C ASP C 267 -17.68 -47.49 20.19
N ILE C 268 -16.45 -46.94 20.28
CA ILE C 268 -16.10 -45.73 19.57
C ILE C 268 -14.70 -45.83 19.00
N ALA C 269 -14.57 -45.49 17.70
CA ALA C 269 -13.29 -45.46 17.02
C ALA C 269 -12.65 -44.08 17.21
N VAL C 270 -11.32 -44.07 17.32
CA VAL C 270 -10.56 -42.86 17.59
C VAL C 270 -9.39 -42.80 16.61
N ILE C 271 -9.16 -41.62 16.03
CA ILE C 271 -7.98 -41.39 15.23
C ILE C 271 -7.40 -40.05 15.67
N GLY C 272 -6.08 -40.04 15.91
CA GLY C 272 -5.38 -38.85 16.38
C GLY C 272 -4.66 -38.08 15.29
N TYR C 273 -3.68 -37.27 15.72
CA TYR C 273 -2.82 -36.52 14.81
C TYR C 273 -1.49 -36.24 15.49
N ASP C 274 -0.39 -36.64 14.81
CA ASP C 274 1.00 -36.31 15.15
C ASP C 274 1.87 -37.55 15.05
N ASP C 275 1.37 -38.67 15.58
CA ASP C 275 2.16 -39.87 15.84
C ASP C 275 3.31 -39.58 16.79
N ILE C 276 2.99 -39.07 17.99
CA ILE C 276 3.96 -39.03 19.06
C ILE C 276 4.30 -40.46 19.51
N GLU C 277 5.47 -40.62 20.14
CA GLU C 277 5.90 -41.94 20.55
C GLU C 277 4.82 -42.64 21.35
N LEU C 278 4.18 -41.88 22.24
CA LEU C 278 3.15 -42.41 23.12
C LEU C 278 1.99 -43.10 22.39
N ALA C 279 1.66 -42.62 21.18
CA ALA C 279 0.58 -43.19 20.38
C ALA C 279 0.67 -44.70 20.22
N SER C 280 1.88 -45.21 20.01
CA SER C 280 2.03 -46.63 19.74
C SER C 280 1.96 -47.49 21.01
N PHE C 281 2.06 -46.83 22.19
CA PHE C 281 1.94 -47.51 23.46
C PHE C 281 0.55 -47.43 24.09
N MET C 282 -0.38 -46.72 23.44
CA MET C 282 -1.70 -46.56 24.01
C MET C 282 -2.45 -47.89 23.88
N THR C 283 -3.55 -48.01 24.63
CA THR C 283 -4.28 -49.26 24.71
C THR C 283 -5.74 -49.04 24.34
N PRO C 284 -6.18 -49.30 23.09
CA PRO C 284 -5.33 -49.85 22.04
C PRO C 284 -4.38 -48.83 21.42
N PRO C 285 -3.31 -49.28 20.72
CA PRO C 285 -2.45 -48.37 19.98
C PRO C 285 -3.22 -47.43 19.05
N LEU C 286 -2.80 -46.16 19.01
CA LEU C 286 -3.61 -45.13 18.40
C LEU C 286 -3.35 -45.00 16.90
N THR C 287 -4.40 -45.26 16.11
CA THR C 287 -4.43 -44.86 14.72
C THR C 287 -4.31 -43.33 14.66
N THR C 288 -3.39 -42.83 13.86
CA THR C 288 -3.08 -41.41 13.88
C THR C 288 -2.42 -41.00 12.57
N ILE C 289 -2.30 -39.68 12.38
CA ILE C 289 -1.61 -39.11 11.24
C ILE C 289 -0.19 -38.73 11.66
N HIS C 290 0.80 -39.34 10.99
CA HIS C 290 2.20 -39.11 11.30
C HIS C 290 2.72 -37.83 10.65
N GLN C 291 3.09 -36.85 11.48
CA GLN C 291 3.90 -35.74 11.02
C GLN C 291 5.37 -36.16 10.97
N PRO C 292 6.09 -35.86 9.86
CA PRO C 292 7.51 -36.16 9.78
C PRO C 292 8.38 -35.14 10.52
N LYS C 293 8.51 -35.34 11.83
CA LYS C 293 9.05 -34.33 12.72
C LYS C 293 10.54 -34.11 12.47
N ASP C 294 11.26 -35.20 12.22
CA ASP C 294 12.68 -35.14 11.90
C ASP C 294 12.92 -34.35 10.61
N GLU C 295 12.10 -34.61 9.58
CA GLU C 295 12.23 -33.93 8.31
C GLU C 295 11.90 -32.45 8.46
N LEU C 296 10.87 -32.15 9.25
CA LEU C 296 10.50 -30.78 9.53
C LEU C 296 11.62 -30.02 10.22
N GLY C 297 12.29 -30.68 11.18
CA GLY C 297 13.42 -30.08 11.88
C GLY C 297 14.60 -29.82 10.95
N GLU C 298 14.92 -30.83 10.14
CA GLU C 298 16.01 -30.73 9.16
C GLU C 298 15.73 -29.61 8.17
N LEU C 299 14.49 -29.57 7.64
CA LEU C 299 14.11 -28.57 6.66
C LEU C 299 14.16 -27.16 7.25
N ALA C 300 13.63 -27.00 8.46
CA ALA C 300 13.63 -25.72 9.15
C ALA C 300 15.05 -25.20 9.38
N ILE C 301 15.95 -26.06 9.83
CA ILE C 301 17.34 -25.67 10.04
C ILE C 301 18.00 -25.31 8.70
N ASP C 302 17.79 -26.17 7.70
CA ASP C 302 18.33 -25.94 6.37
C ASP C 302 17.90 -24.58 5.80
N VAL C 303 16.61 -24.27 5.93
CA VAL C 303 16.09 -23.00 5.45
C VAL C 303 16.69 -21.83 6.20
N LEU C 304 16.72 -21.93 7.54
CA LEU C 304 17.24 -20.88 8.39
C LEU C 304 18.71 -20.60 8.06
N ILE C 305 19.51 -21.65 7.93
CA ILE C 305 20.92 -21.51 7.55
C ILE C 305 21.06 -20.87 6.18
N HIS C 306 20.23 -21.30 5.22
CA HIS C 306 20.21 -20.72 3.90
C HIS C 306 19.97 -19.22 3.98
N ARG C 307 18.95 -18.82 4.76
CA ARG C 307 18.61 -17.42 4.89
C ARG C 307 19.68 -16.62 5.65
N ILE C 308 20.36 -17.27 6.61
CA ILE C 308 21.44 -16.62 7.33
C ILE C 308 22.51 -16.20 6.33
N THR C 309 22.89 -17.14 5.45
CA THR C 309 23.98 -16.93 4.51
C THR C 309 23.55 -16.09 3.30
N GLN C 310 22.27 -16.14 2.95
CA GLN C 310 21.73 -15.42 1.81
C GLN C 310 20.44 -14.70 2.19
N PRO C 311 20.53 -13.50 2.82
CA PRO C 311 19.36 -12.78 3.31
C PRO C 311 18.29 -12.49 2.26
N THR C 312 18.71 -12.30 1.01
CA THR C 312 17.79 -11.95 -0.06
C THR C 312 16.97 -13.13 -0.59
N LEU C 313 17.19 -14.34 -0.04
CA LEU C 313 16.44 -15.51 -0.44
C LEU C 313 14.93 -15.24 -0.31
N GLN C 314 14.16 -15.74 -1.28
CA GLN C 314 12.73 -15.50 -1.33
C GLN C 314 12.02 -16.32 -0.26
N GLN C 315 10.88 -15.82 0.21
CA GLN C 315 10.12 -16.46 1.29
C GLN C 315 9.81 -17.92 1.00
N GLN C 316 10.03 -18.78 1.99
CA GLN C 316 9.72 -20.21 1.89
C GLN C 316 8.50 -20.52 2.75
N ARG C 317 7.44 -21.03 2.11
CA ARG C 317 6.31 -21.61 2.82
C ARG C 317 6.20 -23.07 2.38
N LEU C 318 6.69 -24.00 3.20
CA LEU C 318 6.84 -25.39 2.81
C LEU C 318 5.98 -26.30 3.68
N GLN C 319 5.31 -27.27 3.04
CA GLN C 319 4.42 -28.20 3.71
C GLN C 319 4.81 -29.63 3.38
N LEU C 320 5.14 -30.41 4.41
CA LEU C 320 5.46 -31.81 4.22
C LEU C 320 4.19 -32.64 4.35
N THR C 321 4.10 -33.68 3.54
CA THR C 321 2.95 -34.56 3.52
C THR C 321 2.97 -35.50 4.72
N PRO C 322 1.88 -35.57 5.51
CA PRO C 322 1.76 -36.57 6.56
C PRO C 322 1.28 -37.93 6.05
N ILE C 323 1.41 -38.97 6.90
CA ILE C 323 1.03 -40.32 6.51
C ILE C 323 0.20 -40.98 7.62
N LEU C 324 -0.87 -41.67 7.20
CA LEU C 324 -1.75 -42.41 8.09
C LEU C 324 -1.01 -43.61 8.69
N MET C 325 -1.07 -43.75 10.01
CA MET C 325 -0.55 -44.91 10.71
C MET C 325 -1.74 -45.71 11.22
N GLU C 326 -1.99 -46.87 10.62
CA GLU C 326 -3.10 -47.70 11.04
C GLU C 326 -2.69 -48.56 12.23
N ARG C 327 -3.43 -48.44 13.32
CA ARG C 327 -3.21 -49.26 14.50
C ARG C 327 -4.58 -49.77 14.96
N GLY C 328 -4.82 -49.85 16.27
CA GLY C 328 -5.96 -50.58 16.79
C GLY C 328 -7.18 -49.76 17.22
N SER C 329 -7.05 -48.43 17.24
CA SER C 329 -8.12 -47.57 17.76
C SER C 329 -9.20 -47.27 16.72
N ALA C 330 -8.88 -47.58 15.46
CA ALA C 330 -9.73 -47.27 14.32
C ALA C 330 -9.07 -47.84 13.06
N GLN D 58 -6.67 30.27 47.96
CA GLN D 58 -5.22 30.16 47.74
C GLN D 58 -4.48 29.96 49.06
N THR D 59 -3.31 29.33 48.98
CA THR D 59 -2.38 29.24 50.09
C THR D 59 -0.95 29.65 49.72
N HIS D 60 -0.76 30.11 48.49
CA HIS D 60 0.56 30.47 47.98
C HIS D 60 1.53 29.30 48.10
N THR D 61 1.03 28.09 47.86
CA THR D 61 1.82 26.87 47.99
C THR D 61 1.70 26.05 46.71
N ILE D 62 2.83 25.52 46.25
CA ILE D 62 2.88 24.65 45.10
C ILE D 62 3.26 23.26 45.61
N GLY D 63 2.55 22.24 45.14
CA GLY D 63 2.87 20.85 45.46
C GLY D 63 3.69 20.25 44.32
N MET D 64 4.57 19.31 44.66
CA MET D 64 5.33 18.62 43.63
C MET D 64 5.43 17.14 43.98
N LEU D 65 4.99 16.31 43.04
CA LEU D 65 4.95 14.87 43.20
C LEU D 65 6.13 14.33 42.40
N ILE D 66 7.08 13.71 43.10
CA ILE D 66 8.36 13.34 42.50
C ILE D 66 8.59 11.83 42.63
N THR D 67 9.39 11.30 41.70
CA THR D 67 9.93 9.96 41.76
C THR D 67 10.78 9.73 43.00
N ALA D 68 10.85 8.45 43.41
CA ALA D 68 11.73 8.02 44.47
C ALA D 68 13.17 7.71 44.01
N SER D 69 13.45 7.84 42.70
CA SER D 69 14.80 7.66 42.18
C SER D 69 15.82 8.54 42.89
N THR D 70 17.01 7.99 43.12
CA THR D 70 18.13 8.75 43.66
C THR D 70 19.13 9.16 42.57
N ASN D 71 18.78 8.96 41.30
CA ASN D 71 19.48 9.60 40.20
C ASN D 71 19.60 11.09 40.54
N PRO D 72 20.82 11.64 40.70
CA PRO D 72 20.99 13.01 41.16
C PRO D 72 20.29 14.07 40.30
N PHE D 73 20.00 13.73 39.04
CA PHE D 73 19.28 14.64 38.15
C PHE D 73 18.04 15.23 38.82
N TYR D 74 17.23 14.37 39.47
CA TYR D 74 15.96 14.81 40.03
C TYR D 74 16.12 15.80 41.19
N SER D 75 17.05 15.52 42.12
CA SER D 75 17.36 16.45 43.19
C SER D 75 17.77 17.83 42.67
N GLU D 76 18.58 17.82 41.61
CA GLU D 76 19.11 19.05 41.06
C GLU D 76 17.99 19.87 40.44
N LEU D 77 17.04 19.18 39.77
CA LEU D 77 15.89 19.82 39.17
C LEU D 77 14.96 20.39 40.25
N VAL D 78 14.70 19.59 41.30
CA VAL D 78 13.93 20.04 42.44
C VAL D 78 14.54 21.29 43.05
N ARG D 79 15.86 21.32 43.18
CA ARG D 79 16.54 22.44 43.80
C ARG D 79 16.29 23.71 42.98
N GLY D 80 16.28 23.58 41.66
CA GLY D 80 15.96 24.69 40.76
C GLY D 80 14.55 25.22 40.94
N VAL D 81 13.59 24.29 41.04
CA VAL D 81 12.19 24.63 41.30
C VAL D 81 12.06 25.35 42.62
N GLU D 82 12.72 24.83 43.66
CA GLU D 82 12.70 25.40 45.00
C GLU D 82 13.14 26.86 44.96
N ARG D 83 14.26 27.14 44.28
CA ARG D 83 14.79 28.49 44.20
C ARG D 83 13.80 29.43 43.50
N SER D 84 13.22 28.96 42.39
CA SER D 84 12.23 29.74 41.68
C SER D 84 11.01 30.08 42.53
N CYS D 85 10.54 29.10 43.32
CA CYS D 85 9.41 29.30 44.21
C CYS D 85 9.69 30.38 45.24
N PHE D 86 10.84 30.26 45.93
CA PHE D 86 11.25 31.23 46.92
C PHE D 86 11.20 32.62 46.30
N GLU D 87 11.93 32.79 45.19
CA GLU D 87 12.03 34.08 44.51
C GLU D 87 10.67 34.65 44.15
N ARG D 88 9.68 33.79 43.87
CA ARG D 88 8.33 34.23 43.55
C ARG D 88 7.43 34.33 44.79
N GLY D 89 7.98 34.04 45.96
CA GLY D 89 7.24 34.13 47.21
C GLY D 89 6.24 32.99 47.44
N TYR D 90 6.52 31.85 46.81
CA TYR D 90 5.72 30.63 46.96
C TYR D 90 6.49 29.60 47.76
N SER D 91 5.75 28.78 48.52
CA SER D 91 6.32 27.66 49.26
C SER D 91 6.18 26.40 48.41
N LEU D 92 7.06 25.43 48.62
CA LEU D 92 7.05 24.19 47.85
C LEU D 92 6.97 22.98 48.78
N VAL D 93 5.99 22.12 48.55
CA VAL D 93 5.80 20.92 49.36
C VAL D 93 5.93 19.70 48.47
N LEU D 94 6.63 18.66 48.92
CA LEU D 94 7.01 17.55 48.06
C LEU D 94 6.48 16.22 48.59
N CYS D 95 6.22 15.28 47.66
CA CYS D 95 5.79 13.94 48.00
C CYS D 95 6.47 12.93 47.07
N ASN D 96 7.12 11.89 47.63
CA ASN D 96 7.62 10.79 46.83
C ASN D 96 6.47 9.87 46.39
N THR D 97 6.63 9.26 45.21
CA THR D 97 5.71 8.24 44.75
C THR D 97 6.50 7.11 44.11
N GLU D 98 6.02 5.87 44.28
CA GLU D 98 6.63 4.71 43.66
C GLU D 98 5.58 3.63 43.57
N GLY D 99 6.00 2.36 43.46
CA GLY D 99 5.09 1.23 43.46
C GLY D 99 3.89 1.33 42.54
N ASP D 100 2.76 0.76 43.00
CA ASP D 100 1.56 0.55 42.22
C ASP D 100 0.77 1.84 41.96
N GLU D 101 -0.49 1.69 41.57
CA GLU D 101 -1.37 2.78 41.23
C GLU D 101 -2.06 3.36 42.46
N GLN D 102 -2.59 2.49 43.32
CA GLN D 102 -3.24 2.93 44.55
C GLN D 102 -2.25 3.59 45.51
N ARG D 103 -0.99 3.16 45.46
CA ARG D 103 0.07 3.83 46.18
C ARG D 103 0.26 5.26 45.68
N MET D 104 0.39 5.41 44.36
CA MET D 104 0.57 6.69 43.71
C MET D 104 -0.63 7.62 43.90
N ASN D 105 -1.84 7.04 43.93
CA ASN D 105 -3.06 7.80 44.19
C ASN D 105 -3.15 8.28 45.63
N ARG D 106 -2.67 7.48 46.58
CA ARG D 106 -2.62 7.85 47.98
C ARG D 106 -1.74 9.09 48.15
N ASN D 107 -0.57 9.09 47.51
CA ASN D 107 0.37 10.19 47.62
C ASN D 107 -0.21 11.49 47.05
N LEU D 108 -0.77 11.38 45.84
CA LEU D 108 -1.40 12.52 45.19
C LEU D 108 -2.54 13.09 46.04
N GLU D 109 -3.37 12.21 46.61
CA GLU D 109 -4.50 12.64 47.43
C GLU D 109 -4.03 13.37 48.67
N THR D 110 -2.89 12.95 49.24
CA THR D 110 -2.32 13.62 50.40
C THR D 110 -1.86 15.04 50.08
N LEU D 111 -1.17 15.19 48.97
CA LEU D 111 -0.76 16.49 48.47
C LEU D 111 -1.94 17.43 48.25
N MET D 112 -3.01 16.92 47.64
CA MET D 112 -4.20 17.69 47.36
C MET D 112 -4.89 18.09 48.66
N GLN D 113 -4.84 17.20 49.65
CA GLN D 113 -5.44 17.45 50.95
C GLN D 113 -4.69 18.54 51.72
N LYS D 114 -3.41 18.76 51.38
CA LYS D 114 -2.65 19.88 51.90
C LYS D 114 -3.08 21.23 51.32
N ARG D 115 -3.89 21.21 50.26
CA ARG D 115 -4.51 22.40 49.69
C ARG D 115 -3.49 23.28 48.97
N VAL D 116 -2.80 22.73 47.98
CA VAL D 116 -1.85 23.48 47.17
C VAL D 116 -2.57 24.21 46.04
N ASP D 117 -1.96 25.30 45.54
CA ASP D 117 -2.54 26.11 44.49
C ASP D 117 -2.32 25.48 43.10
N GLY D 118 -1.22 24.73 42.99
CA GLY D 118 -0.84 24.12 41.72
C GLY D 118 0.06 22.91 41.97
N LEU D 119 0.23 22.11 40.92
CA LEU D 119 0.91 20.82 41.04
C LEU D 119 1.96 20.66 39.94
N LEU D 120 3.17 20.28 40.34
CA LEU D 120 4.22 19.90 39.42
C LEU D 120 4.43 18.39 39.50
N LEU D 121 4.47 17.72 38.34
CA LEU D 121 4.72 16.28 38.28
C LEU D 121 6.10 16.04 37.70
N LEU D 122 6.90 15.24 38.40
CA LEU D 122 8.22 14.83 37.91
C LEU D 122 8.37 13.32 38.13
N CYS D 123 7.91 12.54 37.15
CA CYS D 123 7.77 11.11 37.29
C CYS D 123 8.79 10.32 36.47
N THR D 124 8.99 9.06 36.88
CA THR D 124 9.72 8.07 36.09
C THR D 124 8.82 6.92 35.66
N GLU D 125 7.77 6.65 36.47
CA GLU D 125 6.78 5.63 36.17
C GLU D 125 5.51 6.24 35.60
N THR D 126 4.95 5.59 34.57
CA THR D 126 3.67 5.98 34.00
C THR D 126 2.56 5.75 35.04
N HIS D 127 1.58 6.65 35.02
CA HIS D 127 0.44 6.57 35.91
C HIS D 127 -0.73 7.39 35.37
N GLN D 128 -1.85 6.72 35.11
CA GLN D 128 -3.11 7.37 34.79
C GLN D 128 -3.71 8.01 36.04
N PRO D 129 -4.08 9.31 36.02
CA PRO D 129 -4.63 9.94 37.21
C PRO D 129 -6.04 9.44 37.50
N SER D 130 -6.33 9.11 38.77
CA SER D 130 -7.64 8.58 39.10
C SER D 130 -8.68 9.66 38.80
N ARG D 131 -9.80 9.24 38.18
CA ARG D 131 -10.91 10.15 37.94
C ARG D 131 -11.46 10.63 39.28
N GLU D 132 -11.32 9.78 40.31
CA GLU D 132 -11.82 10.07 41.65
C GLU D 132 -11.13 11.30 42.25
N ILE D 133 -9.81 11.38 42.06
CA ILE D 133 -9.03 12.46 42.62
C ILE D 133 -9.32 13.75 41.83
N MET D 134 -9.35 13.64 40.49
CA MET D 134 -9.60 14.80 39.64
C MET D 134 -10.96 15.40 39.95
N GLN D 135 -11.96 14.52 40.17
CA GLN D 135 -13.31 14.97 40.50
C GLN D 135 -13.40 15.74 41.81
N ARG D 136 -12.46 15.46 42.72
CA ARG D 136 -12.52 16.01 44.07
C ARG D 136 -11.83 17.37 44.13
N TYR D 137 -10.85 17.56 43.23
CA TYR D 137 -10.10 18.81 43.16
C TYR D 137 -10.07 19.27 41.70
N PRO D 138 -11.21 19.77 41.16
CA PRO D 138 -11.24 20.33 39.81
C PRO D 138 -10.33 21.56 39.61
N THR D 139 -10.13 22.33 40.68
CA THR D 139 -9.54 23.65 40.60
C THR D 139 -8.04 23.68 40.30
N VAL D 140 -7.34 22.56 40.55
CA VAL D 140 -5.89 22.62 40.71
C VAL D 140 -5.16 22.31 39.41
N PRO D 141 -4.50 23.30 38.77
CA PRO D 141 -3.75 23.03 37.55
C PRO D 141 -2.46 22.25 37.79
N THR D 142 -2.10 21.42 36.80
CA THR D 142 -0.92 20.58 36.89
C THR D 142 0.01 20.92 35.73
N VAL D 143 1.30 21.03 36.03
CA VAL D 143 2.33 21.20 35.03
C VAL D 143 3.25 20.00 35.13
N MET D 144 3.57 19.39 34.00
CA MET D 144 4.41 18.21 33.97
C MET D 144 5.82 18.61 33.55
N MET D 145 6.81 18.08 34.28
CA MET D 145 8.20 18.37 33.99
C MET D 145 8.84 17.15 33.36
N ASP D 146 9.70 17.42 32.36
CA ASP D 146 10.59 16.45 31.74
C ASP D 146 9.85 15.55 30.75
N TRP D 147 8.73 14.96 31.20
CA TRP D 147 8.04 13.92 30.48
C TRP D 147 6.56 13.89 30.88
N ALA D 148 5.67 13.56 29.92
CA ALA D 148 4.27 13.37 30.21
C ALA D 148 3.97 11.90 30.54
N PRO D 149 3.75 11.52 31.83
CA PRO D 149 3.43 10.15 32.18
C PRO D 149 2.20 9.61 31.46
N PHE D 150 1.23 10.49 31.18
CA PHE D 150 -0.03 10.08 30.58
C PHE D 150 -0.62 10.97 29.49
N ASP D 151 0.20 11.83 28.88
CA ASP D 151 -0.29 12.76 27.86
C ASP D 151 -1.20 13.82 28.46
N GLY D 152 -2.44 13.95 27.95
CA GLY D 152 -3.44 14.81 28.55
C GLY D 152 -3.43 16.23 27.98
N ASP D 153 -4.18 17.14 28.62
CA ASP D 153 -4.17 18.54 28.27
C ASP D 153 -3.22 19.37 29.15
N SER D 154 -2.42 18.69 29.98
CA SER D 154 -1.57 19.39 30.94
C SER D 154 -0.35 20.01 30.26
N ASP D 155 0.10 21.15 30.77
CA ASP D 155 1.31 21.80 30.29
C ASP D 155 2.53 20.90 30.49
N LEU D 156 3.52 21.01 29.59
CA LEU D 156 4.72 20.20 29.65
C LEU D 156 5.95 21.07 29.44
N ILE D 157 6.89 20.99 30.38
CA ILE D 157 8.12 21.78 30.35
C ILE D 157 9.29 20.79 30.42
N GLN D 158 10.14 20.82 29.39
CA GLN D 158 11.20 19.83 29.23
C GLN D 158 12.31 20.40 28.37
N ASP D 159 13.41 19.64 28.24
CA ASP D 159 14.46 19.99 27.30
C ASP D 159 14.08 19.46 25.92
N ASN D 160 14.95 19.74 24.96
CA ASN D 160 14.81 19.19 23.62
C ASN D 160 15.77 18.01 23.44
N SER D 161 15.28 16.81 23.79
CA SER D 161 16.10 15.61 23.82
C SER D 161 16.39 15.00 22.46
N LEU D 162 15.53 15.27 21.47
CA LEU D 162 15.82 14.86 20.10
C LEU D 162 17.06 15.58 19.59
N LEU D 163 17.06 16.90 19.73
CA LEU D 163 18.25 17.70 19.43
C LEU D 163 19.43 17.27 20.30
N GLY D 164 19.17 17.05 21.59
CA GLY D 164 20.20 16.65 22.52
C GLY D 164 20.98 15.41 22.10
N GLY D 165 20.24 14.33 21.75
CA GLY D 165 20.85 13.09 21.32
C GLY D 165 21.61 13.21 20.00
N ASP D 166 21.12 14.10 19.13
CA ASP D 166 21.77 14.38 17.86
C ASP D 166 23.10 15.10 18.10
N LEU D 167 23.07 16.18 18.89
CA LEU D 167 24.28 16.88 19.30
C LEU D 167 25.35 15.96 19.86
N ALA D 168 24.94 15.07 20.77
CA ALA D 168 25.87 14.18 21.45
C ALA D 168 26.54 13.26 20.42
N THR D 169 25.72 12.70 19.51
CA THR D 169 26.20 11.74 18.54
C THR D 169 27.06 12.44 17.48
N GLN D 170 26.60 13.60 17.02
CA GLN D 170 27.35 14.39 16.04
C GLN D 170 28.73 14.75 16.59
N TYR D 171 28.78 15.09 17.88
CA TYR D 171 30.04 15.40 18.55
C TYR D 171 31.03 14.26 18.39
N LEU D 172 30.59 13.04 18.68
CA LEU D 172 31.43 11.85 18.52
C LEU D 172 31.88 11.65 17.07
N ILE D 173 30.94 11.82 16.15
CA ILE D 173 31.22 11.73 14.72
C ILE D 173 32.29 12.75 14.33
N ASP D 174 32.14 13.99 14.80
CA ASP D 174 33.11 15.04 14.55
C ASP D 174 34.49 14.75 15.16
N LYS D 175 34.54 14.00 16.25
CA LYS D 175 35.82 13.58 16.82
C LYS D 175 36.44 12.39 16.09
N GLY D 176 35.76 11.90 15.04
CA GLY D 176 36.33 10.88 14.16
C GLY D 176 35.94 9.44 14.49
N HIS D 177 35.01 9.24 15.42
CA HIS D 177 34.57 7.89 15.75
C HIS D 177 33.54 7.44 14.72
N THR D 178 33.64 6.17 14.31
CA THR D 178 32.67 5.57 13.40
C THR D 178 31.89 4.44 14.06
N ARG D 179 32.51 3.73 15.01
CA ARG D 179 31.84 2.67 15.74
C ARG D 179 31.25 3.22 17.05
N ILE D 180 30.03 3.76 16.94
CA ILE D 180 29.38 4.45 18.04
C ILE D 180 28.16 3.69 18.53
N ALA D 181 28.17 3.34 19.82
CA ALA D 181 27.05 2.67 20.45
C ALA D 181 26.16 3.68 21.18
N CYS D 182 24.94 3.23 21.51
CA CYS D 182 23.96 4.08 22.16
C CYS D 182 23.27 3.28 23.26
N ILE D 183 23.41 3.76 24.50
CA ILE D 183 22.66 3.21 25.62
C ILE D 183 21.44 4.10 25.82
N THR D 184 20.25 3.50 25.75
CA THR D 184 19.00 4.24 25.91
C THR D 184 18.45 4.11 27.32
N GLY D 185 17.65 5.09 27.73
CA GLY D 185 16.74 4.90 28.86
C GLY D 185 15.64 3.92 28.48
N PRO D 186 14.67 3.64 29.36
CA PRO D 186 13.52 2.81 28.99
C PRO D 186 12.73 3.41 27.84
N LEU D 187 12.46 2.62 26.80
CA LEU D 187 11.97 3.19 25.55
C LEU D 187 10.51 3.62 25.60
N ASP D 188 9.76 3.17 26.63
CA ASP D 188 8.42 3.68 26.86
C ASP D 188 8.43 5.04 27.57
N LYS D 189 9.62 5.55 27.89
CA LYS D 189 9.79 6.91 28.37
C LYS D 189 10.27 7.82 27.23
N THR D 190 9.51 8.87 26.94
CA THR D 190 9.67 9.61 25.70
C THR D 190 11.05 10.23 25.51
N PRO D 191 11.66 10.88 26.54
CA PRO D 191 13.00 11.43 26.38
C PRO D 191 14.05 10.42 25.95
N ALA D 192 13.90 9.17 26.40
CA ALA D 192 14.79 8.09 25.99
C ALA D 192 14.64 7.78 24.51
N ARG D 193 13.39 7.67 24.05
CA ARG D 193 13.10 7.41 22.64
C ARG D 193 13.65 8.53 21.77
N LEU D 194 13.44 9.79 22.19
CA LEU D 194 13.89 10.93 21.42
C LEU D 194 15.41 10.99 21.31
N ARG D 195 16.11 10.62 22.40
CA ARG D 195 17.57 10.59 22.38
C ARG D 195 18.09 9.52 21.43
N LEU D 196 17.42 8.37 21.43
CA LEU D 196 17.74 7.31 20.48
C LEU D 196 17.50 7.77 19.03
N GLU D 197 16.40 8.50 18.81
CA GLU D 197 16.08 8.98 17.48
C GLU D 197 17.09 10.03 17.01
N GLY D 198 17.53 10.90 17.93
CA GLY D 198 18.57 11.87 17.62
C GLY D 198 19.88 11.21 17.22
N TYR D 199 20.25 10.14 17.94
CA TYR D 199 21.42 9.33 17.63
C TYR D 199 21.31 8.70 16.23
N ARG D 200 20.17 8.07 15.96
CA ARG D 200 19.91 7.50 14.65
C ARG D 200 20.00 8.54 13.54
N ALA D 201 19.46 9.72 13.80
CA ALA D 201 19.45 10.80 12.82
C ALA D 201 20.88 11.21 12.46
N ALA D 202 21.74 11.37 13.46
CA ALA D 202 23.11 11.78 13.22
C ALA D 202 23.89 10.69 12.46
N MET D 203 23.67 9.43 12.83
CA MET D 203 24.35 8.32 12.18
C MET D 203 23.94 8.20 10.71
N LYS D 204 22.63 8.37 10.45
CA LYS D 204 22.12 8.29 9.08
C LYS D 204 22.70 9.42 8.23
N ARG D 205 22.73 10.62 8.81
CA ARG D 205 23.25 11.80 8.14
C ARG D 205 24.73 11.65 7.78
N ALA D 206 25.49 10.96 8.64
CA ALA D 206 26.88 10.63 8.35
C ALA D 206 26.77 9.36 7.50
N GLY D 207 27.87 8.66 7.21
CA GLY D 207 27.73 7.40 6.49
C GLY D 207 26.96 6.30 7.26
N LEU D 208 26.86 6.42 8.59
CA LEU D 208 27.40 5.39 9.45
C LEU D 208 26.41 4.28 9.78
N ASN D 209 26.87 3.04 9.60
CA ASN D 209 26.09 1.87 9.93
C ASN D 209 26.03 1.71 11.44
N ILE D 210 24.87 1.27 11.95
CA ILE D 210 24.70 0.90 13.35
C ILE D 210 24.68 -0.62 13.42
N PRO D 211 25.76 -1.29 13.87
CA PRO D 211 25.77 -2.76 13.96
C PRO D 211 24.66 -3.29 14.86
N ASP D 212 24.23 -4.53 14.62
CA ASP D 212 23.21 -5.13 15.46
C ASP D 212 23.69 -5.10 16.91
N GLY D 213 22.80 -4.69 17.82
CA GLY D 213 23.11 -4.69 19.24
C GLY D 213 24.02 -3.57 19.72
N TYR D 214 24.25 -2.55 18.89
CA TYR D 214 24.93 -1.34 19.31
C TYR D 214 23.95 -0.38 20.03
N GLU D 215 22.65 -0.67 19.95
CA GLU D 215 21.65 0.04 20.73
C GLU D 215 21.18 -0.87 21.86
N VAL D 216 21.45 -0.47 23.11
CA VAL D 216 21.07 -1.26 24.27
C VAL D 216 20.25 -0.40 25.24
N THR D 217 19.23 -1.02 25.83
CA THR D 217 18.37 -0.32 26.76
C THR D 217 18.94 -0.43 28.17
N GLY D 218 18.94 0.69 28.90
CA GLY D 218 19.15 0.69 30.33
C GLY D 218 17.96 1.30 31.05
N ASP D 219 18.16 1.69 32.32
CA ASP D 219 17.07 2.13 33.17
C ASP D 219 17.26 3.57 33.66
N PHE D 220 18.16 4.32 33.04
CA PHE D 220 18.48 5.68 33.46
C PHE D 220 19.01 5.76 34.90
N GLU D 221 19.62 4.67 35.37
CA GLU D 221 20.20 4.56 36.70
C GLU D 221 21.60 3.95 36.58
N PHE D 222 22.39 4.05 37.66
CA PHE D 222 23.74 3.52 37.67
C PHE D 222 23.78 2.07 37.16
N ASN D 223 22.89 1.23 37.72
CA ASN D 223 22.91 -0.20 37.43
C ASN D 223 22.69 -0.51 35.95
N GLY D 224 21.72 0.19 35.34
CA GLY D 224 21.40 0.00 33.93
C GLY D 224 22.59 0.33 33.03
N GLY D 225 23.32 1.38 33.39
CA GLY D 225 24.51 1.76 32.65
C GLY D 225 25.56 0.66 32.65
N PHE D 226 25.71 0.02 33.83
CA PHE D 226 26.67 -1.04 34.01
C PHE D 226 26.30 -2.28 33.18
N ASP D 227 25.05 -2.71 33.32
CA ASP D 227 24.54 -3.87 32.60
C ASP D 227 24.58 -3.67 31.09
N ALA D 228 24.24 -2.45 30.64
CA ALA D 228 24.23 -2.15 29.22
C ALA D 228 25.64 -2.16 28.66
N MET D 229 26.59 -1.59 29.41
CA MET D 229 27.96 -1.51 28.93
C MET D 229 28.60 -2.89 28.87
N ARG D 230 28.28 -3.77 29.84
CA ARG D 230 28.81 -5.13 29.79
C ARG D 230 28.30 -5.89 28.58
N GLN D 231 27.06 -5.61 28.17
N GLN D 231 27.06 -5.61 28.17
CA GLN D 231 26.51 -6.17 26.95
CA GLN D 231 26.49 -6.16 26.94
C GLN D 231 27.28 -5.69 25.71
C GLN D 231 27.28 -5.69 25.71
N LEU D 232 27.51 -4.39 25.62
CA LEU D 232 28.31 -3.83 24.54
C LEU D 232 29.73 -4.37 24.49
N LEU D 233 30.29 -4.67 25.67
CA LEU D 233 31.64 -5.19 25.77
C LEU D 233 31.76 -6.65 25.36
N SER D 234 30.62 -7.30 25.12
CA SER D 234 30.63 -8.64 24.57
C SER D 234 30.46 -8.68 23.06
N HIS D 235 30.42 -7.53 22.39
CA HIS D 235 30.51 -7.47 20.94
C HIS D 235 31.94 -7.67 20.47
N PRO D 236 32.24 -8.68 19.63
CA PRO D 236 33.62 -8.90 19.16
C PRO D 236 34.23 -7.67 18.51
N LEU D 237 33.43 -6.98 17.69
CA LEU D 237 33.83 -5.70 17.14
C LEU D 237 33.36 -4.62 18.12
N ARG D 238 34.33 -4.13 18.89
CA ARG D 238 34.11 -3.32 20.07
C ARG D 238 33.87 -1.88 19.68
N PRO D 239 32.87 -1.19 20.28
CA PRO D 239 32.69 0.23 20.04
C PRO D 239 33.91 1.08 20.39
N GLN D 240 34.09 2.16 19.60
CA GLN D 240 35.08 3.17 19.88
C GLN D 240 34.55 4.23 20.83
N ALA D 241 33.21 4.37 20.87
CA ALA D 241 32.58 5.43 21.61
C ALA D 241 31.15 5.02 21.96
N VAL D 242 30.65 5.55 23.08
CA VAL D 242 29.29 5.27 23.50
C VAL D 242 28.60 6.53 23.98
N PHE D 243 27.41 6.77 23.43
CA PHE D 243 26.48 7.77 23.93
C PHE D 243 25.61 7.07 24.96
N THR D 244 25.62 7.60 26.19
CA THR D 244 25.11 6.90 27.35
C THR D 244 23.68 7.16 27.83
N GLY D 245 22.99 8.15 27.28
CA GLY D 245 21.56 8.29 27.56
C GLY D 245 21.28 9.22 28.73
N ASN D 246 21.95 8.97 29.86
CA ASN D 246 22.08 9.97 30.91
C ASN D 246 23.37 9.76 31.72
N ASP D 247 23.71 10.77 32.53
CA ASP D 247 24.92 10.74 33.33
C ASP D 247 24.91 9.64 34.37
N ALA D 248 23.75 9.32 34.93
CA ALA D 248 23.66 8.22 35.87
C ALA D 248 24.17 6.93 35.25
N MET D 249 23.74 6.63 34.01
CA MET D 249 24.15 5.41 33.35
C MET D 249 25.64 5.47 33.00
N ALA D 250 26.16 6.67 32.70
CA ALA D 250 27.59 6.87 32.48
C ALA D 250 28.42 6.44 33.68
N VAL D 251 27.90 6.62 34.89
CA VAL D 251 28.57 6.16 36.11
C VAL D 251 28.71 4.64 36.07
N GLY D 252 27.64 3.94 35.70
CA GLY D 252 27.68 2.50 35.47
C GLY D 252 28.65 2.10 34.36
N VAL D 253 28.61 2.85 33.25
CA VAL D 253 29.54 2.63 32.15
C VAL D 253 30.99 2.68 32.61
N TYR D 254 31.38 3.74 33.32
CA TYR D 254 32.71 3.86 33.90
C TYR D 254 33.09 2.65 34.76
N GLN D 255 32.18 2.17 35.58
CA GLN D 255 32.48 1.03 36.44
C GLN D 255 32.76 -0.19 35.58
N ALA D 256 31.96 -0.39 34.53
CA ALA D 256 32.13 -1.52 33.64
C ALA D 256 33.48 -1.46 32.94
N LEU D 257 33.83 -0.28 32.43
CA LEU D 257 35.09 -0.06 31.74
C LEU D 257 36.28 -0.26 32.68
N TYR D 258 36.13 0.17 33.93
CA TYR D 258 37.15 -0.04 34.94
C TYR D 258 37.42 -1.54 35.12
N GLN D 259 36.34 -2.33 35.27
CA GLN D 259 36.48 -3.76 35.45
C GLN D 259 37.02 -4.44 34.18
N ALA D 260 36.71 -3.87 33.02
CA ALA D 260 37.21 -4.38 31.74
C ALA D 260 38.64 -3.92 31.46
N GLU D 261 39.22 -3.17 32.41
CA GLU D 261 40.54 -2.59 32.27
C GLU D 261 40.70 -1.78 31.00
N LEU D 262 39.73 -0.89 30.77
CA LEU D 262 39.72 0.01 29.62
C LEU D 262 39.78 1.46 30.11
N GLN D 263 40.54 2.28 29.39
CA GLN D 263 40.69 3.68 29.74
C GLN D 263 39.70 4.53 28.96
N VAL D 264 39.30 5.64 29.59
CA VAL D 264 38.47 6.66 28.99
C VAL D 264 39.32 7.92 28.91
N PRO D 265 39.49 8.58 27.75
CA PRO D 265 38.92 8.16 26.48
C PRO D 265 39.79 7.27 25.58
N GLN D 266 41.01 6.94 26.05
CA GLN D 266 42.01 6.32 25.20
C GLN D 266 41.53 5.03 24.54
N ASP D 267 40.79 4.20 25.28
CA ASP D 267 40.22 3.00 24.70
C ASP D 267 38.79 3.23 24.21
N ILE D 268 37.96 3.91 25.01
CA ILE D 268 36.58 4.18 24.62
C ILE D 268 36.19 5.58 25.08
N ALA D 269 35.58 6.35 24.17
CA ALA D 269 35.05 7.66 24.47
C ALA D 269 33.62 7.53 24.97
N VAL D 270 33.25 8.41 25.92
CA VAL D 270 31.95 8.35 26.57
C VAL D 270 31.38 9.77 26.57
N ILE D 271 30.09 9.90 26.21
CA ILE D 271 29.38 11.14 26.35
C ILE D 271 28.06 10.82 27.03
N GLY D 272 27.71 11.63 28.04
CA GLY D 272 26.50 11.43 28.81
C GLY D 272 25.35 12.36 28.42
N TYR D 273 24.40 12.53 29.35
CA TYR D 273 23.29 13.45 29.19
C TYR D 273 22.78 13.91 30.56
N ASP D 274 22.73 15.24 30.75
CA ASP D 274 22.13 15.92 31.89
C ASP D 274 23.04 17.03 32.40
N ASP D 275 24.33 16.70 32.51
CA ASP D 275 25.31 17.51 33.24
C ASP D 275 24.92 17.67 34.70
N ILE D 276 24.76 16.54 35.40
CA ILE D 276 24.66 16.57 36.85
C ILE D 276 26.00 17.02 37.44
N GLU D 277 25.98 17.53 38.67
CA GLU D 277 27.18 18.04 39.29
C GLU D 277 28.26 16.96 39.26
N LEU D 278 27.86 15.71 39.51
CA LEU D 278 28.79 14.60 39.55
C LEU D 278 29.62 14.43 38.28
N ALA D 279 29.06 14.79 37.13
CA ALA D 279 29.74 14.69 35.86
C ALA D 279 31.12 15.33 35.85
N SER D 280 31.24 16.50 36.48
CA SER D 280 32.49 17.23 36.44
C SER D 280 33.53 16.67 37.41
N PHE D 281 33.09 15.80 38.33
CA PHE D 281 33.97 15.15 39.29
C PHE D 281 34.41 13.76 38.87
N MET D 282 33.88 13.26 37.74
CA MET D 282 34.21 11.92 37.29
C MET D 282 35.64 11.95 36.76
N THR D 283 36.23 10.76 36.60
CA THR D 283 37.62 10.63 36.24
C THR D 283 37.73 9.73 35.00
N PRO D 284 37.84 10.29 33.77
CA PRO D 284 37.92 11.73 33.54
C PRO D 284 36.58 12.44 33.66
N PRO D 285 36.58 13.78 33.83
CA PRO D 285 35.33 14.55 33.77
C PRO D 285 34.51 14.25 32.52
N LEU D 286 33.19 14.15 32.70
CA LEU D 286 32.32 13.59 31.69
C LEU D 286 31.84 14.65 30.70
N THR D 287 32.22 14.47 29.43
CA THR D 287 31.57 15.17 28.33
C THR D 287 30.10 14.76 28.31
N THR D 288 29.21 15.74 28.26
CA THR D 288 27.79 15.48 28.44
C THR D 288 26.96 16.59 27.81
N ILE D 289 25.65 16.35 27.73
CA ILE D 289 24.68 17.34 27.29
C ILE D 289 24.04 18.00 28.50
N HIS D 290 24.23 19.32 28.63
CA HIS D 290 23.70 20.06 29.76
C HIS D 290 22.23 20.41 29.56
N GLN D 291 21.36 19.85 30.41
CA GLN D 291 20.01 20.36 30.56
C GLN D 291 20.01 21.58 31.46
N PRO D 292 19.34 22.69 31.07
CA PRO D 292 19.28 23.88 31.90
C PRO D 292 18.25 23.76 33.01
N LYS D 293 18.66 23.13 34.12
CA LYS D 293 17.72 22.69 35.14
C LYS D 293 17.07 23.86 35.87
N ASP D 294 17.88 24.89 36.15
CA ASP D 294 17.38 26.10 36.77
C ASP D 294 16.34 26.79 35.89
N GLU D 295 16.61 26.88 34.59
CA GLU D 295 15.69 27.51 33.65
C GLU D 295 14.40 26.70 33.53
N LEU D 296 14.54 25.37 33.51
CA LEU D 296 13.39 24.48 33.46
C LEU D 296 12.51 24.67 34.70
N GLY D 297 13.14 24.82 35.87
CA GLY D 297 12.41 25.07 37.11
C GLY D 297 11.69 26.41 37.10
N GLU D 298 12.41 27.45 36.67
CA GLU D 298 11.87 28.80 36.56
C GLU D 298 10.69 28.81 35.58
N LEU D 299 10.87 28.19 34.42
CA LEU D 299 9.84 28.15 33.39
C LEU D 299 8.59 27.42 33.88
N ALA D 300 8.80 26.26 34.51
CA ALA D 300 7.72 25.46 35.07
C ALA D 300 6.90 26.23 36.10
N ILE D 301 7.58 26.92 37.01
CA ILE D 301 6.90 27.72 38.02
C ILE D 301 6.16 28.88 37.36
N ASP D 302 6.83 29.57 36.44
CA ASP D 302 6.24 30.68 35.72
C ASP D 302 4.97 30.28 34.98
N VAL D 303 5.00 29.14 34.29
CA VAL D 303 3.84 28.64 33.58
C VAL D 303 2.72 28.29 34.54
N LEU D 304 3.06 27.57 35.62
CA LEU D 304 2.06 27.15 36.60
C LEU D 304 1.37 28.37 37.23
N ILE D 305 2.16 29.38 37.62
CA ILE D 305 1.62 30.62 38.15
C ILE D 305 0.73 31.34 37.13
N HIS D 306 1.18 31.37 35.87
CA HIS D 306 0.38 31.94 34.80
C HIS D 306 -0.98 31.26 34.73
N ARG D 307 -0.98 29.92 34.76
CA ARG D 307 -2.22 29.16 34.66
C ARG D 307 -3.08 29.31 35.90
N ILE D 308 -2.45 29.48 37.07
CA ILE D 308 -3.19 29.70 38.30
C ILE D 308 -4.01 30.98 38.16
N THR D 309 -3.37 32.05 37.67
CA THR D 309 -4.00 33.35 37.56
C THR D 309 -4.92 33.46 36.35
N GLN D 310 -4.64 32.68 35.30
CA GLN D 310 -5.42 32.70 34.07
C GLN D 310 -5.74 31.28 33.62
N PRO D 311 -6.78 30.64 34.20
CA PRO D 311 -7.11 29.23 33.92
C PRO D 311 -7.32 28.92 32.44
N THR D 312 -7.85 29.89 31.69
CA THR D 312 -8.19 29.71 30.30
C THR D 312 -6.98 29.70 29.36
N LEU D 313 -5.78 29.95 29.88
CA LEU D 313 -4.57 29.99 29.08
C LEU D 313 -4.44 28.68 28.31
N GLN D 314 -4.00 28.79 27.05
CA GLN D 314 -3.89 27.62 26.17
C GLN D 314 -2.69 26.77 26.59
N GLN D 315 -2.77 25.47 26.32
CA GLN D 315 -1.76 24.50 26.71
C GLN D 315 -0.36 24.89 26.26
N GLN D 316 0.61 24.78 27.18
CA GLN D 316 2.00 25.08 26.91
C GLN D 316 2.81 23.78 26.83
N ARG D 317 3.43 23.53 25.66
CA ARG D 317 4.49 22.55 25.54
C ARG D 317 5.78 23.26 25.16
N LEU D 318 6.68 23.43 26.14
CA LEU D 318 7.91 24.17 25.94
C LEU D 318 9.15 23.29 26.06
N GLN D 319 10.10 23.48 25.14
CA GLN D 319 11.33 22.71 25.09
C GLN D 319 12.53 23.65 25.10
N LEU D 320 13.39 23.52 26.11
CA LEU D 320 14.59 24.31 26.19
C LEU D 320 15.73 23.57 25.50
N THR D 321 16.57 24.34 24.80
CA THR D 321 17.69 23.78 24.06
C THR D 321 18.80 23.40 25.03
N PRO D 322 19.31 22.14 24.98
CA PRO D 322 20.48 21.76 25.76
C PRO D 322 21.79 22.15 25.08
N ILE D 323 22.89 22.08 25.85
CA ILE D 323 24.20 22.52 25.37
C ILE D 323 25.27 21.47 25.68
N LEU D 324 26.14 21.22 24.70
CA LEU D 324 27.23 20.27 24.85
C LEU D 324 28.27 20.85 25.81
N MET D 325 28.68 20.05 26.79
CA MET D 325 29.77 20.39 27.70
C MET D 325 30.95 19.47 27.32
N GLU D 326 31.99 20.06 26.74
CA GLU D 326 33.18 19.30 26.37
C GLU D 326 34.08 19.17 27.58
N ARG D 327 34.39 17.93 27.97
CA ARG D 327 35.33 17.67 29.03
C ARG D 327 36.28 16.58 28.54
N GLY D 328 36.67 15.63 29.40
CA GLY D 328 37.79 14.75 29.10
C GLY D 328 37.45 13.34 28.64
N SER D 329 36.15 12.97 28.69
CA SER D 329 35.75 11.61 28.39
C SER D 329 35.56 11.38 26.89
N ALA D 330 35.50 12.47 26.12
CA ALA D 330 35.20 12.40 24.70
C ALA D 330 35.47 13.75 24.07
N ARG E 52 -46.54 -29.98 16.52
CA ARG E 52 -45.32 -30.04 17.33
C ARG E 52 -44.29 -30.95 16.65
N SER E 53 -43.06 -30.45 16.49
CA SER E 53 -41.95 -31.28 16.03
C SER E 53 -41.33 -32.05 17.21
N LEU E 54 -40.90 -33.27 16.90
CA LEU E 54 -40.16 -34.12 17.81
C LEU E 54 -38.71 -34.21 17.35
N LYS E 55 -37.88 -33.31 17.91
CA LYS E 55 -36.46 -33.25 17.63
C LYS E 55 -35.64 -33.61 18.87
N LEU E 56 -34.80 -34.63 18.72
CA LEU E 56 -33.97 -35.13 19.80
C LEU E 56 -33.02 -34.06 20.36
N ASN E 57 -32.63 -33.10 19.52
CA ASN E 57 -31.67 -32.10 19.93
C ASN E 57 -32.31 -30.85 20.53
N GLN E 58 -33.65 -30.79 20.54
CA GLN E 58 -34.33 -29.65 21.12
C GLN E 58 -34.59 -29.80 22.62
N THR E 59 -34.69 -28.66 23.30
CA THR E 59 -34.72 -28.59 24.76
C THR E 59 -35.74 -27.58 25.29
N HIS E 60 -36.52 -26.97 24.39
CA HIS E 60 -37.44 -25.90 24.75
C HIS E 60 -36.73 -24.77 25.49
N THR E 61 -35.51 -24.46 25.05
CA THR E 61 -34.68 -23.44 25.66
C THR E 61 -34.20 -22.46 24.60
N ILE E 62 -34.17 -21.17 24.96
CA ILE E 62 -33.61 -20.13 24.11
C ILE E 62 -32.35 -19.61 24.78
N GLY E 63 -31.27 -19.45 24.01
CA GLY E 63 -30.05 -18.84 24.51
C GLY E 63 -29.98 -17.38 24.12
N MET E 64 -29.33 -16.56 24.97
CA MET E 64 -29.07 -15.18 24.62
C MET E 64 -27.66 -14.81 25.03
N LEU E 65 -26.87 -14.30 24.08
CA LEU E 65 -25.53 -13.83 24.34
C LEU E 65 -25.63 -12.31 24.40
N ILE E 66 -25.29 -11.73 25.56
CA ILE E 66 -25.34 -10.29 25.71
C ILE E 66 -23.99 -9.73 26.10
N THR E 67 -23.73 -8.48 25.69
CA THR E 67 -22.56 -7.75 26.12
C THR E 67 -22.58 -7.49 27.63
N ALA E 68 -21.41 -7.35 28.25
CA ALA E 68 -21.32 -6.94 29.64
C ALA E 68 -21.12 -5.42 29.58
N SER E 69 -22.10 -4.67 30.05
CA SER E 69 -22.01 -3.21 30.04
C SER E 69 -22.73 -2.62 31.24
N THR E 70 -22.23 -1.48 31.73
CA THR E 70 -22.92 -0.73 32.77
C THR E 70 -23.92 0.30 32.21
N ASN E 71 -24.33 0.03 30.97
CA ASN E 71 -25.34 0.81 30.28
C ASN E 71 -26.68 0.13 30.55
N PRO E 72 -27.58 0.78 31.32
CA PRO E 72 -28.82 0.13 31.73
C PRO E 72 -29.70 -0.34 30.58
N PHE E 73 -29.52 0.26 29.41
CA PHE E 73 -30.28 -0.15 28.23
C PHE E 73 -30.32 -1.66 28.04
N TYR E 74 -29.16 -2.32 28.16
CA TYR E 74 -29.08 -3.76 27.88
C TYR E 74 -29.87 -4.62 28.86
N SER E 75 -29.74 -4.33 30.17
CA SER E 75 -30.53 -5.00 31.19
C SER E 75 -32.03 -4.88 30.92
N GLU E 76 -32.46 -3.68 30.52
CA GLU E 76 -33.87 -3.41 30.33
C GLU E 76 -34.40 -4.23 29.16
N LEU E 77 -33.58 -4.33 28.10
CA LEU E 77 -33.94 -5.11 26.93
C LEU E 77 -33.99 -6.61 27.24
N VAL E 78 -32.98 -7.09 27.96
CA VAL E 78 -32.96 -8.47 28.43
C VAL E 78 -34.21 -8.81 29.25
N ARG E 79 -34.59 -7.88 30.12
CA ARG E 79 -35.74 -8.10 30.98
C ARG E 79 -37.00 -8.32 30.14
N GLY E 80 -37.13 -7.53 29.06
CA GLY E 80 -38.23 -7.69 28.11
C GLY E 80 -38.26 -9.06 27.43
N VAL E 81 -37.08 -9.51 26.98
CA VAL E 81 -36.93 -10.82 26.37
C VAL E 81 -37.33 -11.92 27.36
N GLU E 82 -36.84 -11.79 28.61
CA GLU E 82 -37.13 -12.75 29.66
C GLU E 82 -38.64 -12.93 29.82
N ARG E 83 -39.35 -11.81 29.93
CA ARG E 83 -40.79 -11.85 30.13
C ARG E 83 -41.49 -12.55 28.96
N SER E 84 -41.09 -12.20 27.73
CA SER E 84 -41.66 -12.81 26.55
C SER E 84 -41.43 -14.32 26.50
N CYS E 85 -40.24 -14.78 26.90
CA CYS E 85 -39.94 -16.20 26.95
C CYS E 85 -40.86 -16.96 27.89
N PHE E 86 -40.96 -16.44 29.12
CA PHE E 86 -41.82 -17.01 30.14
C PHE E 86 -43.22 -17.18 29.55
N GLU E 87 -43.78 -16.06 29.06
CA GLU E 87 -45.14 -16.04 28.55
C GLU E 87 -45.34 -17.06 27.42
N ARG E 88 -44.28 -17.36 26.65
CA ARG E 88 -44.36 -18.33 25.58
C ARG E 88 -44.00 -19.75 26.03
N GLY E 89 -43.68 -19.89 27.33
CA GLY E 89 -43.38 -21.19 27.91
C GLY E 89 -41.99 -21.70 27.56
N TYR E 90 -41.06 -20.78 27.23
CA TYR E 90 -39.67 -21.14 27.00
C TYR E 90 -38.82 -20.64 28.17
N SER E 91 -37.76 -21.41 28.47
CA SER E 91 -36.76 -20.98 29.41
C SER E 91 -35.63 -20.26 28.66
N LEU E 92 -35.03 -19.29 29.34
CA LEU E 92 -33.98 -18.47 28.79
C LEU E 92 -32.67 -18.65 29.56
N VAL E 93 -31.61 -18.96 28.83
CA VAL E 93 -30.27 -19.06 29.37
C VAL E 93 -29.44 -17.94 28.78
N LEU E 94 -28.65 -17.29 29.64
CA LEU E 94 -27.86 -16.14 29.24
C LEU E 94 -26.36 -16.40 29.40
N CYS E 95 -25.58 -15.73 28.56
CA CYS E 95 -24.14 -15.60 28.75
C CYS E 95 -23.78 -14.13 28.56
N ASN E 96 -23.16 -13.52 29.60
CA ASN E 96 -22.45 -12.27 29.44
C ASN E 96 -21.14 -12.51 28.71
N THR E 97 -20.72 -11.52 27.91
CA THR E 97 -19.46 -11.62 27.19
C THR E 97 -18.83 -10.23 27.21
N GLU E 98 -17.49 -10.20 27.25
CA GLU E 98 -16.73 -9.01 27.53
C GLU E 98 -15.52 -8.97 26.57
N GLY E 99 -14.46 -8.27 26.96
CA GLY E 99 -13.37 -7.94 26.06
C GLY E 99 -12.81 -9.12 25.27
N ASP E 100 -12.33 -8.82 24.07
CA ASP E 100 -11.56 -9.79 23.28
C ASP E 100 -12.51 -10.69 22.50
N GLU E 101 -12.02 -11.19 21.35
CA GLU E 101 -12.81 -11.96 20.41
C GLU E 101 -12.82 -13.44 20.79
N GLN E 102 -11.63 -13.99 21.10
CA GLN E 102 -11.54 -15.40 21.46
C GLN E 102 -12.25 -15.69 22.78
N ARG E 103 -12.29 -14.69 23.67
CA ARG E 103 -13.09 -14.77 24.88
C ARG E 103 -14.57 -14.89 24.53
N MET E 104 -15.05 -13.98 23.67
CA MET E 104 -16.43 -13.95 23.21
C MET E 104 -16.84 -15.19 22.44
N ASN E 105 -15.91 -15.76 21.67
CA ASN E 105 -16.13 -17.01 20.95
C ASN E 105 -16.26 -18.21 21.87
N ARG E 106 -15.45 -18.21 22.93
CA ARG E 106 -15.51 -19.26 23.94
C ARG E 106 -16.88 -19.29 24.60
N ASN E 107 -17.39 -18.11 24.96
CA ASN E 107 -18.68 -17.99 25.62
C ASN E 107 -19.82 -18.45 24.75
N LEU E 108 -19.83 -17.99 23.49
CA LEU E 108 -20.84 -18.40 22.53
C LEU E 108 -20.84 -19.91 22.35
N GLU E 109 -19.65 -20.50 22.22
CA GLU E 109 -19.54 -21.93 22.01
C GLU E 109 -20.11 -22.72 23.21
N THR E 110 -19.88 -22.18 24.41
CA THR E 110 -20.40 -22.78 25.63
C THR E 110 -21.93 -22.78 25.69
N LEU E 111 -22.53 -21.63 25.36
CA LEU E 111 -23.97 -21.51 25.25
C LEU E 111 -24.57 -22.52 24.26
N MET E 112 -23.93 -22.66 23.10
CA MET E 112 -24.40 -23.58 22.08
C MET E 112 -24.28 -25.02 22.55
N GLN E 113 -23.22 -25.30 23.33
CA GLN E 113 -22.99 -26.62 23.89
C GLN E 113 -24.04 -27.00 24.93
N LYS E 114 -24.67 -26.00 25.54
CA LYS E 114 -25.83 -26.20 26.41
C LYS E 114 -27.11 -26.60 25.66
N ARG E 115 -27.09 -26.51 24.33
CA ARG E 115 -28.09 -27.14 23.47
C ARG E 115 -29.41 -26.37 23.51
N VAL E 116 -29.35 -25.11 23.10
CA VAL E 116 -30.52 -24.25 22.97
C VAL E 116 -31.17 -24.41 21.60
N ASP E 117 -32.48 -24.12 21.52
CA ASP E 117 -33.26 -24.27 20.30
C ASP E 117 -33.06 -23.08 19.37
N GLY E 118 -32.75 -21.92 19.95
CA GLY E 118 -32.56 -20.70 19.19
C GLY E 118 -31.67 -19.73 19.96
N LEU E 119 -31.14 -18.72 19.26
CA LEU E 119 -30.14 -17.83 19.82
C LEU E 119 -30.53 -16.37 19.53
N LEU E 120 -30.48 -15.54 20.58
CA LEU E 120 -30.57 -14.10 20.45
C LEU E 120 -29.20 -13.47 20.72
N LEU E 121 -28.77 -12.60 19.80
CA LEU E 121 -27.51 -11.89 19.97
C LEU E 121 -27.77 -10.42 20.25
N LEU E 122 -27.13 -9.92 21.30
CA LEU E 122 -27.16 -8.51 21.63
C LEU E 122 -25.74 -8.05 21.93
N CYS E 123 -25.07 -7.56 20.88
CA CYS E 123 -23.65 -7.25 20.92
C CYS E 123 -23.36 -5.75 20.94
N THR E 124 -22.17 -5.40 21.42
CA THR E 124 -21.64 -4.05 21.33
C THR E 124 -20.31 -4.13 20.60
N GLU E 125 -19.45 -4.97 21.17
CA GLU E 125 -18.03 -4.90 20.88
C GLU E 125 -17.83 -4.32 19.50
N THR E 126 -18.86 -4.41 18.64
CA THR E 126 -18.77 -3.97 17.26
C THR E 126 -18.06 -5.13 16.59
N HIS E 127 -17.20 -5.79 17.36
CA HIS E 127 -16.61 -7.06 16.97
C HIS E 127 -17.68 -8.16 16.95
N GLN E 128 -17.85 -8.79 15.78
CA GLN E 128 -18.56 -10.04 15.62
C GLN E 128 -18.08 -11.14 16.58
N PRO E 129 -18.99 -11.88 17.25
CA PRO E 129 -18.64 -13.11 17.92
C PRO E 129 -18.04 -14.08 16.90
N SER E 130 -18.78 -15.04 16.34
CA SER E 130 -18.21 -15.78 15.22
C SER E 130 -19.19 -16.61 14.39
N ARG E 131 -19.12 -16.37 13.08
CA ARG E 131 -19.86 -17.16 12.12
C ARG E 131 -19.39 -18.61 12.18
N GLU E 132 -18.12 -18.81 12.56
CA GLU E 132 -17.55 -20.16 12.65
C GLU E 132 -18.25 -21.00 13.72
N ILE E 133 -18.59 -20.39 14.86
CA ILE E 133 -19.27 -21.13 15.92
C ILE E 133 -20.72 -21.40 15.52
N MET E 134 -21.39 -20.41 14.94
CA MET E 134 -22.77 -20.58 14.52
C MET E 134 -22.88 -21.65 13.44
N GLN E 135 -21.90 -21.70 12.54
CA GLN E 135 -21.79 -22.74 11.52
C GLN E 135 -21.70 -24.17 12.07
N ARG E 136 -21.25 -24.33 13.32
CA ARG E 136 -21.17 -25.62 13.95
C ARG E 136 -22.51 -26.09 14.53
N TYR E 137 -23.49 -25.19 14.61
CA TYR E 137 -24.84 -25.48 15.01
C TYR E 137 -25.87 -24.97 13.98
N PRO E 138 -25.85 -25.49 12.74
CA PRO E 138 -26.61 -24.89 11.63
C PRO E 138 -28.12 -24.97 11.78
N THR E 139 -28.62 -26.01 12.47
CA THR E 139 -30.04 -26.13 12.78
C THR E 139 -30.56 -25.11 13.80
N VAL E 140 -29.65 -24.40 14.47
CA VAL E 140 -30.02 -23.39 15.45
C VAL E 140 -30.15 -22.01 14.81
N PRO E 141 -31.37 -21.44 14.71
CA PRO E 141 -31.54 -20.10 14.17
C PRO E 141 -31.07 -19.02 15.13
N THR E 142 -30.58 -17.91 14.57
CA THR E 142 -30.10 -16.79 15.34
C THR E 142 -30.91 -15.57 14.94
N VAL E 143 -31.36 -14.83 15.95
CA VAL E 143 -32.04 -13.56 15.76
C VAL E 143 -31.14 -12.52 16.41
N MET E 144 -30.87 -11.45 15.65
CA MET E 144 -30.00 -10.40 16.11
C MET E 144 -30.85 -9.23 16.59
N MET E 145 -30.49 -8.68 17.75
CA MET E 145 -31.21 -7.59 18.34
C MET E 145 -30.37 -6.34 18.23
N ASP E 146 -31.06 -5.22 17.93
CA ASP E 146 -30.50 -3.88 17.93
C ASP E 146 -29.63 -3.58 16.71
N TRP E 147 -28.67 -4.48 16.44
CA TRP E 147 -27.83 -4.31 15.26
C TRP E 147 -27.23 -5.64 14.82
N ALA E 148 -26.92 -5.73 13.52
CA ALA E 148 -26.22 -6.87 12.94
C ALA E 148 -24.72 -6.62 12.96
N PRO E 149 -23.94 -7.24 13.89
CA PRO E 149 -22.48 -7.09 13.89
C PRO E 149 -21.83 -7.48 12.56
N PHE E 150 -22.43 -8.49 11.89
CA PHE E 150 -21.93 -9.01 10.63
C PHE E 150 -23.10 -9.28 9.68
N ASP E 151 -22.96 -8.88 8.41
CA ASP E 151 -24.11 -8.72 7.54
C ASP E 151 -24.48 -10.10 7.01
N GLY E 152 -25.25 -10.86 7.80
CA GLY E 152 -25.63 -12.22 7.42
C GLY E 152 -27.03 -12.26 6.83
N ASP E 153 -27.60 -13.49 6.76
CA ASP E 153 -28.98 -13.70 6.41
C ASP E 153 -29.89 -13.86 7.64
N SER E 154 -29.33 -13.56 8.83
CA SER E 154 -30.03 -13.71 10.09
C SER E 154 -31.08 -12.61 10.26
N ASP E 155 -32.19 -12.94 10.93
CA ASP E 155 -33.22 -11.98 11.25
C ASP E 155 -32.67 -10.87 12.16
N LEU E 156 -33.24 -9.67 12.02
CA LEU E 156 -32.82 -8.51 12.79
C LEU E 156 -34.05 -7.78 13.32
N ILE E 157 -34.05 -7.54 14.64
CA ILE E 157 -35.10 -6.80 15.31
C ILE E 157 -34.47 -5.62 16.02
N GLN E 158 -34.89 -4.41 15.65
CA GLN E 158 -34.25 -3.20 16.12
C GLN E 158 -35.24 -2.03 16.06
N ASP E 159 -34.82 -0.88 16.59
CA ASP E 159 -35.60 0.34 16.42
C ASP E 159 -35.20 0.97 15.08
N ASN E 160 -35.86 2.09 14.77
CA ASN E 160 -35.50 2.88 13.61
C ASN E 160 -34.67 4.09 14.05
N SER E 161 -33.35 3.91 14.11
CA SER E 161 -32.44 4.91 14.66
C SER E 161 -32.15 6.08 13.72
N LEU E 162 -32.31 5.89 12.41
CA LEU E 162 -32.21 7.00 11.47
C LEU E 162 -33.35 7.98 11.72
N LEU E 163 -34.57 7.47 11.78
CA LEU E 163 -35.72 8.28 12.17
C LEU E 163 -35.53 8.86 13.58
N GLY E 164 -35.04 8.03 14.49
CA GLY E 164 -34.83 8.44 15.87
C GLY E 164 -33.95 9.68 16.02
N GLY E 165 -32.78 9.65 15.36
CA GLY E 165 -31.85 10.77 15.42
C GLY E 165 -32.40 12.03 14.77
N ASP E 166 -33.23 11.84 13.74
CA ASP E 166 -33.88 12.93 13.05
C ASP E 166 -34.92 13.59 13.97
N LEU E 167 -35.81 12.77 14.54
CA LEU E 167 -36.77 13.24 15.54
C LEU E 167 -36.14 14.07 16.64
N ALA E 168 -35.03 13.56 17.19
CA ALA E 168 -34.37 14.21 18.31
C ALA E 168 -33.87 15.59 17.88
N THR E 169 -33.23 15.63 16.71
CA THR E 169 -32.63 16.86 16.22
C THR E 169 -33.70 17.86 15.80
N GLN E 170 -34.74 17.38 15.10
CA GLN E 170 -35.83 18.23 14.68
C GLN E 170 -36.51 18.87 15.89
N TYR E 171 -36.65 18.09 16.98
CA TYR E 171 -37.22 18.60 18.21
C TYR E 171 -36.47 19.83 18.69
N LEU E 172 -35.14 19.74 18.73
CA LEU E 172 -34.30 20.85 19.15
C LEU E 172 -34.43 22.05 18.21
N ILE E 173 -34.46 21.78 16.91
CA ILE E 173 -34.68 22.80 15.90
C ILE E 173 -36.00 23.52 16.14
N ASP E 174 -37.06 22.73 16.38
CA ASP E 174 -38.37 23.28 16.69
C ASP E 174 -38.41 24.10 17.97
N LYS E 175 -37.55 23.78 18.94
CA LYS E 175 -37.46 24.58 20.15
C LYS E 175 -36.61 25.84 19.98
N GLY E 176 -36.10 26.07 18.76
CA GLY E 176 -35.43 27.31 18.42
C GLY E 176 -33.90 27.31 18.51
N HIS E 177 -33.31 26.14 18.72
CA HIS E 177 -31.86 26.05 18.80
C HIS E 177 -31.30 25.98 17.39
N THR E 178 -30.19 26.69 17.14
CA THR E 178 -29.49 26.61 15.88
C THR E 178 -28.09 26.02 16.03
N ARG E 179 -27.47 26.22 17.20
CA ARG E 179 -26.16 25.65 17.47
C ARG E 179 -26.30 24.33 18.22
N ILE E 180 -26.48 23.26 17.44
CA ILE E 180 -26.77 21.93 17.95
C ILE E 180 -25.60 20.99 17.69
N ALA E 181 -25.06 20.43 18.77
CA ALA E 181 -23.98 19.46 18.69
C ALA E 181 -24.54 18.04 18.75
N CYS E 182 -23.71 17.08 18.35
CA CYS E 182 -24.12 15.68 18.30
C CYS E 182 -23.00 14.83 18.85
N ILE E 183 -23.29 14.12 19.95
CA ILE E 183 -22.38 13.12 20.49
C ILE E 183 -22.82 11.78 19.93
N THR E 184 -21.91 11.10 19.22
CA THR E 184 -22.23 9.82 18.60
C THR E 184 -21.72 8.66 19.47
N GLY E 185 -22.34 7.49 19.32
CA GLY E 185 -21.72 6.25 19.73
C GLY E 185 -20.52 5.93 18.84
N PRO E 186 -19.83 4.79 19.03
CA PRO E 186 -18.76 4.41 18.12
C PRO E 186 -19.28 4.21 16.70
N LEU E 187 -18.61 4.83 15.71
CA LEU E 187 -19.20 4.95 14.39
C LEU E 187 -19.20 3.65 13.59
N ASP E 188 -18.40 2.67 14.02
CA ASP E 188 -18.44 1.35 13.41
C ASP E 188 -19.59 0.51 13.97
N LYS E 189 -20.38 1.08 14.90
CA LYS E 189 -21.64 0.50 15.33
C LYS E 189 -22.81 1.19 14.63
N THR E 190 -23.62 0.42 13.90
CA THR E 190 -24.55 0.95 12.92
C THR E 190 -25.57 1.92 13.51
N PRO E 191 -26.22 1.61 14.66
CA PRO E 191 -27.17 2.54 15.26
C PRO E 191 -26.59 3.92 15.55
N ALA E 192 -25.31 3.98 15.91
CA ALA E 192 -24.62 5.24 16.14
C ALA E 192 -24.51 6.05 14.84
N ARG E 193 -24.08 5.37 13.76
CA ARG E 193 -23.96 6.00 12.46
C ARG E 193 -25.31 6.52 11.98
N LEU E 194 -26.35 5.72 12.14
CA LEU E 194 -27.69 6.10 11.69
C LEU E 194 -28.24 7.30 12.46
N ARG E 195 -27.94 7.36 13.76
CA ARG E 195 -28.37 8.49 14.57
C ARG E 195 -27.65 9.78 14.15
N LEU E 196 -26.36 9.66 13.83
CA LEU E 196 -25.62 10.78 13.28
C LEU E 196 -26.19 11.21 11.93
N GLU E 197 -26.58 10.25 11.10
CA GLU E 197 -27.14 10.58 9.79
C GLU E 197 -28.50 11.24 9.91
N GLY E 198 -29.32 10.78 10.88
CA GLY E 198 -30.59 11.43 11.18
C GLY E 198 -30.43 12.88 11.61
N TYR E 199 -29.42 13.13 12.47
CA TYR E 199 -29.06 14.46 12.89
C TYR E 199 -28.65 15.34 11.71
N ARG E 200 -27.75 14.83 10.88
CA ARG E 200 -27.35 15.54 9.68
C ARG E 200 -28.52 15.85 8.75
N ALA E 201 -29.44 14.90 8.62
CA ALA E 201 -30.61 15.06 7.77
C ALA E 201 -31.47 16.23 8.24
N ALA E 202 -31.72 16.28 9.55
CA ALA E 202 -32.55 17.34 10.11
C ALA E 202 -31.89 18.70 9.96
N MET E 203 -30.57 18.76 10.20
CA MET E 203 -29.83 20.00 10.10
C MET E 203 -29.82 20.51 8.66
N LYS E 204 -29.63 19.60 7.69
CA LYS E 204 -29.62 19.98 6.28
C LYS E 204 -30.99 20.52 5.87
N ARG E 205 -32.04 19.84 6.32
CA ARG E 205 -33.41 20.21 6.02
C ARG E 205 -33.76 21.60 6.56
N ALA E 206 -33.19 21.96 7.71
CA ALA E 206 -33.34 23.29 8.25
C ALA E 206 -32.36 24.30 7.66
N GLY E 207 -31.45 23.86 6.79
CA GLY E 207 -30.36 24.71 6.32
C GLY E 207 -29.43 25.24 7.43
N LEU E 208 -29.34 24.50 8.54
CA LEU E 208 -28.42 24.84 9.62
C LEU E 208 -27.03 24.24 9.43
N ASN E 209 -26.01 25.09 9.59
CA ASN E 209 -24.63 24.66 9.46
C ASN E 209 -24.22 23.85 10.68
N ILE E 210 -23.40 22.81 10.46
CA ILE E 210 -22.77 22.06 11.53
C ILE E 210 -21.31 22.49 11.63
N PRO E 211 -20.92 23.32 12.63
CA PRO E 211 -19.53 23.75 12.77
C PRO E 211 -18.56 22.58 12.89
N ASP E 212 -17.31 22.79 12.48
CA ASP E 212 -16.33 21.72 12.62
C ASP E 212 -16.23 21.35 14.10
N GLY E 213 -16.20 20.05 14.39
CA GLY E 213 -16.04 19.56 15.75
C GLY E 213 -17.30 19.62 16.60
N TYR E 214 -18.46 19.88 15.98
CA TYR E 214 -19.73 19.75 16.68
C TYR E 214 -20.23 18.31 16.73
N GLU E 215 -19.58 17.44 15.96
CA GLU E 215 -19.85 16.01 15.98
C GLU E 215 -18.68 15.35 16.70
N VAL E 216 -18.96 14.74 17.86
CA VAL E 216 -17.93 14.14 18.69
C VAL E 216 -18.32 12.69 18.98
N THR E 217 -17.34 11.78 18.88
CA THR E 217 -17.60 10.38 19.15
C THR E 217 -17.43 10.08 20.63
N GLY E 218 -18.39 9.33 21.20
CA GLY E 218 -18.22 8.73 22.52
C GLY E 218 -18.36 7.22 22.41
N ASP E 219 -18.58 6.57 23.55
CA ASP E 219 -18.54 5.12 23.62
C ASP E 219 -19.87 4.50 24.06
N PHE E 220 -20.95 5.28 24.01
CA PHE E 220 -22.27 4.85 24.48
C PHE E 220 -22.29 4.45 25.96
N GLU E 221 -21.37 5.03 26.75
CA GLU E 221 -21.25 4.81 28.17
C GLU E 221 -21.13 6.14 28.89
N PHE E 222 -21.30 6.12 30.22
CA PHE E 222 -21.23 7.34 31.01
C PHE E 222 -19.97 8.14 30.70
N ASN E 223 -18.82 7.45 30.72
CA ASN E 223 -17.54 8.11 30.58
C ASN E 223 -17.40 8.84 29.24
N GLY E 224 -17.81 8.19 28.15
CA GLY E 224 -17.75 8.78 26.83
C GLY E 224 -18.55 10.07 26.72
N GLY E 225 -19.73 10.08 27.36
CA GLY E 225 -20.56 11.26 27.39
C GLY E 225 -19.86 12.43 28.06
N PHE E 226 -19.15 12.12 29.15
CA PHE E 226 -18.42 13.12 29.91
C PHE E 226 -17.27 13.71 29.12
N ASP E 227 -16.43 12.82 28.57
CA ASP E 227 -15.28 13.22 27.77
C ASP E 227 -15.71 14.01 26.54
N ALA E 228 -16.79 13.58 25.90
CA ALA E 228 -17.28 14.24 24.69
C ALA E 228 -17.80 15.64 25.03
N MET E 229 -18.53 15.77 26.14
CA MET E 229 -19.11 17.05 26.50
C MET E 229 -18.01 18.03 26.90
N ARG E 230 -16.96 17.55 27.60
CA ARG E 230 -15.88 18.46 27.95
C ARG E 230 -15.14 18.99 26.73
N GLN E 231 -15.06 18.16 25.67
CA GLN E 231 -14.52 18.57 24.39
C GLN E 231 -15.38 19.66 23.77
N LEU E 232 -16.70 19.44 23.69
CA LEU E 232 -17.63 20.44 23.20
C LEU E 232 -17.59 21.75 23.98
N LEU E 233 -17.31 21.66 25.29
CA LEU E 233 -17.24 22.84 26.14
C LEU E 233 -15.97 23.67 25.92
N SER E 234 -15.01 23.12 25.17
CA SER E 234 -13.82 23.87 24.78
C SER E 234 -13.89 24.46 23.37
N HIS E 235 -15.06 24.32 22.73
CA HIS E 235 -15.32 24.88 21.40
C HIS E 235 -15.55 26.38 21.57
N PRO E 236 -14.79 27.25 20.85
CA PRO E 236 -15.00 28.69 20.94
C PRO E 236 -16.45 29.12 20.72
N LEU E 237 -17.09 28.51 19.72
CA LEU E 237 -18.51 28.71 19.50
C LEU E 237 -19.24 27.63 20.29
N ARG E 238 -19.80 28.01 21.43
CA ARG E 238 -20.38 27.06 22.37
C ARG E 238 -21.78 26.62 21.96
N PRO E 239 -22.12 25.30 21.97
CA PRO E 239 -23.44 24.83 21.63
C PRO E 239 -24.54 25.37 22.53
N GLN E 240 -25.72 25.55 21.94
CA GLN E 240 -26.94 25.82 22.67
C GLN E 240 -27.61 24.54 23.15
N ALA E 241 -27.34 23.44 22.43
CA ALA E 241 -28.05 22.19 22.63
C ALA E 241 -27.19 21.03 22.14
N VAL E 242 -27.37 19.85 22.75
CA VAL E 242 -26.63 18.68 22.35
C VAL E 242 -27.55 17.46 22.31
N PHE E 243 -27.51 16.77 21.16
CA PHE E 243 -28.09 15.46 21.01
C PHE E 243 -27.01 14.45 21.40
N THR E 244 -27.33 13.65 22.42
CA THR E 244 -26.36 12.76 23.05
C THR E 244 -26.89 11.43 22.54
N GLY E 245 -26.04 10.66 21.87
CA GLY E 245 -26.51 9.46 21.17
C GLY E 245 -27.19 8.33 21.94
N ASN E 246 -26.99 8.30 23.27
CA ASN E 246 -27.82 7.52 24.16
C ASN E 246 -27.88 8.14 25.55
N ASP E 247 -28.81 7.63 26.36
CA ASP E 247 -29.03 8.13 27.70
C ASP E 247 -27.83 7.95 28.62
N ALA E 248 -27.10 6.85 28.44
CA ALA E 248 -25.89 6.65 29.23
C ALA E 248 -24.92 7.82 29.07
N MET E 249 -24.70 8.25 27.82
CA MET E 249 -23.78 9.35 27.58
C MET E 249 -24.35 10.66 28.11
N ALA E 250 -25.68 10.81 28.08
CA ALA E 250 -26.34 11.96 28.68
C ALA E 250 -26.04 12.12 30.17
N VAL E 251 -25.87 10.99 30.88
CA VAL E 251 -25.47 11.01 32.27
C VAL E 251 -24.11 11.66 32.42
N GLY E 252 -23.16 11.27 31.55
CA GLY E 252 -21.85 11.90 31.47
C GLY E 252 -21.94 13.37 31.12
N VAL E 253 -22.80 13.70 30.14
CA VAL E 253 -23.02 15.09 29.75
C VAL E 253 -23.43 15.96 30.95
N TYR E 254 -24.46 15.50 31.68
CA TYR E 254 -24.89 16.17 32.91
C TYR E 254 -23.74 16.40 33.89
N GLN E 255 -22.89 15.39 34.10
CA GLN E 255 -21.80 15.51 35.05
C GLN E 255 -20.84 16.62 34.59
N ALA E 256 -20.54 16.64 33.28
CA ALA E 256 -19.64 17.63 32.73
C ALA E 256 -20.19 19.04 32.92
N LEU E 257 -21.47 19.20 32.60
CA LEU E 257 -22.16 20.48 32.72
C LEU E 257 -22.19 20.94 34.17
N TYR E 258 -22.43 19.98 35.08
CA TYR E 258 -22.45 20.28 36.51
C TYR E 258 -21.12 20.84 36.96
N GLN E 259 -20.02 20.19 36.56
CA GLN E 259 -18.70 20.67 36.91
C GLN E 259 -18.36 22.00 36.24
N ALA E 260 -18.91 22.25 35.06
CA ALA E 260 -18.73 23.51 34.36
C ALA E 260 -19.65 24.61 34.88
N GLU E 261 -20.44 24.27 35.91
CA GLU E 261 -21.43 25.17 36.50
C GLU E 261 -22.40 25.72 35.46
N LEU E 262 -22.94 24.83 34.63
CA LEU E 262 -23.93 25.16 33.62
C LEU E 262 -25.23 24.42 33.90
N GLN E 263 -26.36 25.12 33.68
CA GLN E 263 -27.66 24.55 33.97
C GLN E 263 -28.27 23.92 32.72
N VAL E 264 -29.10 22.89 32.97
CA VAL E 264 -29.90 22.25 31.95
C VAL E 264 -31.35 22.53 32.30
N PRO E 265 -32.19 23.07 31.40
CA PRO E 265 -31.80 23.46 30.05
C PRO E 265 -31.37 24.92 29.85
N GLN E 266 -31.35 25.70 30.92
CA GLN E 266 -31.21 27.15 30.80
C GLN E 266 -29.95 27.56 30.06
N ASP E 267 -28.83 26.87 30.31
CA ASP E 267 -27.61 27.15 29.59
C ASP E 267 -27.45 26.25 28.36
N ILE E 268 -27.71 24.95 28.52
CA ILE E 268 -27.61 24.01 27.40
C ILE E 268 -28.74 22.99 27.50
N ALA E 269 -29.42 22.78 26.36
CA ALA E 269 -30.48 21.79 26.26
C ALA E 269 -29.86 20.44 25.87
N VAL E 270 -30.44 19.36 26.41
CA VAL E 270 -29.90 18.02 26.22
C VAL E 270 -31.05 17.11 25.84
N ILE E 271 -30.84 16.28 24.81
CA ILE E 271 -31.79 15.24 24.46
C ILE E 271 -31.00 13.95 24.29
N GLY E 272 -31.49 12.87 24.89
CA GLY E 272 -30.83 11.58 24.84
C GLY E 272 -31.43 10.61 23.83
N TYR E 273 -31.15 9.32 24.05
CA TYR E 273 -31.72 8.25 23.24
C TYR E 273 -31.80 6.96 24.07
N ASP E 274 -33.01 6.39 24.13
CA ASP E 274 -33.30 5.07 24.68
C ASP E 274 -34.55 5.12 25.56
N ASP E 275 -34.60 6.14 26.41
CA ASP E 275 -35.54 6.23 27.51
C ASP E 275 -35.35 5.07 28.48
N ILE E 276 -34.13 4.94 29.02
CA ILE E 276 -33.91 4.04 30.15
C ILE E 276 -34.66 4.58 31.37
N GLU E 277 -34.95 3.71 32.33
CA GLU E 277 -35.69 4.11 33.51
C GLU E 277 -35.05 5.34 34.16
N LEU E 278 -33.72 5.33 34.20
CA LEU E 278 -32.96 6.40 34.83
C LEU E 278 -33.25 7.78 34.27
N ALA E 279 -33.58 7.85 32.97
CA ALA E 279 -33.87 9.12 32.30
C ALA E 279 -34.91 9.97 33.05
N SER E 280 -35.95 9.31 33.56
CA SER E 280 -37.03 10.05 34.19
C SER E 280 -36.68 10.50 35.60
N PHE E 281 -35.60 9.96 36.17
CA PHE E 281 -35.12 10.34 37.50
C PHE E 281 -34.02 11.40 37.47
N MET E 282 -33.54 11.76 36.28
CA MET E 282 -32.45 12.70 36.18
C MET E 282 -32.97 14.09 36.55
N THR E 283 -32.04 15.02 36.83
CA THR E 283 -32.40 16.34 37.32
C THR E 283 -31.77 17.40 36.40
N PRO E 284 -32.50 17.98 35.43
CA PRO E 284 -33.92 17.68 35.21
C PRO E 284 -34.15 16.36 34.50
N PRO E 285 -35.38 15.80 34.55
CA PRO E 285 -35.71 14.62 33.77
C PRO E 285 -35.38 14.78 32.29
N LEU E 286 -34.85 13.70 31.70
CA LEU E 286 -34.20 13.76 30.41
C LEU E 286 -35.19 13.60 29.26
N THR E 287 -35.33 14.64 28.44
CA THR E 287 -35.96 14.52 27.13
C THR E 287 -35.13 13.54 26.31
N THR E 288 -35.79 12.55 25.71
CA THR E 288 -35.09 11.46 25.06
C THR E 288 -35.99 10.78 24.04
N ILE E 289 -35.39 9.89 23.24
CA ILE E 289 -36.11 9.07 22.29
C ILE E 289 -36.36 7.69 22.89
N HIS E 290 -37.62 7.32 23.03
CA HIS E 290 -37.99 6.05 23.63
C HIS E 290 -37.93 4.91 22.62
N GLN E 291 -37.01 3.96 22.85
CA GLN E 291 -37.08 2.67 22.20
C GLN E 291 -38.08 1.77 22.92
N PRO E 292 -39.00 1.09 22.20
CA PRO E 292 -39.96 0.18 22.81
C PRO E 292 -39.35 -1.18 23.16
N LYS E 293 -38.68 -1.25 24.31
CA LYS E 293 -37.81 -2.37 24.62
C LYS E 293 -38.60 -3.67 24.82
N ASP E 294 -39.74 -3.56 25.49
CA ASP E 294 -40.63 -4.68 25.68
C ASP E 294 -41.13 -5.25 24.35
N GLU E 295 -41.51 -4.36 23.43
CA GLU E 295 -42.01 -4.76 22.13
C GLU E 295 -40.89 -5.42 21.32
N LEU E 296 -39.68 -4.85 21.40
CA LEU E 296 -38.51 -5.41 20.75
C LEU E 296 -38.24 -6.83 21.25
N GLY E 297 -38.36 -7.04 22.56
CA GLY E 297 -38.14 -8.35 23.14
C GLY E 297 -39.20 -9.37 22.71
N GLU E 298 -40.47 -8.93 22.77
CA GLU E 298 -41.61 -9.74 22.33
C GLU E 298 -41.45 -10.13 20.87
N LEU E 299 -41.14 -9.15 20.02
CA LEU E 299 -41.01 -9.36 18.60
C LEU E 299 -39.88 -10.32 18.28
N ALA E 300 -38.72 -10.10 18.92
CA ALA E 300 -37.57 -10.96 18.75
C ALA E 300 -37.85 -12.42 19.10
N ILE E 301 -38.51 -12.64 20.24
CA ILE E 301 -38.88 -13.99 20.64
C ILE E 301 -39.88 -14.61 19.67
N ASP E 302 -40.90 -13.81 19.30
CA ASP E 302 -41.91 -14.26 18.37
C ASP E 302 -41.31 -14.71 17.04
N VAL E 303 -40.38 -13.90 16.50
CA VAL E 303 -39.73 -14.23 15.25
C VAL E 303 -38.89 -15.49 15.38
N LEU E 304 -38.10 -15.56 16.46
CA LEU E 304 -37.22 -16.70 16.70
C LEU E 304 -38.02 -17.99 16.79
N ILE E 305 -39.11 -17.97 17.56
CA ILE E 305 -39.98 -19.13 17.68
C ILE E 305 -40.61 -19.50 16.35
N HIS E 306 -41.04 -18.50 15.59
CA HIS E 306 -41.57 -18.72 14.26
C HIS E 306 -40.56 -19.47 13.39
N ARG E 307 -39.31 -19.00 13.40
CA ARG E 307 -38.27 -19.60 12.60
C ARG E 307 -37.88 -20.99 13.10
N ILE E 308 -37.95 -21.20 14.42
CA ILE E 308 -37.69 -22.51 15.00
C ILE E 308 -38.65 -23.52 14.40
N THR E 309 -39.94 -23.17 14.38
CA THR E 309 -40.98 -24.08 13.94
C THR E 309 -41.08 -24.15 12.41
N GLN E 310 -40.68 -23.08 11.72
CA GLN E 310 -40.73 -23.01 10.27
C GLN E 310 -39.41 -22.48 9.69
N PRO E 311 -38.39 -23.36 9.55
CA PRO E 311 -37.05 -22.94 9.15
C PRO E 311 -36.97 -22.15 7.86
N THR E 312 -37.84 -22.48 6.90
CA THR E 312 -37.78 -21.85 5.58
C THR E 312 -38.42 -20.46 5.53
N LEU E 313 -38.90 -19.96 6.67
CA LEU E 313 -39.44 -18.60 6.75
C LEU E 313 -38.43 -17.60 6.20
N GLN E 314 -38.93 -16.60 5.47
CA GLN E 314 -38.10 -15.60 4.82
C GLN E 314 -37.52 -14.64 5.85
N GLN E 315 -36.33 -14.09 5.57
CA GLN E 315 -35.62 -13.22 6.48
C GLN E 315 -36.47 -12.05 6.96
N GLN E 316 -36.45 -11.79 8.28
CA GLN E 316 -37.15 -10.68 8.87
C GLN E 316 -36.16 -9.61 9.30
N ARG E 317 -36.32 -8.40 8.74
CA ARG E 317 -35.63 -7.21 9.22
C ARG E 317 -36.72 -6.22 9.63
N LEU E 318 -36.95 -6.11 10.94
CA LEU E 318 -38.02 -5.27 11.45
C LEU E 318 -37.46 -4.11 12.28
N GLN E 319 -38.02 -2.93 12.04
CA GLN E 319 -37.64 -1.70 12.73
C GLN E 319 -38.87 -1.10 13.38
N LEU E 320 -38.83 -0.95 14.71
CA LEU E 320 -39.92 -0.34 15.44
C LEU E 320 -39.64 1.16 15.51
N THR E 321 -40.71 1.94 15.35
CA THR E 321 -40.61 3.39 15.36
C THR E 321 -40.46 3.85 16.79
N PRO E 322 -39.43 4.67 17.11
CA PRO E 322 -39.28 5.25 18.44
C PRO E 322 -40.14 6.50 18.63
N ILE E 323 -40.29 6.92 19.89
CA ILE E 323 -41.15 8.06 20.21
C ILE E 323 -40.42 9.03 21.13
N LEU E 324 -40.54 10.32 20.80
CA LEU E 324 -39.99 11.41 21.59
C LEU E 324 -40.70 11.51 22.93
N MET E 325 -39.91 11.54 24.02
CA MET E 325 -40.43 11.75 25.36
C MET E 325 -40.00 13.14 25.80
N GLU E 326 -40.95 14.07 25.87
CA GLU E 326 -40.64 15.44 26.24
C GLU E 326 -40.60 15.55 27.75
N ARG E 327 -39.47 16.01 28.28
CA ARG E 327 -39.34 16.23 29.71
C ARG E 327 -38.67 17.59 29.90
N GLY E 328 -37.78 17.71 30.89
CA GLY E 328 -37.31 19.02 31.31
C GLY E 328 -35.94 19.46 30.79
N SER E 329 -35.21 18.56 30.12
CA SER E 329 -33.85 18.87 29.69
C SER E 329 -33.81 19.61 28.37
N ALA E 330 -34.93 19.61 27.64
CA ALA E 330 -35.00 20.22 26.32
C ALA E 330 -36.42 20.28 25.82
N GLN F 58 -17.29 37.50 3.84
CA GLN F 58 -16.29 36.87 2.98
C GLN F 58 -16.55 37.20 1.51
N THR F 59 -15.49 37.08 0.68
CA THR F 59 -15.64 36.96 -0.76
C THR F 59 -14.89 35.76 -1.35
N HIS F 60 -14.30 34.93 -0.47
CA HIS F 60 -13.50 33.80 -0.90
C HIS F 60 -12.35 34.26 -1.82
N THR F 61 -11.78 35.43 -1.53
CA THR F 61 -10.72 36.01 -2.33
C THR F 61 -9.52 36.36 -1.45
N ILE F 62 -8.33 36.04 -1.96
CA ILE F 62 -7.08 36.40 -1.30
C ILE F 62 -6.40 37.45 -2.16
N GLY F 63 -5.94 38.54 -1.53
CA GLY F 63 -5.17 39.56 -2.20
C GLY F 63 -3.68 39.30 -2.02
N MET F 64 -2.87 39.68 -3.01
CA MET F 64 -1.43 39.54 -2.87
C MET F 64 -0.75 40.79 -3.45
N LEU F 65 0.05 41.43 -2.61
CA LEU F 65 0.75 42.66 -2.96
C LEU F 65 2.18 42.22 -3.24
N ILE F 66 2.63 42.42 -4.48
CA ILE F 66 3.89 41.88 -4.95
C ILE F 66 4.78 43.02 -5.47
N THR F 67 6.09 42.78 -5.40
CA THR F 67 7.09 43.60 -6.06
C THR F 67 6.90 43.67 -7.57
N ALA F 68 7.40 44.77 -8.16
CA ALA F 68 7.44 44.93 -9.60
C ALA F 68 8.67 44.30 -10.26
N SER F 69 9.58 43.70 -9.46
CA SER F 69 10.72 42.99 -9.99
C SER F 69 10.33 41.93 -11.02
N THR F 70 11.15 41.80 -12.07
CA THR F 70 10.99 40.74 -13.04
C THR F 70 11.99 39.61 -12.83
N ASN F 71 12.73 39.63 -11.71
CA ASN F 71 13.44 38.45 -11.22
C ASN F 71 12.47 37.28 -11.27
N PRO F 72 12.73 36.24 -12.07
CA PRO F 72 11.79 35.14 -12.27
C PRO F 72 11.35 34.45 -10.97
N PHE F 73 12.17 34.54 -9.92
CA PHE F 73 11.80 33.96 -8.64
C PHE F 73 10.37 34.31 -8.20
N TYR F 74 10.00 35.59 -8.32
CA TYR F 74 8.71 36.06 -7.84
C TYR F 74 7.54 35.49 -8.62
N SER F 75 7.63 35.46 -9.96
CA SER F 75 6.61 34.84 -10.80
C SER F 75 6.39 33.39 -10.42
N GLU F 76 7.50 32.67 -10.16
CA GLU F 76 7.41 31.25 -9.87
C GLU F 76 6.72 31.04 -8.54
N LEU F 77 7.00 31.90 -7.56
CA LEU F 77 6.38 31.84 -6.25
C LEU F 77 4.89 32.19 -6.32
N VAL F 78 4.55 33.24 -7.08
CA VAL F 78 3.16 33.60 -7.34
C VAL F 78 2.41 32.43 -7.96
N ARG F 79 3.04 31.75 -8.92
CA ARG F 79 2.38 30.66 -9.61
C ARG F 79 2.03 29.55 -8.61
N GLY F 80 2.93 29.29 -7.65
CA GLY F 80 2.69 28.34 -6.59
C GLY F 80 1.51 28.72 -5.69
N VAL F 81 1.45 29.99 -5.30
CA VAL F 81 0.34 30.52 -4.53
C VAL F 81 -0.97 30.37 -5.28
N GLU F 82 -0.95 30.72 -6.58
CA GLU F 82 -2.12 30.64 -7.44
C GLU F 82 -2.67 29.21 -7.43
N ARG F 83 -1.80 28.21 -7.61
CA ARG F 83 -2.23 26.83 -7.63
C ARG F 83 -2.85 26.41 -6.31
N SER F 84 -2.21 26.79 -5.20
CA SER F 84 -2.75 26.50 -3.88
C SER F 84 -4.14 27.11 -3.67
N CYS F 85 -4.33 28.34 -4.12
CA CYS F 85 -5.62 29.02 -4.02
C CYS F 85 -6.71 28.27 -4.76
N PHE F 86 -6.45 27.94 -6.02
CA PHE F 86 -7.37 27.18 -6.85
C PHE F 86 -7.80 25.93 -6.09
N GLU F 87 -6.80 25.12 -5.70
CA GLU F 87 -7.05 23.87 -5.00
C GLU F 87 -7.89 24.05 -3.73
N ARG F 88 -7.80 25.21 -3.08
CA ARG F 88 -8.60 25.52 -1.90
C ARG F 88 -9.93 26.18 -2.24
N GLY F 89 -10.18 26.44 -3.53
CA GLY F 89 -11.39 27.10 -3.97
C GLY F 89 -11.43 28.60 -3.67
N TYR F 90 -10.24 29.21 -3.58
CA TYR F 90 -10.08 30.65 -3.42
C TYR F 90 -9.58 31.29 -4.72
N SER F 91 -10.00 32.52 -4.96
CA SER F 91 -9.48 33.30 -6.09
C SER F 91 -8.35 34.18 -5.59
N LEU F 92 -7.41 34.52 -6.47
CA LEU F 92 -6.25 35.33 -6.12
C LEU F 92 -6.17 36.59 -6.97
N VAL F 93 -6.09 37.74 -6.32
CA VAL F 93 -6.05 39.02 -6.99
C VAL F 93 -4.73 39.70 -6.61
N LEU F 94 -4.06 40.31 -7.58
CA LEU F 94 -2.69 40.80 -7.39
C LEU F 94 -2.59 42.31 -7.62
N CYS F 95 -1.62 42.93 -6.94
CA CYS F 95 -1.27 44.33 -7.15
C CYS F 95 0.24 44.47 -7.11
N ASN F 96 0.83 45.10 -8.16
CA ASN F 96 2.22 45.50 -8.12
C ASN F 96 2.40 46.72 -7.23
N THR F 97 3.58 46.81 -6.59
CA THR F 97 3.92 47.98 -5.80
C THR F 97 5.39 48.32 -6.06
N GLU F 98 5.68 49.62 -6.10
CA GLU F 98 6.97 50.13 -6.51
C GLU F 98 7.20 51.42 -5.73
N GLY F 99 8.21 52.19 -6.14
CA GLY F 99 8.33 53.60 -5.77
C GLY F 99 8.23 53.89 -4.28
N ASP F 100 7.67 55.06 -3.95
CA ASP F 100 7.72 55.58 -2.59
C ASP F 100 6.64 54.94 -1.71
N GLU F 101 6.27 55.66 -0.63
CA GLU F 101 5.37 55.17 0.39
C GLU F 101 3.91 55.41 0.00
N GLN F 102 3.59 56.62 -0.47
CA GLN F 102 2.24 56.95 -0.88
C GLN F 102 1.79 56.11 -2.09
N ARG F 103 2.74 55.76 -2.95
CA ARG F 103 2.48 54.84 -4.04
C ARG F 103 2.06 53.47 -3.50
N MET F 104 2.88 52.94 -2.58
CA MET F 104 2.65 51.64 -1.96
C MET F 104 1.36 51.60 -1.15
N ASN F 105 1.02 52.72 -0.49
CA ASN F 105 -0.22 52.85 0.25
C ASN F 105 -1.44 52.87 -0.65
N ARG F 106 -1.32 53.51 -1.81
CA ARG F 106 -2.39 53.55 -2.79
C ARG F 106 -2.73 52.14 -3.26
N ASN F 107 -1.71 51.34 -3.55
CA ASN F 107 -1.89 49.98 -4.04
C ASN F 107 -2.57 49.09 -2.99
N LEU F 108 -2.06 49.15 -1.76
CA LEU F 108 -2.63 48.40 -0.65
C LEU F 108 -4.09 48.79 -0.43
N GLU F 109 -4.39 50.09 -0.47
CA GLU F 109 -5.73 50.58 -0.23
C GLU F 109 -6.69 50.09 -1.31
N THR F 110 -6.21 49.98 -2.55
CA THR F 110 -7.02 49.47 -3.65
C THR F 110 -7.40 48.01 -3.44
N LEU F 111 -6.42 47.20 -3.06
CA LEU F 111 -6.66 45.80 -2.71
C LEU F 111 -7.70 45.64 -1.61
N MET F 112 -7.56 46.45 -0.55
CA MET F 112 -8.46 46.39 0.59
C MET F 112 -9.86 46.82 0.19
N GLN F 113 -9.94 47.78 -0.73
CA GLN F 113 -11.22 48.27 -1.23
C GLN F 113 -11.96 47.21 -2.06
N LYS F 114 -11.20 46.28 -2.63
CA LYS F 114 -11.77 45.13 -3.32
C LYS F 114 -12.39 44.10 -2.38
N ARG F 115 -12.11 44.24 -1.06
CA ARG F 115 -12.68 43.40 -0.03
C ARG F 115 -12.17 41.95 -0.12
N VAL F 116 -10.86 41.77 0.00
CA VAL F 116 -10.28 40.43 0.11
C VAL F 116 -10.36 39.91 1.54
N ASP F 117 -10.35 38.57 1.68
CA ASP F 117 -10.48 37.92 2.96
C ASP F 117 -9.15 37.91 3.72
N GLY F 118 -8.05 37.91 2.97
CA GLY F 118 -6.71 37.89 3.55
C GLY F 118 -5.69 38.45 2.56
N LEU F 119 -4.50 38.73 3.08
CA LEU F 119 -3.47 39.42 2.32
C LEU F 119 -2.13 38.70 2.43
N LEU F 120 -1.50 38.44 1.26
CA LEU F 120 -0.13 37.97 1.19
C LEU F 120 0.78 39.09 0.74
N LEU F 121 1.89 39.29 1.44
CA LEU F 121 2.88 40.29 1.06
C LEU F 121 4.13 39.60 0.55
N LEU F 122 4.58 39.99 -0.65
CA LEU F 122 5.83 39.50 -1.21
C LEU F 122 6.62 40.68 -1.77
N CYS F 123 7.40 41.32 -0.90
CA CYS F 123 8.03 42.60 -1.18
C CYS F 123 9.54 42.51 -1.36
N THR F 124 10.10 43.53 -2.02
CA THR F 124 11.54 43.73 -2.09
C THR F 124 11.97 45.03 -1.41
N GLU F 125 11.05 46.01 -1.38
CA GLU F 125 11.25 47.29 -0.72
C GLU F 125 10.57 47.31 0.65
N THR F 126 11.26 47.86 1.65
CA THR F 126 10.69 48.08 2.97
C THR F 126 9.58 49.13 2.90
N HIS F 127 8.54 48.94 3.70
CA HIS F 127 7.44 49.89 3.82
C HIS F 127 6.62 49.61 5.07
N GLN F 128 6.53 50.62 5.94
CA GLN F 128 5.60 50.57 7.08
C GLN F 128 4.18 50.88 6.61
N PRO F 129 3.16 50.05 6.91
CA PRO F 129 1.79 50.39 6.54
C PRO F 129 1.25 51.57 7.34
N SER F 130 0.58 52.50 6.66
CA SER F 130 -0.04 53.63 7.32
C SER F 130 -1.00 53.18 8.41
N ARG F 131 -0.99 53.87 9.55
CA ARG F 131 -1.96 53.65 10.60
C ARG F 131 -3.38 53.91 10.07
N GLU F 132 -3.50 54.82 9.10
CA GLU F 132 -4.78 55.17 8.50
C GLU F 132 -5.44 53.98 7.82
N ILE F 133 -4.63 53.20 7.08
CA ILE F 133 -5.14 52.06 6.34
C ILE F 133 -5.48 50.94 7.31
N MET F 134 -4.59 50.69 8.28
CA MET F 134 -4.78 49.64 9.27
C MET F 134 -6.07 49.90 10.06
N GLN F 135 -6.30 51.17 10.41
CA GLN F 135 -7.48 51.56 11.15
C GLN F 135 -8.79 51.34 10.38
N ARG F 136 -8.70 51.33 9.05
CA ARG F 136 -9.88 51.24 8.21
C ARG F 136 -10.28 49.78 7.96
N TYR F 137 -9.28 48.89 8.01
CA TYR F 137 -9.51 47.47 7.80
C TYR F 137 -8.82 46.70 8.93
N PRO F 138 -9.34 46.75 10.17
CA PRO F 138 -8.78 45.95 11.27
C PRO F 138 -8.88 44.44 11.06
N THR F 139 -9.92 44.00 10.35
CA THR F 139 -10.30 42.60 10.30
C THR F 139 -9.38 41.71 9.46
N VAL F 140 -8.59 42.33 8.57
CA VAL F 140 -8.07 41.58 7.42
C VAL F 140 -6.65 41.08 7.68
N PRO F 141 -6.44 39.76 7.88
CA PRO F 141 -5.13 39.27 8.29
C PRO F 141 -4.12 39.24 7.15
N THR F 142 -2.85 39.43 7.50
CA THR F 142 -1.78 39.49 6.54
C THR F 142 -0.74 38.41 6.85
N VAL F 143 -0.29 37.72 5.81
CA VAL F 143 0.81 36.77 5.92
C VAL F 143 1.93 37.27 5.02
N MET F 144 3.15 37.27 5.55
CA MET F 144 4.30 37.78 4.81
C MET F 144 5.10 36.59 4.28
N MET F 145 5.51 36.70 3.02
CA MET F 145 6.25 35.63 2.37
C MET F 145 7.69 36.10 2.17
N ASP F 146 8.62 35.17 2.39
CA ASP F 146 10.05 35.34 2.10
C ASP F 146 10.76 36.19 3.14
N TRP F 147 10.20 37.38 3.42
CA TRP F 147 10.84 38.40 4.22
C TRP F 147 9.80 39.30 4.88
N ALA F 148 10.08 39.78 6.10
CA ALA F 148 9.23 40.77 6.75
C ALA F 148 9.65 42.19 6.41
N PRO F 149 8.94 42.93 5.52
CA PRO F 149 9.30 44.31 5.19
C PRO F 149 9.34 45.23 6.41
N PHE F 150 8.47 44.95 7.40
CA PHE F 150 8.35 45.75 8.60
C PHE F 150 8.15 44.83 9.80
N ASP F 151 8.61 45.27 10.96
CA ASP F 151 8.44 44.50 12.18
C ASP F 151 6.97 44.56 12.64
N GLY F 152 6.38 43.39 12.87
CA GLY F 152 5.00 43.30 13.34
C GLY F 152 4.66 41.94 13.91
N ASP F 153 3.35 41.71 14.11
CA ASP F 153 2.84 40.44 14.62
C ASP F 153 2.37 39.50 13.51
N SER F 154 2.67 39.86 12.25
CA SER F 154 2.20 39.11 11.10
C SER F 154 2.96 37.79 10.93
N ASP F 155 2.26 36.76 10.44
CA ASP F 155 2.89 35.48 10.16
C ASP F 155 3.93 35.62 9.06
N LEU F 156 4.98 34.79 9.10
CA LEU F 156 6.05 34.81 8.11
C LEU F 156 6.34 33.39 7.62
N ILE F 157 6.31 33.21 6.30
CA ILE F 157 6.61 31.94 5.67
C ILE F 157 7.76 32.15 4.70
N GLN F 158 8.86 31.41 4.90
CA GLN F 158 10.09 31.64 4.16
C GLN F 158 10.94 30.37 4.15
N ASP F 159 12.05 30.40 3.40
CA ASP F 159 13.02 29.32 3.47
C ASP F 159 13.97 29.58 4.63
N ASN F 160 14.92 28.65 4.82
CA ASN F 160 15.97 28.81 5.78
C ASN F 160 17.27 29.23 5.08
N SER F 161 17.44 30.55 4.94
CA SER F 161 18.53 31.10 4.16
C SER F 161 19.89 31.10 4.86
N LEU F 162 19.90 31.06 6.19
CA LEU F 162 21.14 30.89 6.94
C LEU F 162 21.74 29.53 6.62
N LEU F 163 20.91 28.47 6.75
CA LEU F 163 21.32 27.14 6.35
C LEU F 163 21.67 27.10 4.87
N GLY F 164 20.83 27.75 4.05
CA GLY F 164 21.04 27.79 2.61
C GLY F 164 22.42 28.30 2.20
N GLY F 165 22.82 29.45 2.73
CA GLY F 165 24.12 30.04 2.43
C GLY F 165 25.30 29.20 2.92
N ASP F 166 25.08 28.51 4.04
CA ASP F 166 26.08 27.61 4.60
C ASP F 166 26.27 26.39 3.69
N LEU F 167 25.15 25.74 3.33
CA LEU F 167 25.17 24.64 2.37
C LEU F 167 25.93 24.98 1.09
N ALA F 168 25.62 26.16 0.53
CA ALA F 168 26.20 26.57 -0.73
C ALA F 168 27.71 26.71 -0.59
N THR F 169 28.15 27.35 0.50
CA THR F 169 29.55 27.63 0.73
C THR F 169 30.31 26.35 1.07
N GLN F 170 29.71 25.50 1.92
CA GLN F 170 30.31 24.23 2.28
C GLN F 170 30.51 23.36 1.04
N TYR F 171 29.54 23.40 0.12
CA TYR F 171 29.64 22.66 -1.12
C TYR F 171 30.93 23.02 -1.87
N LEU F 172 31.17 24.33 -2.03
CA LEU F 172 32.38 24.82 -2.69
C LEU F 172 33.65 24.38 -1.96
N ILE F 173 33.63 24.49 -0.62
CA ILE F 173 34.74 24.06 0.21
C ILE F 173 35.01 22.58 -0.02
N ASP F 174 33.95 21.76 -0.03
CA ASP F 174 34.08 20.34 -0.30
C ASP F 174 34.61 20.02 -1.69
N LYS F 175 34.34 20.89 -2.67
CA LYS F 175 34.90 20.71 -4.00
C LYS F 175 36.36 21.20 -4.11
N GLY F 176 36.93 21.67 -2.99
CA GLY F 176 38.35 21.97 -2.91
C GLY F 176 38.74 23.43 -3.12
N HIS F 177 37.75 24.32 -3.22
CA HIS F 177 38.06 25.73 -3.43
C HIS F 177 38.39 26.38 -2.09
N THR F 178 39.40 27.25 -2.09
CA THR F 178 39.75 28.01 -0.91
C THR F 178 39.53 29.51 -1.08
N ARG F 179 39.65 30.01 -2.32
CA ARG F 179 39.39 31.42 -2.61
C ARG F 179 37.94 31.58 -3.07
N ILE F 180 37.03 31.74 -2.11
CA ILE F 180 35.60 31.79 -2.36
C ILE F 180 35.03 33.17 -2.05
N ALA F 181 34.43 33.79 -3.07
CA ALA F 181 33.78 35.08 -2.92
C ALA F 181 32.28 34.92 -2.72
N CYS F 182 31.66 36.00 -2.25
CA CYS F 182 30.25 35.98 -1.90
C CYS F 182 29.62 37.27 -2.41
N ILE F 183 28.66 37.13 -3.34
CA ILE F 183 27.84 38.25 -3.76
C ILE F 183 26.56 38.23 -2.94
N THR F 184 26.28 39.31 -2.21
CA THR F 184 25.11 39.41 -1.37
C THR F 184 23.99 40.16 -2.07
N GLY F 185 22.74 39.88 -1.67
CA GLY F 185 21.64 40.78 -1.95
C GLY F 185 21.80 42.07 -1.14
N PRO F 186 20.86 43.02 -1.20
CA PRO F 186 20.93 44.20 -0.35
C PRO F 186 20.88 43.83 1.13
N LEU F 187 21.82 44.37 1.92
CA LEU F 187 22.02 43.86 3.26
C LEU F 187 20.94 44.27 4.25
N ASP F 188 20.12 45.27 3.91
CA ASP F 188 18.95 45.62 4.70
C ASP F 188 17.78 44.66 4.44
N LYS F 189 17.96 43.70 3.52
CA LYS F 189 17.00 42.63 3.31
C LYS F 189 17.49 41.35 3.99
N THR F 190 16.67 40.83 4.90
CA THR F 190 17.13 39.81 5.85
C THR F 190 17.67 38.54 5.21
N PRO F 191 17.00 37.97 4.17
CA PRO F 191 17.53 36.77 3.52
C PRO F 191 18.94 36.94 2.97
N ALA F 192 19.27 38.14 2.50
CA ALA F 192 20.61 38.46 2.01
C ALA F 192 21.63 38.40 3.14
N ARG F 193 21.30 39.03 4.28
CA ARG F 193 22.16 39.04 5.45
C ARG F 193 22.39 37.62 5.95
N LEU F 194 21.32 36.81 6.01
CA LEU F 194 21.43 35.46 6.51
C LEU F 194 22.29 34.57 5.60
N ARG F 195 22.20 34.79 4.28
CA ARG F 195 23.02 34.05 3.34
C ARG F 195 24.50 34.42 3.50
N LEU F 196 24.77 35.70 3.73
CA LEU F 196 26.12 36.15 4.03
C LEU F 196 26.65 35.53 5.32
N GLU F 197 25.78 35.43 6.33
CA GLU F 197 26.18 34.86 7.61
C GLU F 197 26.47 33.35 7.48
N GLY F 198 25.65 32.66 6.68
CA GLY F 198 25.87 31.26 6.39
C GLY F 198 27.21 31.00 5.71
N TYR F 199 27.54 31.87 4.74
CA TYR F 199 28.83 31.85 4.06
C TYR F 199 29.98 32.05 5.04
N ARG F 200 29.89 33.09 5.87
CA ARG F 200 30.88 33.34 6.89
C ARG F 200 31.07 32.15 7.84
N ALA F 201 29.95 31.52 8.22
CA ALA F 201 29.97 30.40 9.14
C ALA F 201 30.76 29.24 8.55
N ALA F 202 30.50 28.92 7.27
CA ALA F 202 31.18 27.82 6.62
C ALA F 202 32.68 28.08 6.48
N MET F 203 33.03 29.33 6.10
CA MET F 203 34.41 29.70 5.93
C MET F 203 35.17 29.62 7.25
N LYS F 204 34.55 30.09 8.35
CA LYS F 204 35.17 30.06 9.65
C LYS F 204 35.41 28.61 10.08
N ARG F 205 34.40 27.76 9.87
CA ARG F 205 34.47 26.35 10.23
C ARG F 205 35.58 25.62 9.48
N ALA F 206 35.84 26.02 8.23
CA ALA F 206 36.95 25.48 7.46
C ALA F 206 38.28 26.17 7.78
N GLY F 207 38.28 27.19 8.64
CA GLY F 207 39.47 27.98 8.85
C GLY F 207 39.99 28.71 7.61
N LEU F 208 39.11 29.00 6.66
CA LEU F 208 39.47 29.77 5.48
C LEU F 208 39.33 31.27 5.71
N ASN F 209 40.36 32.01 5.32
CA ASN F 209 40.34 33.47 5.37
C ASN F 209 39.45 34.01 4.26
N ILE F 210 38.72 35.09 4.56
CA ILE F 210 37.96 35.84 3.57
C ILE F 210 38.74 37.12 3.23
N PRO F 211 39.42 37.17 2.05
CA PRO F 211 40.19 38.35 1.68
C PRO F 211 39.34 39.62 1.62
N ASP F 212 40.00 40.77 1.81
CA ASP F 212 39.33 42.05 1.71
C ASP F 212 38.61 42.11 0.35
N GLY F 213 37.36 42.55 0.38
CA GLY F 213 36.58 42.77 -0.82
C GLY F 213 36.07 41.52 -1.53
N TYR F 214 36.13 40.36 -0.86
CA TYR F 214 35.55 39.15 -1.41
C TYR F 214 34.05 39.05 -1.12
N GLU F 215 33.54 39.97 -0.29
CA GLU F 215 32.11 40.09 -0.06
C GLU F 215 31.65 41.37 -0.77
N VAL F 216 30.81 41.22 -1.80
CA VAL F 216 30.30 42.36 -2.55
C VAL F 216 28.77 42.35 -2.59
N THR F 217 28.19 43.53 -2.48
CA THR F 217 26.74 43.67 -2.47
C THR F 217 26.22 43.81 -3.90
N GLY F 218 25.14 43.10 -4.19
CA GLY F 218 24.35 43.34 -5.40
C GLY F 218 22.91 43.65 -5.04
N ASP F 219 22.01 43.56 -6.03
CA ASP F 219 20.63 43.98 -5.85
C ASP F 219 19.62 42.84 -6.06
N PHE F 220 20.10 41.59 -6.06
CA PHE F 220 19.27 40.43 -6.33
C PHE F 220 18.60 40.46 -7.72
N GLU F 221 19.24 41.16 -8.66
CA GLU F 221 18.79 41.27 -10.05
C GLU F 221 19.95 41.00 -11.00
N PHE F 222 19.64 40.79 -12.28
CA PHE F 222 20.68 40.50 -13.26
C PHE F 222 21.81 41.53 -13.19
N ASN F 223 21.44 42.81 -13.21
CA ASN F 223 22.42 43.89 -13.27
C ASN F 223 23.38 43.90 -12.09
N GLY F 224 22.85 43.71 -10.88
CA GLY F 224 23.68 43.66 -9.69
C GLY F 224 24.71 42.54 -9.71
N GLY F 225 24.31 41.40 -10.26
CA GLY F 225 25.21 40.27 -10.40
C GLY F 225 26.38 40.61 -11.31
N PHE F 226 26.08 41.34 -12.39
CA PHE F 226 27.08 41.74 -13.37
C PHE F 226 28.07 42.72 -12.75
N ASP F 227 27.54 43.78 -12.12
CA ASP F 227 28.34 44.81 -11.49
C ASP F 227 29.20 44.24 -10.37
N ALA F 228 28.64 43.32 -9.58
CA ALA F 228 29.35 42.74 -8.46
C ALA F 228 30.49 41.85 -8.97
N MET F 229 30.22 41.06 -10.02
CA MET F 229 31.22 40.15 -10.54
C MET F 229 32.37 40.92 -11.19
N ARG F 230 32.07 42.03 -11.88
CA ARG F 230 33.13 42.84 -12.47
C ARG F 230 34.04 43.44 -11.41
N GLN F 231 33.46 43.77 -10.25
CA GLN F 231 34.24 44.24 -9.12
C GLN F 231 35.17 43.14 -8.60
N LEU F 232 34.64 41.93 -8.39
CA LEU F 232 35.45 40.80 -8.00
C LEU F 232 36.58 40.47 -8.98
N LEU F 233 36.30 40.70 -10.27
CA LEU F 233 37.26 40.40 -11.33
C LEU F 233 38.37 41.43 -11.41
N SER F 234 38.26 42.52 -10.65
CA SER F 234 39.34 43.49 -10.54
C SER F 234 40.22 43.29 -9.30
N HIS F 235 39.97 42.22 -8.53
CA HIS F 235 40.86 41.83 -7.46
C HIS F 235 42.08 41.12 -8.01
N PRO F 236 43.32 41.60 -7.74
CA PRO F 236 44.52 40.93 -8.22
C PRO F 236 44.59 39.45 -7.87
N LEU F 237 44.21 39.12 -6.63
CA LEU F 237 44.05 37.74 -6.22
C LEU F 237 42.62 37.33 -6.52
N ARG F 238 42.48 36.59 -7.63
CA ARG F 238 41.20 36.33 -8.25
C ARG F 238 40.52 35.15 -7.58
N PRO F 239 39.21 35.22 -7.26
CA PRO F 239 38.49 34.08 -6.72
C PRO F 239 38.50 32.85 -7.63
N GLN F 240 38.49 31.68 -6.99
CA GLN F 240 38.31 30.41 -7.67
C GLN F 240 36.84 30.07 -7.82
N ALA F 241 36.01 30.67 -6.97
CA ALA F 241 34.60 30.28 -6.88
C ALA F 241 33.80 31.43 -6.27
N VAL F 242 32.53 31.51 -6.64
CA VAL F 242 31.67 32.56 -6.14
C VAL F 242 30.29 32.01 -5.79
N PHE F 243 29.85 32.30 -4.56
CA PHE F 243 28.49 32.09 -4.14
C PHE F 243 27.75 33.39 -4.45
N THR F 244 26.70 33.28 -5.27
CA THR F 244 26.07 34.42 -5.93
C THR F 244 24.84 35.08 -5.31
N GLY F 245 24.25 34.49 -4.27
CA GLY F 245 23.23 35.20 -3.51
C GLY F 245 21.82 34.89 -4.02
N ASN F 246 21.61 35.03 -5.33
CA ASN F 246 20.47 34.41 -6.00
C ASN F 246 20.77 34.11 -7.46
N ASP F 247 19.89 33.33 -8.09
CA ASP F 247 20.07 32.92 -9.47
C ASP F 247 20.03 34.10 -10.45
N ALA F 248 19.21 35.10 -10.15
CA ALA F 248 19.17 36.28 -11.00
C ALA F 248 20.56 36.91 -11.11
N MET F 249 21.25 37.06 -9.99
CA MET F 249 22.57 37.66 -10.00
C MET F 249 23.58 36.74 -10.68
N ALA F 250 23.39 35.42 -10.57
CA ALA F 250 24.20 34.45 -11.30
C ALA F 250 24.15 34.66 -12.82
N VAL F 251 22.98 35.09 -13.33
CA VAL F 251 22.86 35.42 -14.74
C VAL F 251 23.81 36.56 -15.11
N GLY F 252 23.84 37.60 -14.27
CA GLY F 252 24.79 38.70 -14.41
C GLY F 252 26.24 38.23 -14.28
N VAL F 253 26.50 37.36 -13.30
CA VAL F 253 27.82 36.77 -13.13
C VAL F 253 28.30 36.08 -14.40
N TYR F 254 27.48 35.19 -14.96
CA TYR F 254 27.78 34.53 -16.22
C TYR F 254 28.14 35.53 -17.33
N GLN F 255 27.38 36.61 -17.44
CA GLN F 255 27.65 37.57 -18.50
C GLN F 255 29.04 38.19 -18.29
N ALA F 256 29.34 38.53 -17.03
CA ALA F 256 30.62 39.14 -16.70
C ALA F 256 31.77 38.19 -17.04
N LEU F 257 31.63 36.93 -16.65
CA LEU F 257 32.63 35.90 -16.90
C LEU F 257 32.82 35.66 -18.40
N TYR F 258 31.71 35.71 -19.14
CA TYR F 258 31.76 35.57 -20.59
C TYR F 258 32.62 36.68 -21.19
N GLN F 259 32.36 37.92 -20.77
CA GLN F 259 33.14 39.06 -21.27
C GLN F 259 34.60 39.01 -20.83
N ALA F 260 34.84 38.43 -19.65
CA ALA F 260 36.19 38.26 -19.13
C ALA F 260 36.90 37.06 -19.75
N GLU F 261 36.21 36.38 -20.68
CA GLU F 261 36.72 35.17 -21.32
C GLU F 261 37.14 34.11 -20.31
N LEU F 262 36.26 33.86 -19.34
CA LEU F 262 36.46 32.84 -18.32
C LEU F 262 35.39 31.77 -18.46
N GLN F 263 35.83 30.51 -18.30
CA GLN F 263 34.91 29.39 -18.39
C GLN F 263 34.39 29.02 -17.01
N VAL F 264 33.16 28.49 -17.01
CA VAL F 264 32.52 27.95 -15.83
C VAL F 264 32.33 26.46 -16.11
N PRO F 265 32.79 25.54 -15.23
CA PRO F 265 33.50 25.87 -14.00
C PRO F 265 35.03 25.90 -14.06
N GLN F 266 35.59 25.64 -15.25
CA GLN F 266 37.03 25.39 -15.37
C GLN F 266 37.88 26.52 -14.80
N ASP F 267 37.47 27.77 -15.05
CA ASP F 267 38.19 28.90 -14.50
C ASP F 267 37.58 29.36 -13.17
N ILE F 268 36.25 29.47 -13.11
CA ILE F 268 35.57 29.89 -11.90
C ILE F 268 34.30 29.07 -11.70
N ALA F 269 34.13 28.54 -10.48
CA ALA F 269 32.92 27.83 -10.09
C ALA F 269 31.88 28.81 -9.57
N VAL F 270 30.61 28.52 -9.86
CA VAL F 270 29.52 29.42 -9.51
C VAL F 270 28.41 28.58 -8.89
N ILE F 271 27.86 29.06 -7.77
CA ILE F 271 26.68 28.46 -7.17
C ILE F 271 25.72 29.58 -6.86
N GLY F 272 24.45 29.37 -7.23
CA GLY F 272 23.41 30.37 -7.05
C GLY F 272 22.50 30.12 -5.84
N TYR F 273 21.31 30.72 -5.88
CA TYR F 273 20.29 30.50 -4.87
C TYR F 273 18.91 30.74 -5.47
N ASP F 274 18.02 29.74 -5.34
CA ASP F 274 16.60 29.80 -5.64
C ASP F 274 16.17 28.55 -6.42
N ASP F 275 16.99 28.17 -7.40
CA ASP F 275 16.62 27.20 -8.42
C ASP F 275 15.39 27.66 -9.22
N ILE F 276 15.49 28.83 -9.84
CA ILE F 276 14.51 29.23 -10.83
C ILE F 276 14.62 28.32 -12.05
N GLU F 277 13.54 28.24 -12.84
CA GLU F 277 13.53 27.36 -14.00
C GLU F 277 14.73 27.64 -14.88
N LEU F 278 15.06 28.94 -15.04
CA LEU F 278 16.16 29.35 -15.88
C LEU F 278 17.51 28.72 -15.51
N ALA F 279 17.72 28.44 -14.23
CA ALA F 279 18.95 27.84 -13.74
C ALA F 279 19.36 26.59 -14.52
N SER F 280 18.39 25.74 -14.85
CA SER F 280 18.70 24.48 -15.50
C SER F 280 18.96 24.64 -17.00
N PHE F 281 18.63 25.81 -17.55
CA PHE F 281 18.88 26.13 -18.95
C PHE F 281 20.16 26.91 -19.18
N MET F 282 20.84 27.31 -18.08
CA MET F 282 22.05 28.10 -18.22
C MET F 282 23.15 27.18 -18.73
N THR F 283 24.23 27.80 -19.23
CA THR F 283 25.31 27.07 -19.89
C THR F 283 26.63 27.39 -19.23
N PRO F 284 27.15 26.57 -18.29
CA PRO F 284 26.54 25.31 -17.90
C PRO F 284 25.33 25.48 -16.98
N PRO F 285 24.46 24.45 -16.84
CA PRO F 285 23.40 24.47 -15.86
C PRO F 285 23.90 24.81 -14.45
N LEU F 286 23.13 25.64 -13.75
CA LEU F 286 23.60 26.30 -12.56
C LEU F 286 23.38 25.44 -11.31
N THR F 287 24.48 25.06 -10.66
CA THR F 287 24.44 24.54 -9.29
C THR F 287 23.86 25.64 -8.41
N THR F 288 22.86 25.30 -7.60
CA THR F 288 22.12 26.31 -6.86
C THR F 288 21.43 25.68 -5.67
N ILE F 289 20.90 26.54 -4.79
CA ILE F 289 20.09 26.11 -3.66
C ILE F 289 18.61 26.24 -4.01
N HIS F 290 17.90 25.12 -3.99
CA HIS F 290 16.50 25.07 -4.35
C HIS F 290 15.60 25.49 -3.19
N GLN F 291 14.91 26.62 -3.35
CA GLN F 291 13.78 26.96 -2.50
C GLN F 291 12.54 26.19 -2.96
N PRO F 292 11.80 25.55 -2.04
CA PRO F 292 10.58 24.83 -2.40
C PRO F 292 9.38 25.77 -2.58
N LYS F 293 9.27 26.39 -3.76
CA LYS F 293 8.38 27.52 -3.96
C LYS F 293 6.91 27.10 -3.88
N ASP F 294 6.60 25.93 -4.45
CA ASP F 294 5.26 25.39 -4.35
C ASP F 294 4.84 25.14 -2.90
N GLU F 295 5.74 24.56 -2.10
CA GLU F 295 5.47 24.27 -0.70
C GLU F 295 5.30 25.57 0.08
N LEU F 296 6.15 26.57 -0.22
CA LEU F 296 6.05 27.89 0.40
C LEU F 296 4.69 28.53 0.11
N GLY F 297 4.22 28.40 -1.14
CA GLY F 297 2.92 28.93 -1.53
C GLY F 297 1.77 28.22 -0.82
N GLU F 298 1.84 26.88 -0.80
CA GLU F 298 0.85 26.05 -0.13
C GLU F 298 0.79 26.38 1.36
N LEU F 299 1.97 26.47 1.99
CA LEU F 299 2.06 26.76 3.41
C LEU F 299 1.50 28.14 3.74
N ALA F 300 1.89 29.14 2.95
CA ALA F 300 1.41 30.50 3.12
C ALA F 300 -0.10 30.60 3.02
N ILE F 301 -0.70 29.95 2.01
CA ILE F 301 -2.15 29.94 1.86
C ILE F 301 -2.81 29.21 3.02
N ASP F 302 -2.26 28.05 3.39
CA ASP F 302 -2.78 27.27 4.49
C ASP F 302 -2.78 28.06 5.80
N VAL F 303 -1.69 28.75 6.08
CA VAL F 303 -1.60 29.59 7.28
C VAL F 303 -2.61 30.73 7.24
N LEU F 304 -2.69 31.42 6.10
CA LEU F 304 -3.61 32.53 5.94
C LEU F 304 -5.06 32.09 6.15
N ILE F 305 -5.43 30.97 5.54
CA ILE F 305 -6.77 30.41 5.72
C ILE F 305 -7.03 30.03 7.19
N HIS F 306 -6.02 29.43 7.83
CA HIS F 306 -6.10 29.09 9.24
C HIS F 306 -6.40 30.35 10.06
N ARG F 307 -5.66 31.43 9.79
CA ARG F 307 -5.84 32.67 10.53
C ARG F 307 -7.16 33.36 10.21
N ILE F 308 -7.64 33.21 8.96
CA ILE F 308 -8.93 33.75 8.57
C ILE F 308 -10.01 33.13 9.46
N THR F 309 -9.97 31.80 9.60
CA THR F 309 -11.00 31.07 10.32
C THR F 309 -10.80 31.13 11.84
N GLN F 310 -9.56 31.33 12.28
CA GLN F 310 -9.22 31.39 13.70
C GLN F 310 -8.31 32.59 13.98
N PRO F 311 -8.88 33.81 14.11
CA PRO F 311 -8.08 35.04 14.26
C PRO F 311 -7.09 35.01 15.44
N THR F 312 -7.47 34.32 16.52
CA THR F 312 -6.67 34.29 17.74
C THR F 312 -5.47 33.35 17.65
N LEU F 313 -5.30 32.65 16.52
CA LEU F 313 -4.19 31.72 16.35
C LEU F 313 -2.88 32.46 16.59
N GLN F 314 -1.92 31.79 17.24
CA GLN F 314 -0.66 32.40 17.60
C GLN F 314 0.23 32.56 16.38
N GLN F 315 1.09 33.59 16.41
CA GLN F 315 1.94 33.96 15.30
C GLN F 315 2.79 32.80 14.79
N GLN F 316 2.82 32.62 13.47
CA GLN F 316 3.60 31.59 12.81
C GLN F 316 4.81 32.20 12.11
N ARG F 317 6.01 31.76 12.51
CA ARG F 317 7.20 31.93 11.70
C ARG F 317 7.70 30.56 11.28
N LEU F 318 7.50 30.23 10.00
CA LEU F 318 7.92 28.94 9.46
C LEU F 318 9.02 29.07 8.42
N GLN F 319 10.03 28.18 8.52
CA GLN F 319 11.15 28.15 7.62
C GLN F 319 11.30 26.76 6.99
N LEU F 320 11.21 26.70 5.66
CA LEU F 320 11.37 25.43 4.96
C LEU F 320 12.85 25.26 4.60
N THR F 321 13.33 24.03 4.71
CA THR F 321 14.71 23.70 4.42
C THR F 321 14.92 23.69 2.92
N PRO F 322 15.93 24.43 2.39
CA PRO F 322 16.31 24.34 0.98
C PRO F 322 17.22 23.14 0.69
N ILE F 323 17.37 22.83 -0.59
CA ILE F 323 18.10 21.66 -1.06
C ILE F 323 19.12 22.05 -2.13
N LEU F 324 20.35 21.54 -2.00
CA LEU F 324 21.40 21.78 -2.99
C LEU F 324 21.05 21.02 -4.26
N MET F 325 21.10 21.71 -5.41
CA MET F 325 20.95 21.10 -6.72
C MET F 325 22.33 21.11 -7.39
N GLU F 326 22.95 19.94 -7.50
CA GLU F 326 24.26 19.83 -8.12
C GLU F 326 24.08 19.76 -9.63
N ARG F 327 24.72 20.71 -10.33
CA ARG F 327 24.69 20.72 -11.79
C ARG F 327 26.12 20.97 -12.25
N GLY F 328 26.30 21.76 -13.31
CA GLY F 328 27.60 21.82 -13.98
C GLY F 328 28.46 23.03 -13.67
N SER F 329 27.93 24.01 -12.94
CA SER F 329 28.64 25.25 -12.70
C SER F 329 29.62 25.16 -11.52
N ALA F 330 29.47 24.11 -10.71
CA ALA F 330 30.24 23.94 -9.49
C ALA F 330 30.04 22.56 -8.96
#